data_9DEQ
#
_entry.id   9DEQ
#
_cell.length_a   1.00
_cell.length_b   1.00
_cell.length_c   1.00
_cell.angle_alpha   90.00
_cell.angle_beta   90.00
_cell.angle_gamma   90.00
#
_symmetry.space_group_name_H-M   'P 1'
#
loop_
_entity.id
_entity.type
_entity.pdbx_description
1 polymer 'Integrin alpha-IIb'
2 polymer 'Integrin beta-3'
3 branched beta-D-mannopyranose-(1-4)-2-acetamido-2-deoxy-beta-D-glucopyranose-(1-4)-2-acetamido-2-deoxy-beta-D-glucopyranose
4 branched 2-acetamido-2-deoxy-beta-D-glucopyranose-(1-4)-2-acetamido-2-deoxy-beta-D-glucopyranose
5 branched beta-D-mannopyranose-(1-3)-[beta-D-mannopyranose-(1-6)]beta-D-mannopyranose-(1-4)-2-acetamido-2-deoxy-beta-D-glucopyranose-(1-4)-2-acetamido-2-deoxy-beta-D-glucopyranose
6 non-polymer 'CALCIUM ION'
7 non-polymer 2-acetamido-2-deoxy-beta-D-glucopyranose
8 non-polymer 'MAGNESIUM ION'
9 non-polymer N-(1,3-benzoxazole-2-carbonyl)-O-[4-(piperidin-4-yl)butyl]-L-tyrosine
10 non-polymer CHOLESTEROL
11 water water
#
loop_
_entity_poly.entity_id
_entity_poly.type
_entity_poly.pdbx_seq_one_letter_code
_entity_poly.pdbx_strand_id
1 'polypeptide(L)'
;LNLDPVQLTFYAGPNGSQFGFSLDFHKDSHGRVAIVVGAPRTLGPSQEETGGVFLCPWRAEGGQCPSLLFDLRDETRNVG
SQTLQTFKARQGLGASVVSWSDVIVACAPWQHWNVLEKTEEAEKTPVGSCFLAQPESGRRAEYSPCRGNTLSRIYVENDF
SWDKRYCEAGFSSVVTQAGELVLGAPGGYYFLGLLAQAPVADIFSSYRPGILLWHVSSQSLSFDSSNPEYFDGYWGYSVA
VGEFDGDLNTTEYVVGAPTWSWTLGAVEILDSYYQRLHRLRGEQMASYFGHSVAVTDVNGDGRHDLLVGAPLYMESRADR
KLAEVGRVYLFLQPRGPHALGAPSLLLTGTQLYGRFGSAIAPLGDLDRDGYNDIAVAAPYGGPSGRGQVLVFLGQSEGLR
SRPSQVLDSPFPTGSAFGFSLRGAVDIDDNGYPDLIVGAYGANQVAVYRAQPVVKASVQLLVQDSLNPAVKSCVLPQTKT
PVSCFNIQMCVGATGHNIPQKLSLNAELQLDRQKPRQGRRVLLLGSQQAGTTLNLDLGGKHSPICHTTMAFLRDEADFRD
KLSPIVLSLNVSLPPTEAGMAPAVVLHGDTHVQEQTRIVLDCGEDDVCVPQLQLTASVTGSPLLVGADNVLELQMDAANE
GEGAYEAELAVHLPQGAHYMRALSNVEGFERLICNQKKENETRVVLCELGNPMKKNAQIGIAMLVSVGNLEEAGESVSFQ
LQIRSKNSQNPNSKIVLLDVPVRAEAQVELRGNSFPASLVVAAEEGEREQNSLDSWGPKVEHTYELHNNGPGTVNGLHLS
IHLPGQSQPSDLLYILDIQPQGGLQCFPQPPVNPLKVDWGLPIPSPSPIHPAHHKRDRRQIFLPEPEQPSRLQDPVLVSC
DSAPCTVVQCDLQEMARGQRAMVTVLAFLWLPSLYQRPLDQFVLQSHAWFNVSSLPYAVPPLSLPRGEAQVWTQLLRALE
ERAIPIWWVLVGVLGGLLLLTILVLAMWKVGFFKRNRPPLEEDDEEGE
;
A
2 'polypeptide(L)'
;GPNICTTRGVSSCQQCLAVSPMCAWCSDEALPLGSPRCDLKENLLKDNCAPESIEFPVSEARVLEDRPLSDKGSGDSSQV
TQVSPQRIALRLRPDDSKNFSIQVRQVEDYPVDIYYLMDLSYSMKDDLWSIQNLGTKLATQMRKLTSNLRIGFGAFVDKP
VSPYMYISPPEALENPCYDMKTTCLPMFGYKHVLTLTDQVTRFNEEVKKQSVSRNRDAPEGGFDAIMQATVCDEKIGWRN
DASHLLVFTTDAKTHIALDGRLAGIVQPNDGQCHVGSDNHYSASTTMDYPSLGLMTEKLSQKNINLIFAVTENVVNLYQN
YSELIPGTTVGVLSMDSSNVLQLIVDAYGKIRSKVELEVRDLPEELSLSFNATCLNNEVIPGLKSCMGLKIGDTVSFSIE
AKVRGCPQEKEKSFTIKPVGFKDSLIVQVTFDCDCACQAQAEPNSHRCNNGNGTFECGVCRCGPGWLGSQCECSEEDYRP
SQQDECSPREGQPVCSQRGECLCGQCVCHSSDFGKITGKYCECDDFSCVRYKGEMCSGHGQCSCGDCLCDSDWTGYYCNC
TTRTDTCMSSNGLLCSGRGKCECGSCVCIQPGSYGDTCEKCPTCPDACTFKKECVECKKFDRGALHDENTCNRYCRDEIE
SVKELKDTGKDAVNCTYKNEDDCVVRFQYYEDSSGKSILYVVEEPECPKGPDILVVLLSVMGAILLIGLAALLIWKLLIT
IHDRKEFAKFEEERARAKWDTANNPLYKEATSTFTNITYRGT
;
B
#
# COMPACT_ATOMS: atom_id res chain seq x y z
N LEU A 1 -25.12 -5.32 -10.77
CA LEU A 1 -25.09 -5.23 -12.26
C LEU A 1 -26.46 -4.83 -12.79
N ASN A 2 -27.44 -5.71 -12.61
CA ASN A 2 -28.80 -5.49 -13.10
C ASN A 2 -29.70 -4.85 -12.06
N LEU A 3 -29.17 -4.50 -10.89
CA LEU A 3 -29.99 -3.88 -9.86
C LEU A 3 -30.58 -2.57 -10.37
N ASP A 4 -31.87 -2.36 -10.08
CA ASP A 4 -32.57 -1.16 -10.53
C ASP A 4 -32.50 -0.09 -9.44
N PRO A 5 -31.83 1.04 -9.68
CA PRO A 5 -31.79 2.09 -8.67
C PRO A 5 -33.01 3.00 -8.66
N VAL A 6 -34.02 2.73 -9.49
CA VAL A 6 -35.19 3.59 -9.58
C VAL A 6 -36.32 3.01 -8.74
N GLN A 7 -36.72 1.78 -9.05
CA GLN A 7 -37.81 1.10 -8.35
C GLN A 7 -37.27 0.51 -7.06
N LEU A 8 -37.29 1.31 -6.00
CA LEU A 8 -36.83 0.89 -4.68
C LEU A 8 -37.99 0.94 -3.69
N THR A 9 -37.93 0.07 -2.69
CA THR A 9 -38.95 0.02 -1.64
C THR A 9 -38.39 0.64 -0.37
N PHE A 10 -39.14 1.57 0.22
CA PHE A 10 -38.70 2.30 1.40
C PHE A 10 -39.53 1.88 2.60
N TYR A 11 -38.85 1.53 3.69
CA TYR A 11 -39.49 1.21 4.96
C TYR A 11 -39.00 2.19 6.01
N ALA A 12 -39.92 2.74 6.79
CA ALA A 12 -39.60 3.75 7.79
C ALA A 12 -40.22 3.38 9.12
N GLY A 13 -39.59 3.84 10.20
CA GLY A 13 -40.06 3.58 11.54
C GLY A 13 -40.03 4.82 12.40
N PRO A 14 -40.10 4.64 13.72
CA PRO A 14 -40.07 5.80 14.63
C PRO A 14 -38.78 6.59 14.46
N ASN A 15 -38.90 7.91 14.57
CA ASN A 15 -37.75 8.79 14.42
C ASN A 15 -36.83 8.69 15.63
N GLY A 16 -35.53 8.80 15.38
CA GLY A 16 -34.55 8.78 16.45
C GLY A 16 -34.31 7.41 17.06
N SER A 17 -34.83 6.35 16.46
CA SER A 17 -34.66 5.00 16.99
C SER A 17 -33.52 4.24 16.33
N GLN A 18 -32.77 4.88 15.44
CA GLN A 18 -31.69 4.21 14.71
C GLN A 18 -32.21 2.98 13.99
N PHE A 19 -33.40 3.10 13.40
CA PHE A 19 -34.00 1.98 12.68
C PHE A 19 -33.13 1.59 11.49
N GLY A 20 -33.04 0.29 11.24
CA GLY A 20 -32.21 -0.23 10.18
C GLY A 20 -30.78 -0.52 10.56
N PHE A 21 -30.46 -0.49 11.86
CA PHE A 21 -29.09 -0.78 12.28
C PHE A 21 -28.70 -2.21 11.88
N SER A 22 -29.60 -3.17 12.07
CA SER A 22 -29.39 -4.55 11.67
C SER A 22 -30.64 -5.04 10.97
N LEU A 23 -30.46 -5.85 9.92
CA LEU A 23 -31.57 -6.34 9.14
C LEU A 23 -31.25 -7.74 8.64
N ASP A 24 -32.31 -8.52 8.41
CA ASP A 24 -32.16 -9.90 7.96
C ASP A 24 -33.46 -10.35 7.31
N PHE A 25 -33.40 -11.46 6.60
CA PHE A 25 -34.56 -12.05 5.97
C PHE A 25 -35.12 -13.17 6.84
N HIS A 26 -36.45 -13.33 6.81
CA HIS A 26 -37.13 -14.36 7.57
C HIS A 26 -38.11 -15.09 6.66
N LYS A 27 -38.11 -16.42 6.75
CA LYS A 27 -38.97 -17.27 5.93
C LYS A 27 -39.89 -18.07 6.85
N ASP A 28 -41.18 -18.07 6.52
CA ASP A 28 -42.17 -18.80 7.30
C ASP A 28 -42.31 -20.23 6.77
N SER A 29 -43.25 -20.98 7.35
CA SER A 29 -43.47 -22.35 6.91
C SER A 29 -44.02 -22.41 5.50
N HIS A 30 -44.82 -21.42 5.10
CA HIS A 30 -45.43 -21.38 3.78
C HIS A 30 -44.52 -20.74 2.73
N GLY A 31 -43.32 -20.32 3.11
CA GLY A 31 -42.41 -19.67 2.19
C GLY A 31 -42.51 -18.17 2.12
N ARG A 32 -43.48 -17.56 2.82
CA ARG A 32 -43.60 -16.11 2.82
C ARG A 32 -42.35 -15.49 3.42
N VAL A 33 -41.84 -14.45 2.77
CA VAL A 33 -40.58 -13.82 3.14
C VAL A 33 -40.87 -12.44 3.72
N ALA A 34 -40.29 -12.16 4.89
CA ALA A 34 -40.41 -10.88 5.54
C ALA A 34 -39.02 -10.37 5.92
N ILE A 35 -38.95 -9.11 6.35
CA ILE A 35 -37.70 -8.47 6.71
C ILE A 35 -37.73 -8.18 8.21
N VAL A 36 -36.77 -8.72 8.94
CA VAL A 36 -36.63 -8.47 10.37
C VAL A 36 -35.58 -7.38 10.55
N VAL A 37 -35.97 -6.29 11.21
CA VAL A 37 -35.09 -5.15 11.42
C VAL A 37 -35.01 -4.87 12.92
N GLY A 38 -33.87 -4.37 13.35
CA GLY A 38 -33.64 -4.06 14.75
C GLY A 38 -33.29 -2.62 15.00
N ALA A 39 -34.08 -1.93 15.83
CA ALA A 39 -33.81 -0.54 16.17
C ALA A 39 -33.24 -0.48 17.58
N PRO A 40 -31.97 -0.11 17.77
CA PRO A 40 -31.38 -0.14 19.10
C PRO A 40 -31.71 1.08 19.97
N ARG A 41 -32.62 1.96 19.55
CA ARG A 41 -32.97 3.12 20.35
C ARG A 41 -34.48 3.38 20.33
N THR A 42 -35.28 2.33 20.21
CA THR A 42 -36.73 2.50 20.26
C THR A 42 -37.15 2.89 21.67
N LEU A 43 -38.09 3.83 21.75
CA LEU A 43 -38.57 4.30 23.04
C LEU A 43 -39.49 3.25 23.67
N GLY A 44 -39.21 2.91 24.93
CA GLY A 44 -40.00 1.94 25.64
C GLY A 44 -41.21 2.55 26.30
N PRO A 45 -42.02 1.71 26.96
CA PRO A 45 -43.21 2.24 27.63
C PRO A 45 -42.89 3.25 28.73
N SER A 46 -41.74 3.12 29.38
CA SER A 46 -41.35 4.01 30.46
C SER A 46 -40.58 5.23 29.96
N GLN A 47 -40.76 5.60 28.69
CA GLN A 47 -40.08 6.76 28.11
C GLN A 47 -38.56 6.61 28.23
N GLU A 48 -38.06 5.39 28.01
CA GLU A 48 -36.64 5.11 28.05
C GLU A 48 -36.25 4.29 26.83
N GLU A 49 -35.00 4.46 26.40
CA GLU A 49 -34.49 3.75 25.22
C GLU A 49 -34.15 2.32 25.60
N THR A 50 -34.79 1.36 24.94
CA THR A 50 -34.54 -0.06 25.18
C THR A 50 -34.40 -0.88 23.91
N GLY A 51 -34.78 -0.34 22.75
CA GLY A 51 -34.67 -1.06 21.50
C GLY A 51 -35.93 -1.86 21.17
N GLY A 52 -35.96 -2.35 19.94
CA GLY A 52 -37.11 -3.12 19.48
C GLY A 52 -36.80 -3.81 18.16
N VAL A 53 -37.74 -4.67 17.77
CA VAL A 53 -37.63 -5.45 16.54
C VAL A 53 -38.91 -5.26 15.73
N PHE A 54 -38.75 -5.11 14.42
CA PHE A 54 -39.87 -4.90 13.51
C PHE A 54 -39.85 -5.98 12.43
N LEU A 55 -41.03 -6.46 12.06
CA LEU A 55 -41.21 -7.51 11.07
C LEU A 55 -42.00 -6.93 9.90
N CYS A 56 -41.28 -6.38 8.94
CA CYS A 56 -41.91 -5.78 7.77
C CYS A 56 -42.33 -6.86 6.78
N PRO A 57 -43.60 -6.96 6.41
CA PRO A 57 -43.99 -7.90 5.36
C PRO A 57 -43.61 -7.37 3.98
N TRP A 58 -43.70 -8.25 3.00
CA TRP A 58 -43.34 -7.92 1.62
C TRP A 58 -44.43 -7.05 1.01
N ARG A 59 -44.26 -5.73 1.07
CA ARG A 59 -45.17 -4.77 0.48
C ARG A 59 -44.47 -4.03 -0.66
N ALA A 60 -45.17 -3.88 -1.78
CA ALA A 60 -44.58 -3.21 -2.93
C ALA A 60 -44.28 -1.75 -2.62
N GLU A 61 -45.01 -1.14 -1.69
CA GLU A 61 -44.82 0.26 -1.33
C GLU A 61 -44.18 0.44 0.04
N GLY A 62 -44.16 -0.59 0.88
CA GLY A 62 -43.56 -0.46 2.19
C GLY A 62 -44.38 0.44 3.11
N GLY A 63 -43.70 0.94 4.13
CA GLY A 63 -44.34 1.80 5.11
C GLY A 63 -44.12 1.31 6.54
N GLN A 64 -45.03 1.67 7.44
CA GLN A 64 -44.91 1.24 8.82
C GLN A 64 -45.06 -0.27 8.92
N CYS A 65 -44.41 -0.85 9.93
CA CYS A 65 -44.39 -2.28 10.14
C CYS A 65 -44.74 -2.60 11.59
N PRO A 66 -45.29 -3.78 11.85
CA PRO A 66 -45.57 -4.16 13.24
C PRO A 66 -44.30 -4.34 14.04
N SER A 67 -44.39 -4.09 15.34
CA SER A 67 -43.27 -4.20 16.26
C SER A 67 -43.47 -5.39 17.18
N LEU A 68 -42.48 -6.27 17.24
CA LEU A 68 -42.55 -7.42 18.12
C LEU A 68 -42.56 -6.98 19.58
N LEU A 69 -43.26 -7.74 20.41
CA LEU A 69 -43.41 -7.43 21.83
C LEU A 69 -42.44 -8.29 22.64
N PHE A 70 -41.59 -7.63 23.43
CA PHE A 70 -40.66 -8.32 24.31
C PHE A 70 -40.68 -7.64 25.67
N ASP A 71 -40.31 -8.40 26.70
CA ASP A 71 -40.28 -7.86 28.05
C ASP A 71 -39.27 -6.72 28.13
N LEU A 72 -39.69 -5.61 28.73
CA LEU A 72 -38.84 -4.43 28.89
C LEU A 72 -38.97 -3.88 30.31
N ARG A 73 -39.09 -4.77 31.29
CA ARG A 73 -39.24 -4.40 32.68
C ARG A 73 -38.14 -5.06 33.50
N ASP A 74 -37.54 -4.30 34.41
CA ASP A 74 -36.48 -4.83 35.27
C ASP A 74 -37.02 -5.98 36.11
N GLU A 75 -36.26 -7.06 36.18
CA GLU A 75 -36.63 -8.25 36.94
C GLU A 75 -35.68 -8.40 38.12
N THR A 76 -36.26 -8.49 39.32
CA THR A 76 -35.50 -8.64 40.55
C THR A 76 -35.91 -9.94 41.23
N ARG A 77 -34.91 -10.72 41.67
CA ARG A 77 -35.14 -11.99 42.33
C ARG A 77 -34.25 -12.09 43.56
N ASN A 78 -34.70 -12.87 44.54
CA ASN A 78 -33.96 -13.08 45.78
C ASN A 78 -33.84 -14.58 46.03
N VAL A 79 -32.61 -15.07 46.05
CA VAL A 79 -32.32 -16.48 46.34
C VAL A 79 -31.36 -16.53 47.51
N GLY A 80 -31.81 -17.10 48.62
CA GLY A 80 -30.98 -17.12 49.82
C GLY A 80 -30.62 -15.71 50.24
N SER A 81 -29.33 -15.47 50.44
CA SER A 81 -28.82 -14.16 50.80
C SER A 81 -28.42 -13.33 49.59
N GLN A 82 -28.63 -13.84 48.39
CA GLN A 82 -28.23 -13.15 47.16
C GLN A 82 -29.45 -12.53 46.48
N THR A 83 -29.22 -11.38 45.85
CA THR A 83 -30.25 -10.67 45.10
C THR A 83 -29.75 -10.42 43.69
N LEU A 84 -30.51 -10.86 42.70
CA LEU A 84 -30.18 -10.70 41.30
C LEU A 84 -31.08 -9.64 40.68
N GLN A 85 -30.48 -8.68 39.99
CA GLN A 85 -31.21 -7.57 39.38
C GLN A 85 -30.81 -7.44 37.92
N THR A 86 -31.81 -7.17 37.07
CA THR A 86 -31.61 -6.96 35.64
C THR A 86 -32.12 -5.59 35.27
N PHE A 87 -31.27 -4.81 34.59
CA PHE A 87 -31.62 -3.47 34.13
C PHE A 87 -31.49 -3.44 32.62
N LYS A 88 -32.62 -3.22 31.94
CA LYS A 88 -32.67 -3.20 30.48
C LYS A 88 -32.61 -1.79 29.91
N ALA A 89 -32.44 -0.77 30.75
CA ALA A 89 -32.37 0.60 30.25
C ALA A 89 -31.17 0.75 29.32
N ARG A 90 -31.41 1.35 28.15
CA ARG A 90 -30.36 1.58 27.16
C ARG A 90 -29.66 0.26 26.81
N GLN A 91 -30.44 -0.81 26.70
CA GLN A 91 -29.89 -2.12 26.38
C GLN A 91 -29.57 -2.29 24.91
N GLY A 92 -30.06 -1.39 24.04
CA GLY A 92 -29.79 -1.52 22.62
C GLY A 92 -30.35 -2.78 22.02
N LEU A 93 -31.58 -3.14 22.37
CA LEU A 93 -32.19 -4.35 21.82
C LEU A 93 -32.33 -4.22 20.31
N GLY A 94 -32.09 -5.33 19.62
CA GLY A 94 -32.12 -5.33 18.16
C GLY A 94 -30.83 -4.91 17.51
N ALA A 95 -29.75 -4.73 18.27
CA ALA A 95 -28.47 -4.35 17.68
C ALA A 95 -28.00 -5.41 16.69
N SER A 96 -28.11 -6.68 17.05
CA SER A 96 -27.80 -7.79 16.16
C SER A 96 -29.01 -8.72 16.13
N VAL A 97 -29.56 -8.93 14.93
CA VAL A 97 -30.75 -9.74 14.73
C VAL A 97 -30.44 -10.79 13.67
N VAL A 98 -30.79 -12.04 13.96
CA VAL A 98 -30.58 -13.15 13.04
C VAL A 98 -31.85 -13.98 12.98
N SER A 99 -32.01 -14.71 11.87
CA SER A 99 -33.18 -15.56 11.66
C SER A 99 -32.73 -16.93 11.20
N TRP A 100 -33.47 -17.95 11.63
CA TRP A 100 -33.17 -19.33 11.24
C TRP A 100 -34.48 -20.11 11.24
N SER A 101 -34.89 -20.57 10.06
CA SER A 101 -36.13 -21.33 9.92
C SER A 101 -37.32 -20.50 10.42
N ASP A 102 -37.72 -20.71 11.68
CA ASP A 102 -38.85 -20.00 12.27
C ASP A 102 -38.49 -19.41 13.63
N VAL A 103 -37.21 -19.05 13.80
CA VAL A 103 -36.72 -18.49 15.06
C VAL A 103 -36.00 -17.19 14.76
N ILE A 104 -36.32 -16.14 15.51
CA ILE A 104 -35.70 -14.84 15.36
C ILE A 104 -34.98 -14.53 16.67
N VAL A 105 -33.67 -14.28 16.60
CA VAL A 105 -32.85 -14.02 17.78
C VAL A 105 -32.34 -12.59 17.68
N ALA A 106 -32.70 -11.76 18.64
CA ALA A 106 -32.25 -10.37 18.71
C ALA A 106 -31.50 -10.18 20.02
N CYS A 107 -30.28 -9.65 19.93
CA CYS A 107 -29.40 -9.56 21.09
C CYS A 107 -29.26 -8.12 21.56
N ALA A 108 -29.20 -7.95 22.89
CA ALA A 108 -28.96 -6.66 23.54
C ALA A 108 -27.71 -6.82 24.38
N PRO A 109 -26.53 -6.52 23.83
CA PRO A 109 -25.29 -6.65 24.61
C PRO A 109 -25.23 -5.73 25.82
N TRP A 110 -25.98 -4.63 25.83
CA TRP A 110 -25.84 -3.61 26.86
C TRP A 110 -26.73 -3.85 28.07
N GLN A 111 -27.49 -4.94 28.10
CA GLN A 111 -28.29 -5.25 29.29
C GLN A 111 -27.38 -5.43 30.50
N HIS A 112 -27.80 -4.86 31.63
CA HIS A 112 -26.99 -4.83 32.83
C HIS A 112 -27.47 -5.87 33.83
N TRP A 113 -26.53 -6.63 34.40
CA TRP A 113 -26.81 -7.65 35.41
C TRP A 113 -26.06 -7.30 36.67
N ASN A 114 -26.75 -7.36 37.81
CA ASN A 114 -26.18 -6.99 39.10
C ASN A 114 -26.48 -8.06 40.14
N VAL A 115 -25.52 -8.30 41.02
CA VAL A 115 -25.66 -9.24 42.12
C VAL A 115 -25.32 -8.53 43.42
N LEU A 116 -26.19 -8.65 44.42
CA LEU A 116 -26.01 -8.02 45.71
C LEU A 116 -26.04 -9.08 46.81
N GLU A 117 -25.19 -8.89 47.82
CA GLU A 117 -25.14 -9.81 48.96
C GLU A 117 -24.70 -9.00 50.18
N LYS A 118 -25.66 -8.62 51.01
CA LYS A 118 -25.37 -7.83 52.20
C LYS A 118 -24.65 -6.54 51.83
N THR A 119 -23.33 -6.52 51.90
CA THR A 119 -22.53 -5.36 51.56
C THR A 119 -21.75 -5.53 50.27
N GLU A 120 -21.03 -6.64 50.12
CA GLU A 120 -20.28 -6.89 48.91
C GLU A 120 -21.22 -7.13 47.73
N GLU A 121 -20.75 -6.77 46.53
CA GLU A 121 -21.55 -6.92 45.32
C GLU A 121 -20.63 -7.27 44.16
N ALA A 122 -21.22 -7.80 43.10
CA ALA A 122 -20.51 -8.19 41.90
C ALA A 122 -20.40 -7.05 40.90
N GLU A 123 -20.85 -5.85 41.25
CA GLU A 123 -20.78 -4.69 40.38
C GLU A 123 -21.73 -4.83 39.19
N LYS A 124 -22.28 -3.71 38.73
CA LYS A 124 -23.23 -3.70 37.63
C LYS A 124 -22.46 -3.52 36.32
N THR A 125 -22.54 -4.50 35.44
CA THR A 125 -21.83 -4.48 34.17
C THR A 125 -22.78 -4.88 33.04
N PRO A 126 -22.51 -4.40 31.82
CA PRO A 126 -23.38 -4.75 30.67
C PRO A 126 -23.08 -6.13 30.09
N VAL A 127 -23.54 -7.16 30.80
CA VAL A 127 -23.32 -8.53 30.33
C VAL A 127 -24.05 -8.77 29.03
N GLY A 128 -25.28 -8.28 28.91
CA GLY A 128 -26.07 -8.46 27.72
C GLY A 128 -26.84 -9.77 27.73
N SER A 129 -27.72 -9.91 26.75
CA SER A 129 -28.54 -11.12 26.61
C SER A 129 -29.03 -11.21 25.17
N CYS A 130 -29.82 -12.25 24.90
CA CYS A 130 -30.40 -12.44 23.58
C CYS A 130 -31.80 -13.03 23.73
N PHE A 131 -32.78 -12.39 23.11
CA PHE A 131 -34.16 -12.85 23.13
C PHE A 131 -34.45 -13.63 21.86
N LEU A 132 -34.99 -14.84 22.03
CA LEU A 132 -35.38 -15.71 20.92
C LEU A 132 -36.89 -15.78 20.86
N ALA A 133 -37.44 -15.61 19.66
CA ALA A 133 -38.88 -15.58 19.45
C ALA A 133 -39.26 -16.54 18.32
N GLN A 134 -40.38 -17.23 18.52
CA GLN A 134 -40.95 -18.14 17.53
C GLN A 134 -42.40 -17.73 17.33
N PRO A 135 -42.67 -16.78 16.44
CA PRO A 135 -44.06 -16.33 16.23
C PRO A 135 -45.00 -17.44 15.79
N GLU A 136 -44.51 -18.42 15.02
CA GLU A 136 -45.38 -19.50 14.56
C GLU A 136 -46.02 -20.24 15.73
N SER A 137 -45.21 -20.57 16.73
CA SER A 137 -45.71 -21.15 17.97
C SER A 137 -45.93 -20.12 19.06
N GLY A 138 -45.58 -18.86 18.80
CA GLY A 138 -45.76 -17.82 19.80
C GLY A 138 -44.96 -18.06 21.07
N ARG A 139 -43.71 -18.47 20.92
CA ARG A 139 -42.86 -18.79 22.06
C ARG A 139 -41.76 -17.74 22.23
N ARG A 140 -41.35 -17.51 23.47
CA ARG A 140 -40.30 -16.57 23.79
C ARG A 140 -39.31 -17.22 24.76
N ALA A 141 -38.05 -16.83 24.63
CA ALA A 141 -37.00 -17.37 25.49
C ALA A 141 -35.87 -16.36 25.58
N GLU A 142 -35.02 -16.53 26.59
CA GLU A 142 -33.88 -15.66 26.82
C GLU A 142 -32.63 -16.50 26.99
N TYR A 143 -31.50 -15.94 26.55
CA TYR A 143 -30.21 -16.61 26.64
C TYR A 143 -29.16 -15.62 27.12
N SER A 144 -28.35 -16.04 28.09
CA SER A 144 -27.30 -15.19 28.64
C SER A 144 -26.21 -16.07 29.26
N PRO A 145 -25.14 -16.39 28.53
CA PRO A 145 -24.15 -17.34 29.04
C PRO A 145 -23.19 -16.78 30.07
N CYS A 146 -23.26 -15.49 30.39
CA CYS A 146 -22.35 -14.84 31.33
C CYS A 146 -23.09 -14.34 32.56
N ARG A 147 -24.00 -15.15 33.09
CA ARG A 147 -24.71 -14.85 34.33
C ARG A 147 -24.14 -15.71 35.44
N GLY A 148 -23.79 -15.07 36.56
CA GLY A 148 -23.21 -15.77 37.69
C GLY A 148 -23.49 -15.04 38.98
N ASN A 149 -23.14 -15.71 40.08
CA ASN A 149 -23.34 -15.18 41.43
C ASN A 149 -22.01 -15.10 42.18
N THR A 150 -20.98 -14.60 41.50
CA THR A 150 -19.65 -14.46 42.08
C THR A 150 -19.40 -13.00 42.42
N LEU A 151 -18.94 -12.74 43.64
CA LEU A 151 -18.69 -11.38 44.08
C LEU A 151 -17.42 -10.83 43.45
N SER A 152 -17.32 -9.50 43.45
CA SER A 152 -16.14 -8.84 42.89
C SER A 152 -14.88 -9.21 43.65
N ARG A 153 -14.98 -9.31 44.98
CA ARG A 153 -13.80 -9.66 45.78
C ARG A 153 -13.22 -11.00 45.37
N ILE A 154 -14.07 -11.95 44.97
CA ILE A 154 -13.57 -13.25 44.52
C ILE A 154 -12.70 -13.09 43.29
N TYR A 155 -13.15 -12.28 42.33
CA TYR A 155 -12.35 -12.02 41.14
C TYR A 155 -11.05 -11.29 41.50
N VAL A 156 -11.12 -10.33 42.42
CA VAL A 156 -9.93 -9.58 42.81
C VAL A 156 -8.89 -10.52 43.42
N GLU A 157 -9.33 -11.41 44.31
CA GLU A 157 -8.42 -12.36 44.91
C GLU A 157 -7.91 -13.39 43.92
N ASN A 158 -8.60 -13.57 42.79
CA ASN A 158 -8.20 -14.52 41.75
C ASN A 158 -7.52 -13.83 40.57
N ASP A 159 -7.08 -12.58 40.75
CA ASP A 159 -6.44 -11.82 39.67
C ASP A 159 -7.37 -11.69 38.46
N PHE A 160 -8.66 -11.48 38.74
CA PHE A 160 -9.67 -11.32 37.69
C PHE A 160 -9.69 -12.51 36.75
N SER A 161 -9.51 -13.71 37.30
CA SER A 161 -9.53 -14.92 36.50
C SER A 161 -10.97 -15.30 36.16
N TRP A 162 -11.18 -15.73 34.93
CA TRP A 162 -12.51 -16.09 34.44
C TRP A 162 -13.49 -14.93 34.64
N ASP A 163 -13.02 -13.71 34.38
CA ASP A 163 -13.83 -12.50 34.55
C ASP A 163 -14.78 -12.39 33.37
N LYS A 164 -15.98 -12.93 33.53
CA LYS A 164 -17.01 -12.90 32.49
C LYS A 164 -18.09 -11.87 32.78
N ARG A 165 -17.78 -10.83 33.56
CA ARG A 165 -18.77 -9.81 33.90
C ARG A 165 -18.92 -8.76 32.81
N TYR A 166 -18.02 -8.72 31.84
CA TYR A 166 -18.05 -7.72 30.77
C TYR A 166 -18.14 -8.38 29.40
N CYS A 167 -18.87 -9.50 29.33
CA CYS A 167 -18.95 -10.24 28.07
C CYS A 167 -19.55 -9.39 26.96
N GLU A 168 -20.64 -8.69 27.26
CA GLU A 168 -21.43 -8.00 26.23
C GLU A 168 -21.80 -8.98 25.11
N ALA A 169 -22.21 -10.18 25.52
CA ALA A 169 -22.51 -11.24 24.55
C ALA A 169 -23.67 -10.83 23.64
N GLY A 170 -23.60 -11.29 22.39
CA GLY A 170 -24.61 -10.99 21.41
C GLY A 170 -24.25 -9.87 20.45
N PHE A 171 -23.02 -9.37 20.49
CA PHE A 171 -22.62 -8.33 19.55
C PHE A 171 -22.68 -8.84 18.12
N SER A 172 -22.22 -10.07 17.88
CA SER A 172 -22.28 -10.72 16.57
C SER A 172 -22.81 -12.14 16.78
N SER A 173 -23.99 -12.40 16.23
CA SER A 173 -24.66 -13.69 16.38
C SER A 173 -24.75 -14.38 15.04
N VAL A 174 -24.43 -15.68 15.01
CA VAL A 174 -24.51 -16.48 13.80
C VAL A 174 -25.24 -17.77 14.12
N VAL A 175 -25.84 -18.36 13.09
CA VAL A 175 -26.58 -19.62 13.21
C VAL A 175 -26.11 -20.56 12.12
N THR A 176 -25.71 -21.77 12.52
CA THR A 176 -25.30 -22.79 11.56
C THR A 176 -26.52 -23.49 10.98
N GLN A 177 -26.28 -24.31 9.95
CA GLN A 177 -27.36 -25.08 9.34
C GLN A 177 -27.99 -26.07 10.31
N ALA A 178 -27.27 -26.44 11.37
CA ALA A 178 -27.78 -27.35 12.38
C ALA A 178 -28.60 -26.65 13.46
N GLY A 179 -28.68 -25.32 13.44
CA GLY A 179 -29.44 -24.59 14.42
C GLY A 179 -28.68 -24.25 15.69
N GLU A 180 -27.35 -24.27 15.65
CA GLU A 180 -26.53 -23.97 16.82
C GLU A 180 -26.19 -22.50 16.82
N LEU A 181 -26.80 -21.73 17.73
CA LEU A 181 -26.54 -20.30 17.80
C LEU A 181 -25.18 -20.06 18.46
N VAL A 182 -24.36 -19.23 17.81
CA VAL A 182 -23.04 -18.85 18.33
C VAL A 182 -23.03 -17.34 18.49
N LEU A 183 -22.70 -16.89 19.69
CA LEU A 183 -22.67 -15.48 20.04
C LEU A 183 -21.24 -15.08 20.39
N GLY A 184 -20.85 -13.88 19.99
CA GLY A 184 -19.53 -13.35 20.28
C GLY A 184 -19.57 -12.34 21.41
N ALA A 185 -18.58 -12.43 22.29
CA ALA A 185 -18.45 -11.54 23.45
C ALA A 185 -17.04 -10.97 23.44
N PRO A 186 -16.80 -9.91 22.67
CA PRO A 186 -15.44 -9.35 22.61
C PRO A 186 -14.91 -8.90 23.96
N GLY A 187 -15.78 -8.41 24.84
CA GLY A 187 -15.38 -7.95 26.16
C GLY A 187 -15.22 -9.03 27.19
N GLY A 188 -15.45 -10.29 26.83
CA GLY A 188 -15.35 -11.37 27.79
C GLY A 188 -13.91 -11.58 28.26
N TYR A 189 -13.80 -12.19 29.43
CA TYR A 189 -12.49 -12.46 30.05
C TYR A 189 -11.69 -11.17 30.20
N TYR A 190 -12.36 -10.10 30.64
CA TYR A 190 -11.72 -8.81 30.86
C TYR A 190 -11.09 -8.28 29.57
N PHE A 191 -11.95 -8.03 28.58
CA PHE A 191 -11.54 -7.44 27.31
C PHE A 191 -10.53 -8.32 26.58
N LEU A 192 -10.92 -9.58 26.35
CA LEU A 192 -10.10 -10.51 25.59
C LEU A 192 -10.91 -11.12 24.45
N GLY A 193 -12.19 -11.37 24.69
CA GLY A 193 -13.06 -11.93 23.67
C GLY A 193 -13.32 -13.41 23.86
N LEU A 194 -14.53 -13.86 23.52
CA LEU A 194 -14.87 -15.27 23.64
C LEU A 194 -16.10 -15.55 22.78
N LEU A 195 -16.45 -16.84 22.70
CA LEU A 195 -17.62 -17.30 21.97
C LEU A 195 -18.47 -18.18 22.88
N ALA A 196 -19.78 -18.17 22.62
CA ALA A 196 -20.73 -19.00 23.33
C ALA A 196 -21.62 -19.71 22.31
N GLN A 197 -21.52 -21.03 22.26
CA GLN A 197 -22.26 -21.84 21.30
C GLN A 197 -23.30 -22.67 22.06
N ALA A 198 -24.52 -22.71 21.54
CA ALA A 198 -25.58 -23.46 22.18
C ALA A 198 -26.66 -23.80 21.17
N PRO A 199 -27.20 -25.01 21.17
CA PRO A 199 -28.33 -25.31 20.29
C PRO A 199 -29.55 -24.46 20.64
N VAL A 200 -30.30 -24.07 19.61
CA VAL A 200 -31.52 -23.30 19.84
C VAL A 200 -32.59 -24.18 20.48
N ALA A 201 -32.70 -25.43 20.03
CA ALA A 201 -33.69 -26.34 20.60
C ALA A 201 -33.43 -26.57 22.08
N ASP A 202 -32.16 -26.74 22.47
CA ASP A 202 -31.82 -26.91 23.87
C ASP A 202 -32.20 -25.67 24.67
N ILE A 203 -31.95 -24.48 24.12
CA ILE A 203 -32.30 -23.25 24.81
C ILE A 203 -33.80 -23.18 25.04
N PHE A 204 -34.58 -23.51 24.00
CA PHE A 204 -36.04 -23.49 24.15
C PHE A 204 -36.50 -24.51 25.18
N SER A 205 -35.92 -25.70 25.17
CA SER A 205 -36.32 -26.76 26.09
C SER A 205 -35.66 -26.64 27.46
N SER A 206 -34.72 -25.72 27.64
CA SER A 206 -34.02 -25.53 28.90
C SER A 206 -34.20 -24.10 29.41
N TYR A 207 -35.39 -23.53 29.20
CA TYR A 207 -35.72 -22.19 29.66
C TYR A 207 -36.99 -22.25 30.49
N ARG A 208 -36.95 -21.67 31.69
CA ARG A 208 -38.08 -21.63 32.59
C ARG A 208 -38.32 -20.19 33.03
N PRO A 209 -39.54 -19.67 32.87
CA PRO A 209 -39.79 -18.29 33.32
C PRO A 209 -39.49 -18.11 34.81
N GLY A 210 -38.91 -16.96 35.14
CA GLY A 210 -38.56 -16.65 36.51
C GLY A 210 -37.21 -17.15 36.95
N ILE A 211 -36.51 -17.92 36.13
CA ILE A 211 -35.18 -18.44 36.45
C ILE A 211 -34.18 -17.55 35.73
N LEU A 212 -33.73 -16.50 36.42
CA LEU A 212 -32.78 -15.58 35.82
C LEU A 212 -31.45 -16.27 35.52
N LEU A 213 -30.98 -17.12 36.44
CA LEU A 213 -29.69 -17.79 36.30
C LEU A 213 -29.92 -19.28 36.07
N TRP A 214 -29.31 -19.81 35.02
CA TRP A 214 -29.39 -21.23 34.71
C TRP A 214 -28.18 -21.61 33.87
N HIS A 215 -27.89 -22.91 33.84
CA HIS A 215 -26.79 -23.46 33.08
C HIS A 215 -27.30 -24.55 32.15
N VAL A 216 -26.91 -24.47 30.88
CA VAL A 216 -27.31 -25.45 29.88
C VAL A 216 -26.26 -26.55 29.82
N SER A 217 -26.72 -27.79 29.64
CA SER A 217 -25.80 -28.93 29.61
C SER A 217 -24.80 -28.81 28.46
N SER A 218 -25.28 -28.38 27.29
CA SER A 218 -24.43 -28.30 26.10
C SER A 218 -23.71 -26.97 25.98
N GLN A 219 -23.86 -26.07 26.95
CA GLN A 219 -23.18 -24.79 26.89
C GLN A 219 -21.66 -24.99 26.83
N SER A 220 -21.02 -24.28 25.91
CA SER A 220 -19.58 -24.37 25.73
C SER A 220 -19.01 -23.00 25.38
N LEU A 221 -17.91 -22.64 26.02
CA LEU A 221 -17.25 -21.36 25.80
C LEU A 221 -15.77 -21.60 25.50
N SER A 222 -15.17 -20.63 24.81
CA SER A 222 -13.77 -20.73 24.46
C SER A 222 -12.89 -20.61 25.71
N PHE A 223 -11.70 -21.21 25.62
CA PHE A 223 -10.77 -21.20 26.74
C PHE A 223 -10.00 -19.89 26.78
N ASP A 224 -9.85 -19.35 27.99
CA ASP A 224 -9.12 -18.11 28.17
C ASP A 224 -7.64 -18.31 27.85
N SER A 225 -7.02 -17.27 27.31
CA SER A 225 -5.61 -17.29 26.93
C SER A 225 -4.86 -16.19 27.69
N SER A 226 -3.69 -16.53 28.19
CA SER A 226 -2.85 -15.61 28.94
C SER A 226 -1.81 -14.90 28.07
N ASN A 227 -1.83 -15.15 26.76
CA ASN A 227 -0.86 -14.51 25.88
C ASN A 227 -1.07 -12.99 25.89
N PRO A 228 -0.04 -12.18 26.13
CA PRO A 228 -0.25 -10.72 26.14
C PRO A 228 -0.75 -10.16 24.83
N GLU A 229 -0.54 -10.87 23.71
CA GLU A 229 -1.00 -10.35 22.42
C GLU A 229 -2.52 -10.17 22.41
N TYR A 230 -3.25 -11.08 23.04
CA TYR A 230 -4.71 -11.01 23.05
C TYR A 230 -5.24 -9.92 23.98
N PHE A 231 -4.39 -9.29 24.79
CA PHE A 231 -4.87 -8.24 25.68
C PHE A 231 -5.53 -7.13 24.88
N ASP A 232 -6.73 -6.74 25.31
CA ASP A 232 -7.49 -5.69 24.64
C ASP A 232 -7.68 -6.01 23.16
N GLY A 233 -7.86 -7.30 22.86
CA GLY A 233 -8.02 -7.72 21.48
C GLY A 233 -9.44 -7.62 20.95
N TYR A 234 -10.43 -7.61 21.83
CA TYR A 234 -11.84 -7.56 21.42
C TYR A 234 -12.15 -8.65 20.41
N TRP A 235 -11.64 -9.85 20.66
CA TRP A 235 -11.83 -10.98 19.77
C TRP A 235 -13.31 -11.37 19.75
N GLY A 236 -13.96 -11.22 18.61
CA GLY A 236 -15.37 -11.55 18.48
C GLY A 236 -16.20 -10.42 17.92
N TYR A 237 -15.55 -9.44 17.30
CA TYR A 237 -16.30 -8.35 16.68
C TYR A 237 -17.19 -8.86 15.55
N SER A 238 -16.66 -9.76 14.72
CA SER A 238 -17.41 -10.36 13.63
C SER A 238 -17.18 -11.86 13.64
N VAL A 239 -18.26 -12.63 13.51
CA VAL A 239 -18.22 -14.09 13.54
C VAL A 239 -18.94 -14.63 12.32
N ALA A 240 -18.33 -15.63 11.68
CA ALA A 240 -18.91 -16.26 10.51
C ALA A 240 -18.62 -17.76 10.56
N VAL A 241 -19.35 -18.52 9.75
CA VAL A 241 -19.21 -19.97 9.69
C VAL A 241 -18.82 -20.37 8.27
N GLY A 242 -18.12 -21.49 8.17
CA GLY A 242 -17.69 -21.97 6.86
C GLY A 242 -16.99 -23.31 6.99
N GLU A 243 -16.56 -23.83 5.84
CA GLU A 243 -15.86 -25.11 5.75
C GLU A 243 -14.48 -24.87 5.17
N PHE A 244 -13.47 -25.34 5.89
CA PHE A 244 -12.08 -25.18 5.46
C PHE A 244 -11.31 -26.50 5.44
N ASP A 245 -11.56 -27.40 6.40
CA ASP A 245 -10.84 -28.65 6.47
C ASP A 245 -11.35 -29.69 5.49
N GLY A 246 -12.49 -29.46 4.84
CA GLY A 246 -13.03 -30.40 3.89
C GLY A 246 -13.92 -31.47 4.48
N ASP A 247 -14.09 -31.51 5.80
CA ASP A 247 -14.92 -32.50 6.46
C ASP A 247 -16.24 -31.84 6.88
N LEU A 248 -17.36 -32.39 6.41
CA LEU A 248 -18.65 -31.80 6.72
C LEU A 248 -19.06 -32.01 8.17
N ASN A 249 -18.41 -32.94 8.88
CA ASN A 249 -18.76 -33.17 10.29
C ASN A 249 -18.52 -31.91 11.12
N THR A 250 -17.39 -31.24 10.90
CA THR A 250 -17.02 -30.06 11.66
C THR A 250 -17.41 -28.79 10.89
N THR A 251 -17.82 -27.77 11.63
CA THR A 251 -18.19 -26.47 11.07
C THR A 251 -17.18 -25.44 11.56
N GLU A 252 -16.27 -25.03 10.68
CA GLU A 252 -15.23 -24.09 11.06
C GLU A 252 -15.82 -22.71 11.29
N TYR A 253 -15.26 -21.99 12.26
CA TYR A 253 -15.70 -20.64 12.60
C TYR A 253 -14.58 -19.66 12.32
N VAL A 254 -14.96 -18.46 11.88
CA VAL A 254 -14.02 -17.38 11.57
C VAL A 254 -14.38 -16.19 12.44
N VAL A 255 -13.40 -15.67 13.18
CA VAL A 255 -13.61 -14.58 14.12
C VAL A 255 -12.63 -13.47 13.80
N GLY A 256 -13.13 -12.23 13.79
CA GLY A 256 -12.29 -11.07 13.52
C GLY A 256 -11.98 -10.32 14.81
N ALA A 257 -10.70 -9.98 14.97
CA ALA A 257 -10.21 -9.25 16.15
C ALA A 257 -9.45 -8.03 15.65
N PRO A 258 -10.13 -6.90 15.45
CA PRO A 258 -9.42 -5.72 14.93
C PRO A 258 -8.29 -5.22 15.83
N THR A 259 -8.44 -5.36 17.15
CA THR A 259 -7.47 -4.81 18.10
C THR A 259 -6.46 -5.84 18.57
N TRP A 260 -6.48 -7.05 18.02
CA TRP A 260 -5.55 -8.08 18.45
C TRP A 260 -4.11 -7.69 18.12
N SER A 261 -3.19 -8.09 19.01
CA SER A 261 -1.76 -7.84 18.84
C SER A 261 -1.47 -6.34 18.76
N TRP A 262 -1.80 -5.66 19.85
CA TRP A 262 -1.53 -4.23 20.01
C TRP A 262 -2.06 -3.43 18.81
N THR A 263 -3.37 -3.58 18.58
CA THR A 263 -4.06 -2.85 17.53
C THR A 263 -3.46 -3.16 16.15
N LEU A 264 -3.51 -4.44 15.80
CA LEU A 264 -3.02 -4.90 14.51
C LEU A 264 -4.10 -5.48 13.62
N GLY A 265 -5.13 -6.10 14.18
CA GLY A 265 -6.19 -6.71 13.39
C GLY A 265 -5.82 -8.10 12.92
N ALA A 266 -6.72 -9.06 13.11
CA ALA A 266 -6.43 -10.43 12.71
C ALA A 266 -7.74 -11.18 12.49
N VAL A 267 -7.64 -12.31 11.79
CA VAL A 267 -8.77 -13.20 11.55
C VAL A 267 -8.34 -14.61 11.94
N GLU A 268 -9.06 -15.21 12.88
CA GLU A 268 -8.74 -16.53 13.40
C GLU A 268 -9.78 -17.52 12.91
N ILE A 269 -9.32 -18.63 12.32
CA ILE A 269 -10.18 -19.71 11.88
C ILE A 269 -9.97 -20.87 12.83
N LEU A 270 -11.05 -21.29 13.50
CA LEU A 270 -11.02 -22.32 14.52
C LEU A 270 -11.96 -23.45 14.15
N ASP A 271 -11.75 -24.60 14.76
CA ASP A 271 -12.59 -25.77 14.56
C ASP A 271 -13.77 -25.71 15.56
N SER A 272 -14.52 -26.81 15.64
CA SER A 272 -15.64 -26.87 16.57
C SER A 272 -15.21 -26.97 18.02
N TYR A 273 -13.94 -27.27 18.28
CA TYR A 273 -13.42 -27.41 19.64
C TYR A 273 -12.59 -26.21 20.07
N TYR A 274 -12.78 -25.05 19.43
CA TYR A 274 -12.07 -23.83 19.78
C TYR A 274 -10.55 -24.02 19.69
N GLN A 275 -10.11 -24.75 18.67
CA GLN A 275 -8.69 -24.97 18.41
C GLN A 275 -8.27 -24.12 17.22
N ARG A 276 -7.15 -23.42 17.37
CA ARG A 276 -6.69 -22.48 16.35
C ARG A 276 -6.23 -23.25 15.12
N LEU A 277 -7.10 -23.36 14.12
CA LEU A 277 -6.71 -23.99 12.86
C LEU A 277 -5.78 -23.09 12.07
N HIS A 278 -6.12 -21.81 11.95
CA HIS A 278 -5.32 -20.88 11.15
C HIS A 278 -5.50 -19.46 11.69
N ARG A 279 -4.52 -18.62 11.37
CA ARG A 279 -4.56 -17.21 11.72
C ARG A 279 -4.04 -16.38 10.54
N LEU A 280 -4.73 -15.28 10.25
CA LEU A 280 -4.33 -14.34 9.22
C LEU A 280 -4.11 -12.99 9.88
N ARG A 281 -2.91 -12.44 9.72
CA ARG A 281 -2.54 -11.18 10.35
C ARG A 281 -2.88 -10.00 9.43
N GLY A 282 -2.97 -8.82 10.04
CA GLY A 282 -3.26 -7.62 9.29
C GLY A 282 -2.05 -7.07 8.57
N GLU A 283 -2.30 -6.05 7.75
CA GLU A 283 -1.24 -5.41 6.98
C GLU A 283 -0.65 -4.22 7.71
N GLN A 284 -1.50 -3.29 8.18
CA GLN A 284 -1.06 -2.10 8.88
C GLN A 284 -1.84 -1.97 10.19
N MET A 285 -1.14 -1.58 11.24
CA MET A 285 -1.78 -1.40 12.54
C MET A 285 -2.77 -0.25 12.48
N ALA A 286 -3.81 -0.33 13.33
CA ALA A 286 -4.89 0.63 13.42
C ALA A 286 -5.77 0.64 12.17
N SER A 287 -5.63 -0.35 11.30
CA SER A 287 -6.47 -0.47 10.12
C SER A 287 -7.80 -1.16 10.40
N TYR A 288 -8.00 -1.65 11.62
CA TYR A 288 -9.23 -2.33 12.00
C TYR A 288 -9.48 -3.56 11.13
N PHE A 289 -8.40 -4.21 10.70
CA PHE A 289 -8.53 -5.42 9.89
C PHE A 289 -9.32 -6.48 10.65
N GLY A 290 -10.28 -7.10 9.97
CA GLY A 290 -11.17 -8.05 10.60
C GLY A 290 -12.47 -7.49 11.09
N HIS A 291 -12.84 -6.26 10.68
CA HIS A 291 -14.09 -5.67 11.12
C HIS A 291 -15.29 -6.53 10.69
N SER A 292 -15.27 -6.98 9.44
CA SER A 292 -16.32 -7.83 8.90
C SER A 292 -15.68 -9.03 8.23
N VAL A 293 -16.18 -10.22 8.53
CA VAL A 293 -15.69 -11.48 7.96
C VAL A 293 -16.85 -12.18 7.28
N ALA A 294 -16.65 -12.56 6.02
CA ALA A 294 -17.67 -13.22 5.24
C ALA A 294 -17.10 -14.47 4.57
N VAL A 295 -17.95 -15.47 4.38
CA VAL A 295 -17.58 -16.73 3.75
C VAL A 295 -18.45 -16.91 2.52
N THR A 296 -17.81 -17.10 1.37
CA THR A 296 -18.54 -17.27 0.12
C THR A 296 -17.61 -17.90 -0.92
N ASP A 297 -18.21 -18.69 -1.81
CA ASP A 297 -17.46 -19.37 -2.86
C ASP A 297 -17.46 -18.50 -4.12
N VAL A 298 -16.66 -17.43 -4.07
CA VAL A 298 -16.63 -16.48 -5.18
C VAL A 298 -16.11 -17.15 -6.45
N ASN A 299 -15.03 -17.94 -6.33
CA ASN A 299 -14.43 -18.55 -7.52
C ASN A 299 -15.25 -19.74 -8.03
N GLY A 300 -16.10 -20.32 -7.19
CA GLY A 300 -16.93 -21.44 -7.63
C GLY A 300 -16.21 -22.77 -7.71
N ASP A 301 -14.97 -22.86 -7.22
CA ASP A 301 -14.22 -24.10 -7.28
C ASP A 301 -14.75 -25.17 -6.34
N GLY A 302 -15.68 -24.82 -5.45
CA GLY A 302 -16.22 -25.74 -4.47
C GLY A 302 -15.67 -25.57 -3.08
N ARG A 303 -14.61 -24.77 -2.91
CA ARG A 303 -14.03 -24.50 -1.60
C ARG A 303 -14.39 -23.08 -1.18
N HIS A 304 -14.88 -22.93 0.05
CA HIS A 304 -15.30 -21.62 0.52
C HIS A 304 -14.11 -20.66 0.58
N ASP A 305 -14.38 -19.39 0.25
CA ASP A 305 -13.38 -18.35 0.26
C ASP A 305 -13.75 -17.29 1.30
N LEU A 306 -12.74 -16.57 1.77
CA LEU A 306 -12.88 -15.64 2.88
C LEU A 306 -12.77 -14.20 2.39
N LEU A 307 -13.61 -13.33 2.94
CA LEU A 307 -13.57 -11.90 2.67
C LEU A 307 -13.44 -11.16 3.99
N VAL A 308 -12.49 -10.23 4.06
CA VAL A 308 -12.22 -9.46 5.26
C VAL A 308 -12.20 -7.98 4.91
N GLY A 309 -12.49 -7.14 5.90
CA GLY A 309 -12.51 -5.71 5.69
C GLY A 309 -11.61 -4.99 6.68
N ALA A 310 -11.24 -3.77 6.30
CA ALA A 310 -10.40 -2.91 7.13
C ALA A 310 -10.74 -1.46 6.82
N PRO A 311 -11.82 -0.93 7.42
CA PRO A 311 -12.22 0.44 7.09
C PRO A 311 -11.15 1.49 7.37
N LEU A 312 -10.37 1.31 8.42
CA LEU A 312 -9.37 2.30 8.82
C LEU A 312 -8.05 2.14 8.08
N TYR A 313 -8.02 1.40 6.97
CA TYR A 313 -6.79 1.26 6.21
C TYR A 313 -6.41 2.59 5.58
N MET A 314 -5.10 2.84 5.50
CA MET A 314 -4.56 4.09 4.99
C MET A 314 -3.72 3.80 3.77
N GLU A 315 -4.03 4.48 2.66
CA GLU A 315 -3.33 4.31 1.40
C GLU A 315 -2.36 5.47 1.19
N SER A 316 -1.75 5.52 0.01
CA SER A 316 -0.81 6.57 -0.36
C SER A 316 -1.31 7.30 -1.60
N ARG A 317 -1.18 8.62 -1.59
CA ARG A 317 -1.60 9.46 -2.70
C ARG A 317 -0.53 10.49 -2.99
N ALA A 318 -0.53 10.99 -4.23
CA ALA A 318 0.45 12.01 -4.61
C ALA A 318 0.26 13.28 -3.78
N ASP A 319 -0.97 13.73 -3.58
CA ASP A 319 -1.22 14.92 -2.79
C ASP A 319 -0.80 14.71 -1.34
N ARG A 320 -1.15 13.56 -0.76
CA ARG A 320 -0.78 13.24 0.61
C ARG A 320 -0.38 11.78 0.68
N LYS A 321 0.71 11.50 1.40
CA LYS A 321 1.22 10.15 1.52
C LYS A 321 0.30 9.24 2.32
N LEU A 322 -0.67 9.80 3.04
CA LEU A 322 -1.61 9.03 3.84
C LEU A 322 -3.03 9.44 3.50
N ALA A 323 -3.90 8.46 3.30
CA ALA A 323 -5.31 8.70 3.00
C ALA A 323 -6.13 7.54 3.52
N GLU A 324 -7.07 7.82 4.41
CA GLU A 324 -7.90 6.80 5.03
C GLU A 324 -9.10 6.52 4.10
N VAL A 325 -9.08 5.36 3.45
CA VAL A 325 -10.17 4.97 2.56
C VAL A 325 -10.69 3.57 2.85
N GLY A 326 -9.96 2.73 3.58
CA GLY A 326 -10.38 1.37 3.83
C GLY A 326 -9.89 0.40 2.76
N ARG A 327 -9.98 -0.89 3.09
CA ARG A 327 -9.53 -1.93 2.17
C ARG A 327 -10.34 -3.19 2.39
N VAL A 328 -10.36 -4.04 1.37
CA VAL A 328 -11.03 -5.33 1.41
C VAL A 328 -10.07 -6.39 0.91
N TYR A 329 -9.95 -7.49 1.65
CA TYR A 329 -9.05 -8.58 1.34
C TYR A 329 -9.85 -9.84 1.00
N LEU A 330 -9.42 -10.53 -0.06
CA LEU A 330 -10.04 -11.77 -0.49
C LEU A 330 -9.00 -12.89 -0.44
N PHE A 331 -9.35 -13.98 0.24
CA PHE A 331 -8.50 -15.16 0.36
C PHE A 331 -9.22 -16.34 -0.27
N LEU A 332 -8.52 -17.06 -1.14
CA LEU A 332 -9.05 -18.25 -1.79
C LEU A 332 -8.47 -19.49 -1.12
N GLN A 333 -9.33 -20.45 -0.80
CA GLN A 333 -8.89 -21.67 -0.14
C GLN A 333 -8.17 -22.56 -1.13
N PRO A 334 -6.90 -22.93 -0.90
CA PRO A 334 -6.22 -23.82 -1.82
C PRO A 334 -6.66 -25.27 -1.64
N ARG A 335 -6.36 -26.08 -2.66
CA ARG A 335 -6.71 -27.49 -2.60
C ARG A 335 -5.96 -28.18 -1.46
N GLY A 336 -6.65 -29.08 -0.78
CA GLY A 336 -6.06 -29.80 0.33
C GLY A 336 -6.05 -28.98 1.60
N PRO A 337 -5.37 -29.50 2.64
CA PRO A 337 -5.32 -28.79 3.91
C PRO A 337 -4.26 -27.68 3.94
N HIS A 338 -3.77 -27.28 2.78
CA HIS A 338 -2.74 -26.24 2.71
C HIS A 338 -3.23 -24.96 3.39
N ALA A 339 -2.38 -24.38 4.22
CA ALA A 339 -2.75 -23.17 4.95
C ALA A 339 -2.88 -21.99 3.99
N LEU A 340 -3.80 -21.08 4.33
CA LEU A 340 -4.01 -19.90 3.52
C LEU A 340 -2.75 -19.06 3.45
N GLY A 341 -2.42 -18.58 2.26
CA GLY A 341 -1.25 -17.75 2.03
C GLY A 341 -1.59 -16.27 2.04
N ALA A 342 -0.96 -15.53 1.14
CA ALA A 342 -1.20 -14.11 1.03
C ALA A 342 -2.61 -13.84 0.49
N PRO A 343 -3.15 -12.65 0.73
CA PRO A 343 -4.50 -12.36 0.24
C PRO A 343 -4.61 -12.57 -1.26
N SER A 344 -5.69 -13.23 -1.66
CA SER A 344 -5.90 -13.51 -3.08
C SER A 344 -6.10 -12.22 -3.88
N LEU A 345 -6.87 -11.28 -3.33
CA LEU A 345 -7.14 -10.03 -4.03
C LEU A 345 -7.27 -8.90 -3.02
N LEU A 346 -6.94 -7.69 -3.47
CA LEU A 346 -7.02 -6.49 -2.65
C LEU A 346 -7.86 -5.46 -3.36
N LEU A 347 -8.82 -4.87 -2.65
CA LEU A 347 -9.67 -3.81 -3.18
C LEU A 347 -9.54 -2.58 -2.30
N THR A 348 -9.40 -1.42 -2.92
CA THR A 348 -9.21 -0.16 -2.21
C THR A 348 -10.27 0.84 -2.64
N GLY A 349 -10.73 1.64 -1.67
CA GLY A 349 -11.73 2.65 -1.94
C GLY A 349 -11.13 3.91 -2.56
N THR A 350 -12.02 4.84 -2.90
CA THR A 350 -11.64 6.09 -3.54
C THR A 350 -11.89 7.30 -2.65
N GLN A 351 -13.12 7.47 -2.15
CA GLN A 351 -13.44 8.63 -1.34
C GLN A 351 -12.68 8.60 -0.02
N LEU A 352 -12.18 9.77 0.37
CA LEU A 352 -11.47 9.89 1.63
C LEU A 352 -12.42 9.72 2.81
N TYR A 353 -11.95 9.03 3.84
CA TYR A 353 -12.76 8.78 5.05
C TYR A 353 -14.05 8.03 4.72
N GLY A 354 -14.02 7.21 3.67
CA GLY A 354 -15.20 6.47 3.27
C GLY A 354 -15.45 5.20 4.05
N ARG A 355 -14.46 4.73 4.83
CA ARG A 355 -14.60 3.50 5.61
C ARG A 355 -15.04 2.34 4.72
N PHE A 356 -14.42 2.24 3.54
CA PHE A 356 -14.78 1.19 2.61
C PHE A 356 -14.47 -0.18 3.19
N GLY A 357 -15.32 -1.15 2.86
CA GLY A 357 -15.16 -2.51 3.36
C GLY A 357 -15.74 -2.76 4.72
N SER A 358 -16.46 -1.79 5.30
CA SER A 358 -17.04 -2.00 6.62
C SER A 358 -18.06 -3.12 6.62
N ALA A 359 -18.90 -3.18 5.60
CA ALA A 359 -19.94 -4.21 5.49
C ALA A 359 -19.80 -4.94 4.17
N ILE A 360 -19.68 -6.26 4.24
CA ILE A 360 -19.61 -7.13 3.07
C ILE A 360 -20.77 -8.12 3.15
N ALA A 361 -21.59 -8.17 2.10
CA ALA A 361 -22.76 -9.02 2.06
C ALA A 361 -22.70 -9.92 0.83
N PRO A 362 -22.61 -11.24 1.00
CA PRO A 362 -22.73 -12.13 -0.17
C PRO A 362 -24.10 -11.99 -0.82
N LEU A 363 -24.12 -12.08 -2.15
CA LEU A 363 -25.35 -11.98 -2.93
C LEU A 363 -25.60 -13.20 -3.79
N GLY A 364 -24.80 -14.26 -3.64
CA GLY A 364 -24.99 -15.43 -4.47
C GLY A 364 -24.72 -15.12 -5.93
N ASP A 365 -25.39 -15.87 -6.81
CA ASP A 365 -25.25 -15.68 -8.25
C ASP A 365 -26.34 -14.72 -8.72
N LEU A 366 -26.03 -13.42 -8.60
CA LEU A 366 -27.02 -12.39 -8.95
C LEU A 366 -27.39 -12.46 -10.43
N ASP A 367 -26.40 -12.64 -11.30
CA ASP A 367 -26.62 -12.66 -12.73
C ASP A 367 -26.76 -14.07 -13.30
N ARG A 368 -26.77 -15.09 -12.43
CA ARG A 368 -26.93 -16.47 -12.87
C ARG A 368 -25.84 -16.86 -13.87
N ASP A 369 -24.62 -16.38 -13.63
CA ASP A 369 -23.48 -16.68 -14.47
C ASP A 369 -22.66 -17.86 -13.96
N GLY A 370 -23.08 -18.52 -12.88
CA GLY A 370 -22.34 -19.60 -12.30
C GLY A 370 -21.32 -19.20 -11.25
N TYR A 371 -21.15 -17.91 -11.01
CA TYR A 371 -20.19 -17.41 -10.03
C TYR A 371 -20.91 -16.53 -9.01
N ASN A 372 -20.54 -16.67 -7.75
CA ASN A 372 -21.16 -15.89 -6.68
C ASN A 372 -20.75 -14.43 -6.79
N ASP A 373 -21.62 -13.55 -6.27
CA ASP A 373 -21.39 -12.12 -6.28
C ASP A 373 -21.54 -11.58 -4.87
N ILE A 374 -20.89 -10.44 -4.61
CA ILE A 374 -20.86 -9.84 -3.29
C ILE A 374 -21.13 -8.35 -3.42
N ALA A 375 -21.44 -7.72 -2.28
CA ALA A 375 -21.63 -6.27 -2.21
C ALA A 375 -20.81 -5.73 -1.05
N VAL A 376 -20.17 -4.58 -1.28
CA VAL A 376 -19.36 -3.91 -0.26
C VAL A 376 -19.92 -2.50 -0.07
N ALA A 377 -20.17 -2.14 1.18
CA ALA A 377 -20.80 -0.87 1.51
C ALA A 377 -19.80 0.07 2.14
N ALA A 378 -19.70 1.28 1.59
CA ALA A 378 -18.90 2.34 2.18
C ALA A 378 -19.84 3.31 2.87
N PRO A 379 -19.79 3.44 4.20
CA PRO A 379 -20.77 4.32 4.88
C PRO A 379 -20.75 5.75 4.39
N TYR A 380 -19.57 6.28 4.07
CA TYR A 380 -19.41 7.67 3.65
C TYR A 380 -18.58 7.76 2.38
N GLY A 381 -18.88 6.89 1.41
CA GLY A 381 -18.20 6.90 0.13
C GLY A 381 -18.87 7.83 -0.87
N GLY A 382 -18.26 7.91 -2.05
CA GLY A 382 -18.78 8.71 -3.13
C GLY A 382 -18.31 10.15 -3.04
N PRO A 383 -18.51 10.92 -4.12
CA PRO A 383 -18.08 12.33 -4.08
C PRO A 383 -18.71 13.13 -2.96
N SER A 384 -19.98 12.86 -2.65
CA SER A 384 -20.69 13.60 -1.60
C SER A 384 -20.51 12.98 -0.22
N GLY A 385 -19.89 11.80 -0.12
CA GLY A 385 -19.68 11.18 1.17
C GLY A 385 -20.96 10.83 1.90
N ARG A 386 -22.00 10.45 1.17
CA ARG A 386 -23.26 10.03 1.77
C ARG A 386 -23.43 8.51 1.77
N GLY A 387 -22.40 7.78 1.40
CA GLY A 387 -22.45 6.33 1.40
C GLY A 387 -22.71 5.76 0.01
N GLN A 388 -22.18 4.57 -0.23
CA GLN A 388 -22.35 3.90 -1.52
C GLN A 388 -22.26 2.40 -1.33
N VAL A 389 -22.72 1.68 -2.35
CA VAL A 389 -22.66 0.22 -2.37
C VAL A 389 -22.08 -0.21 -3.72
N LEU A 390 -21.02 -1.00 -3.69
CA LEU A 390 -20.36 -1.50 -4.89
C LEU A 390 -20.59 -3.01 -4.99
N VAL A 391 -21.07 -3.45 -6.16
CA VAL A 391 -21.35 -4.85 -6.41
C VAL A 391 -20.21 -5.45 -7.21
N PHE A 392 -19.64 -6.55 -6.70
CA PHE A 392 -18.54 -7.25 -7.35
C PHE A 392 -19.01 -8.62 -7.79
N LEU A 393 -18.81 -8.93 -9.07
CA LEU A 393 -19.22 -10.21 -9.64
C LEU A 393 -18.08 -11.22 -9.54
N GLY A 394 -18.44 -12.50 -9.48
CA GLY A 394 -17.46 -13.56 -9.39
C GLY A 394 -16.95 -14.00 -10.75
N GLN A 395 -15.81 -14.68 -10.71
CA GLN A 395 -15.19 -15.22 -11.93
C GLN A 395 -14.28 -16.36 -11.54
N SER A 396 -13.73 -17.03 -12.56
CA SER A 396 -12.85 -18.17 -12.30
C SER A 396 -11.60 -17.74 -11.56
N GLU A 397 -11.03 -16.60 -11.91
CA GLU A 397 -9.80 -16.12 -11.29
C GLU A 397 -10.04 -15.38 -9.98
N GLY A 398 -11.30 -15.18 -9.58
CA GLY A 398 -11.60 -14.48 -8.35
C GLY A 398 -12.68 -13.43 -8.52
N LEU A 399 -12.33 -12.18 -8.21
CA LEU A 399 -13.24 -11.05 -8.33
C LEU A 399 -12.61 -9.96 -9.18
N ARG A 400 -13.41 -9.35 -10.05
CA ARG A 400 -12.92 -8.24 -10.86
C ARG A 400 -12.74 -7.00 -9.99
N SER A 401 -11.60 -6.34 -10.15
CA SER A 401 -11.32 -5.14 -9.37
C SER A 401 -12.34 -4.04 -9.66
N ARG A 402 -12.67 -3.84 -10.93
CA ARG A 402 -13.64 -2.82 -11.29
C ARG A 402 -15.03 -3.20 -10.77
N PRO A 403 -15.71 -2.33 -10.03
CA PRO A 403 -17.05 -2.69 -9.54
C PRO A 403 -18.05 -2.78 -10.68
N SER A 404 -18.82 -3.87 -10.70
CA SER A 404 -19.80 -4.06 -11.76
C SER A 404 -20.87 -2.98 -11.73
N GLN A 405 -21.35 -2.62 -10.53
CA GLN A 405 -22.38 -1.61 -10.38
C GLN A 405 -22.13 -0.84 -9.10
N VAL A 406 -22.54 0.43 -9.10
CA VAL A 406 -22.41 1.33 -7.96
C VAL A 406 -23.76 1.95 -7.69
N LEU A 407 -24.23 1.86 -6.44
CA LEU A 407 -25.49 2.44 -6.01
C LEU A 407 -25.21 3.52 -4.98
N ASP A 408 -25.75 4.72 -5.22
CA ASP A 408 -25.56 5.85 -4.31
C ASP A 408 -26.60 5.79 -3.20
N SER A 409 -26.52 6.76 -2.29
CA SER A 409 -27.44 6.84 -1.16
C SER A 409 -28.44 7.97 -1.38
N PRO A 410 -29.71 7.69 -1.66
CA PRO A 410 -30.67 8.78 -1.82
C PRO A 410 -30.89 9.60 -0.56
N PHE A 411 -30.53 9.06 0.60
CA PHE A 411 -30.73 9.77 1.85
C PHE A 411 -29.75 10.94 1.94
N PRO A 412 -30.04 11.94 2.78
CA PRO A 412 -29.17 13.11 2.89
C PRO A 412 -27.96 12.82 3.77
N THR A 413 -27.17 13.87 4.00
CA THR A 413 -25.97 13.74 4.80
C THR A 413 -26.30 13.28 6.22
N GLY A 414 -25.42 12.45 6.78
CA GLY A 414 -25.63 11.90 8.11
C GLY A 414 -26.50 10.66 8.15
N SER A 415 -26.91 10.12 7.00
CA SER A 415 -27.77 8.94 6.98
C SER A 415 -27.02 7.68 7.37
N ALA A 416 -25.69 7.65 7.21
CA ALA A 416 -24.90 6.46 7.49
C ALA A 416 -25.41 5.27 6.68
N PHE A 417 -25.76 5.53 5.43
CA PHE A 417 -26.29 4.49 4.56
C PHE A 417 -25.22 3.42 4.31
N GLY A 418 -25.67 2.17 4.20
CA GLY A 418 -24.77 1.06 3.94
C GLY A 418 -24.11 0.47 5.17
N PHE A 419 -24.56 0.84 6.37
CA PHE A 419 -23.94 0.31 7.59
C PHE A 419 -24.10 -1.20 7.66
N SER A 420 -25.29 -1.72 7.36
CA SER A 420 -25.59 -3.14 7.41
C SER A 420 -26.21 -3.58 6.09
N LEU A 421 -25.67 -4.64 5.50
CA LEU A 421 -26.17 -5.18 4.24
C LEU A 421 -26.47 -6.66 4.39
N ARG A 422 -27.45 -7.12 3.63
CA ARG A 422 -27.83 -8.53 3.63
C ARG A 422 -28.55 -8.83 2.32
N GLY A 423 -28.39 -10.06 1.84
CA GLY A 423 -29.00 -10.47 0.60
C GLY A 423 -29.00 -11.97 0.38
N ALA A 424 -28.86 -12.39 -0.87
CA ALA A 424 -28.85 -13.81 -1.23
C ALA A 424 -30.17 -14.49 -0.87
N VAL A 425 -31.27 -13.73 -0.88
CA VAL A 425 -32.60 -14.25 -0.59
C VAL A 425 -33.54 -13.75 -1.67
N ASP A 426 -34.32 -14.67 -2.24
CA ASP A 426 -35.30 -14.32 -3.27
C ASP A 426 -36.62 -13.91 -2.61
N ILE A 427 -36.59 -12.70 -2.05
CA ILE A 427 -37.76 -12.19 -1.33
C ILE A 427 -38.93 -12.01 -2.28
N ASP A 428 -38.69 -11.47 -3.47
CA ASP A 428 -39.76 -11.21 -4.43
C ASP A 428 -40.15 -12.43 -5.24
N ASP A 429 -39.43 -13.54 -5.09
CA ASP A 429 -39.74 -14.77 -5.82
C ASP A 429 -39.67 -14.56 -7.33
N ASN A 430 -38.76 -13.69 -7.77
CA ASN A 430 -38.57 -13.42 -9.20
C ASN A 430 -37.48 -14.28 -9.81
N GLY A 431 -36.88 -15.20 -9.05
CA GLY A 431 -35.81 -16.03 -9.54
C GLY A 431 -34.43 -15.45 -9.35
N TYR A 432 -34.30 -14.23 -8.84
CA TYR A 432 -33.02 -13.60 -8.61
C TYR A 432 -32.99 -12.98 -7.22
N PRO A 433 -31.82 -12.91 -6.59
CA PRO A 433 -31.74 -12.33 -5.25
C PRO A 433 -31.93 -10.82 -5.28
N ASP A 434 -32.41 -10.28 -4.17
CA ASP A 434 -32.58 -8.86 -3.96
C ASP A 434 -31.61 -8.37 -2.89
N LEU A 435 -31.66 -7.07 -2.62
CA LEU A 435 -30.76 -6.45 -1.65
C LEU A 435 -31.57 -5.59 -0.68
N ILE A 436 -31.11 -5.54 0.56
CA ILE A 436 -31.70 -4.69 1.60
C ILE A 436 -30.56 -3.95 2.30
N VAL A 437 -30.71 -2.63 2.45
CA VAL A 437 -29.70 -1.79 3.08
C VAL A 437 -30.38 -0.91 4.12
N GLY A 438 -29.87 -0.96 5.36
CA GLY A 438 -30.40 -0.12 6.41
C GLY A 438 -29.65 1.19 6.55
N ALA A 439 -30.27 2.13 7.25
CA ALA A 439 -29.65 3.44 7.51
C ALA A 439 -30.20 3.93 8.84
N TYR A 440 -29.38 3.81 9.89
CA TYR A 440 -29.79 4.32 11.20
C TYR A 440 -29.75 5.84 11.26
N GLY A 441 -28.84 6.46 10.52
CA GLY A 441 -28.82 7.91 10.47
C GLY A 441 -30.10 8.49 9.92
N ALA A 442 -30.59 7.91 8.82
CA ALA A 442 -31.87 8.29 8.25
C ALA A 442 -33.04 7.50 8.83
N ASN A 443 -32.77 6.46 9.62
CA ASN A 443 -33.82 5.65 10.24
C ASN A 443 -34.75 5.07 9.18
N GLN A 444 -34.18 4.37 8.20
CA GLN A 444 -34.97 3.80 7.12
C GLN A 444 -34.27 2.54 6.59
N VAL A 445 -34.98 1.84 5.71
CA VAL A 445 -34.47 0.66 5.03
C VAL A 445 -34.86 0.75 3.57
N ALA A 446 -33.90 0.53 2.68
CA ALA A 446 -34.11 0.57 1.24
C ALA A 446 -33.91 -0.83 0.67
N VAL A 447 -34.90 -1.30 -0.09
CA VAL A 447 -34.88 -2.61 -0.72
C VAL A 447 -34.77 -2.42 -2.21
N TYR A 448 -33.75 -3.04 -2.81
CA TYR A 448 -33.50 -3.03 -4.24
C TYR A 448 -33.85 -4.39 -4.81
N ARG A 449 -34.67 -4.39 -5.87
CA ARG A 449 -35.12 -5.62 -6.51
C ARG A 449 -34.33 -5.83 -7.80
N ALA A 450 -33.70 -7.00 -7.91
CA ALA A 450 -32.93 -7.34 -9.10
C ALA A 450 -33.86 -7.63 -10.28
N GLN A 451 -33.37 -7.36 -11.47
CA GLN A 451 -34.10 -7.59 -12.71
C GLN A 451 -33.49 -8.75 -13.49
N PRO A 452 -34.28 -9.40 -14.34
CA PRO A 452 -33.74 -10.53 -15.11
C PRO A 452 -32.59 -10.09 -16.00
N VAL A 453 -31.62 -10.98 -16.17
CA VAL A 453 -30.44 -10.75 -16.99
C VAL A 453 -30.53 -11.64 -18.23
N VAL A 454 -30.38 -11.04 -19.41
CA VAL A 454 -30.49 -11.74 -20.68
C VAL A 454 -29.16 -11.61 -21.42
N LYS A 455 -28.64 -12.73 -21.89
CA LYS A 455 -27.40 -12.76 -22.66
C LYS A 455 -27.74 -12.80 -24.13
N ALA A 456 -27.12 -11.92 -24.91
CA ALA A 456 -27.38 -11.79 -26.34
C ALA A 456 -26.16 -12.24 -27.13
N SER A 457 -26.39 -13.08 -28.13
CA SER A 457 -25.36 -13.56 -29.03
C SER A 457 -25.71 -13.15 -30.45
N VAL A 458 -24.77 -12.53 -31.15
CA VAL A 458 -24.98 -12.02 -32.50
C VAL A 458 -23.92 -12.62 -33.41
N GLN A 459 -24.35 -13.13 -34.56
CA GLN A 459 -23.46 -13.70 -35.56
C GLN A 459 -23.80 -13.12 -36.93
N LEU A 460 -22.76 -12.78 -37.69
CA LEU A 460 -22.92 -12.18 -39.01
C LEU A 460 -22.14 -13.01 -40.03
N LEU A 461 -22.79 -13.35 -41.14
CA LEU A 461 -22.18 -14.12 -42.21
C LEU A 461 -22.36 -13.37 -43.51
N VAL A 462 -21.26 -13.23 -44.27
CA VAL A 462 -21.27 -12.53 -45.54
C VAL A 462 -20.17 -13.11 -46.41
N GLN A 463 -20.36 -13.01 -47.73
CA GLN A 463 -19.38 -13.55 -48.66
C GLN A 463 -18.00 -12.94 -48.40
N ASP A 464 -16.97 -13.78 -48.42
CA ASP A 464 -15.63 -13.31 -48.14
C ASP A 464 -15.16 -12.28 -49.17
N SER A 465 -15.47 -12.53 -50.45
CA SER A 465 -15.07 -11.63 -51.52
C SER A 465 -16.23 -11.46 -52.50
N LEU A 466 -16.23 -10.33 -53.19
CA LEU A 466 -17.27 -9.99 -54.15
C LEU A 466 -16.66 -9.84 -55.53
N ASN A 467 -17.37 -10.36 -56.54
CA ASN A 467 -16.91 -10.30 -57.93
C ASN A 467 -17.77 -9.31 -58.71
N PRO A 468 -17.27 -8.11 -59.01
CA PRO A 468 -18.09 -7.16 -59.78
C PRO A 468 -18.49 -7.68 -61.15
N ALA A 469 -17.66 -8.52 -61.78
CA ALA A 469 -17.98 -9.01 -63.12
C ALA A 469 -19.26 -9.82 -63.11
N VAL A 470 -19.45 -10.67 -62.10
CA VAL A 470 -20.63 -11.52 -62.02
C VAL A 470 -21.81 -10.67 -61.57
N LYS A 471 -22.89 -10.70 -62.35
CA LYS A 471 -24.12 -9.95 -62.05
C LYS A 471 -25.30 -10.88 -62.29
N SER A 472 -25.80 -11.50 -61.22
CA SER A 472 -26.89 -12.45 -61.31
C SER A 472 -28.25 -11.84 -61.00
N CYS A 473 -28.33 -10.95 -60.02
CA CYS A 473 -29.59 -10.35 -59.62
C CYS A 473 -29.93 -9.20 -60.58
N VAL A 474 -30.96 -8.44 -60.23
CA VAL A 474 -31.39 -7.29 -61.03
C VAL A 474 -32.00 -6.26 -60.09
N LEU A 475 -31.78 -4.98 -60.38
CA LEU A 475 -32.30 -3.92 -59.54
C LEU A 475 -33.84 -3.94 -59.59
N PRO A 476 -34.51 -3.66 -58.48
CA PRO A 476 -35.98 -3.67 -58.49
C PRO A 476 -36.53 -2.63 -59.46
N GLN A 477 -37.65 -2.99 -60.11
CA GLN A 477 -38.38 -2.13 -61.02
C GLN A 477 -37.59 -1.76 -62.27
N THR A 478 -36.49 -2.45 -62.53
CA THR A 478 -35.67 -2.17 -63.71
C THR A 478 -35.07 -3.49 -64.20
N LYS A 479 -34.30 -3.40 -65.28
CA LYS A 479 -33.65 -4.55 -65.91
C LYS A 479 -32.15 -4.29 -66.06
N THR A 480 -31.54 -3.79 -64.99
CA THR A 480 -30.11 -3.49 -65.00
C THR A 480 -29.36 -4.54 -64.18
N PRO A 481 -28.60 -5.44 -64.80
CA PRO A 481 -27.84 -6.42 -64.01
C PRO A 481 -26.85 -5.73 -63.08
N VAL A 482 -26.68 -6.34 -61.90
CA VAL A 482 -25.75 -5.80 -60.90
C VAL A 482 -25.34 -6.94 -59.99
N SER A 483 -24.11 -6.87 -59.48
CA SER A 483 -23.61 -7.89 -58.58
C SER A 483 -24.40 -7.86 -57.27
N CYS A 484 -24.51 -9.03 -56.64
CA CYS A 484 -25.30 -9.16 -55.42
C CYS A 484 -24.69 -10.24 -54.53
N PHE A 485 -25.06 -10.17 -53.26
CA PHE A 485 -24.58 -11.13 -52.26
C PHE A 485 -25.59 -11.21 -51.14
N ASN A 486 -25.44 -12.23 -50.30
CA ASN A 486 -26.37 -12.53 -49.22
C ASN A 486 -25.70 -12.23 -47.88
N ILE A 487 -26.42 -11.55 -46.99
CA ILE A 487 -25.97 -11.24 -45.65
C ILE A 487 -26.92 -11.92 -44.67
N GLN A 488 -26.37 -12.71 -43.75
CA GLN A 488 -27.16 -13.45 -42.78
C GLN A 488 -26.81 -12.95 -41.38
N MET A 489 -27.83 -12.65 -40.59
CA MET A 489 -27.66 -12.20 -39.21
C MET A 489 -28.46 -13.09 -38.28
N CYS A 490 -27.79 -13.69 -37.31
CA CYS A 490 -28.42 -14.54 -36.31
C CYS A 490 -28.33 -13.87 -34.95
N VAL A 491 -29.47 -13.73 -34.28
CA VAL A 491 -29.55 -13.11 -32.96
C VAL A 491 -30.21 -14.11 -32.01
N GLY A 492 -29.59 -14.33 -30.85
CA GLY A 492 -30.11 -15.26 -29.88
C GLY A 492 -30.07 -14.73 -28.47
N ALA A 493 -31.22 -14.77 -27.78
CA ALA A 493 -31.33 -14.30 -26.41
C ALA A 493 -31.52 -15.50 -25.48
N THR A 494 -30.74 -15.55 -24.41
CA THR A 494 -30.79 -16.64 -23.45
C THR A 494 -30.91 -16.08 -22.04
N GLY A 495 -31.51 -16.86 -21.16
CA GLY A 495 -31.69 -16.45 -19.79
C GLY A 495 -32.56 -17.43 -19.03
N HIS A 496 -32.80 -17.09 -17.76
CA HIS A 496 -33.62 -17.90 -16.88
C HIS A 496 -34.84 -17.09 -16.45
N ASN A 497 -36.02 -17.70 -16.58
CA ASN A 497 -37.28 -17.04 -16.23
C ASN A 497 -37.42 -15.71 -16.97
N ILE A 498 -37.01 -15.70 -18.24
CA ILE A 498 -37.11 -14.51 -19.08
C ILE A 498 -38.59 -14.25 -19.38
N PRO A 499 -38.98 -13.00 -19.63
CA PRO A 499 -40.39 -12.73 -19.94
C PRO A 499 -40.84 -13.46 -21.18
N GLN A 500 -42.11 -13.88 -21.16
CA GLN A 500 -42.65 -14.63 -22.30
C GLN A 500 -42.61 -13.80 -23.57
N LYS A 501 -42.73 -12.48 -23.47
CA LYS A 501 -42.69 -11.59 -24.62
C LYS A 501 -41.46 -10.70 -24.49
N LEU A 502 -40.62 -10.72 -25.54
CA LEU A 502 -39.40 -9.91 -25.56
C LEU A 502 -39.24 -9.32 -26.96
N SER A 503 -38.79 -8.07 -27.02
CA SER A 503 -38.59 -7.36 -28.27
C SER A 503 -37.23 -6.69 -28.28
N LEU A 504 -36.58 -6.69 -29.43
CA LEU A 504 -35.28 -6.07 -29.60
C LEU A 504 -35.23 -5.37 -30.94
N ASN A 505 -34.34 -4.38 -31.05
CA ASN A 505 -34.14 -3.63 -32.29
C ASN A 505 -32.74 -3.94 -32.82
N ALA A 506 -32.68 -4.39 -34.08
CA ALA A 506 -31.44 -4.72 -34.74
C ALA A 506 -31.22 -3.75 -35.88
N GLU A 507 -30.09 -3.03 -35.85
CA GLU A 507 -29.72 -2.07 -36.88
C GLU A 507 -28.55 -2.63 -37.66
N LEU A 508 -28.72 -2.75 -38.98
CA LEU A 508 -27.69 -3.25 -39.88
C LEU A 508 -27.23 -2.09 -40.76
N GLN A 509 -25.94 -1.78 -40.70
CA GLN A 509 -25.35 -0.68 -41.45
C GLN A 509 -24.26 -1.23 -42.36
N LEU A 510 -24.30 -0.85 -43.63
CA LEU A 510 -23.35 -1.31 -44.64
C LEU A 510 -22.35 -0.20 -44.95
N ASP A 511 -21.07 -0.53 -44.90
CA ASP A 511 -20.00 0.43 -45.17
C ASP A 511 -20.13 1.66 -44.27
N ARG A 512 -20.31 1.41 -42.97
CA ARG A 512 -20.44 2.49 -42.00
C ARG A 512 -19.21 3.39 -42.01
N GLN A 513 -18.05 2.85 -42.38
CA GLN A 513 -16.82 3.64 -42.36
C GLN A 513 -16.93 4.84 -43.31
N LYS A 514 -17.44 4.62 -44.52
CA LYS A 514 -17.56 5.68 -45.49
C LYS A 514 -18.78 6.55 -45.22
N PRO A 515 -18.80 7.78 -45.73
CA PRO A 515 -19.98 8.64 -45.57
C PRO A 515 -21.19 8.04 -46.25
N ARG A 516 -22.36 8.58 -45.89
CA ARG A 516 -23.62 8.08 -46.46
C ARG A 516 -23.64 8.26 -47.96
N GLN A 517 -23.19 9.42 -48.45
CA GLN A 517 -23.17 9.65 -49.89
C GLN A 517 -22.10 8.82 -50.59
N GLY A 518 -21.02 8.48 -49.88
CA GLY A 518 -19.92 7.73 -50.43
C GLY A 518 -20.02 6.22 -50.29
N ARG A 519 -21.16 5.71 -49.83
CA ARG A 519 -21.30 4.27 -49.65
C ARG A 519 -21.21 3.56 -50.99
N ARG A 520 -20.55 2.39 -51.00
CA ARG A 520 -20.36 1.61 -52.21
C ARG A 520 -21.39 0.50 -52.36
N VAL A 521 -21.83 -0.11 -51.26
CA VAL A 521 -22.82 -1.19 -51.30
C VAL A 521 -24.10 -0.69 -50.64
N LEU A 522 -25.22 -1.25 -51.08
CA LEU A 522 -26.53 -0.88 -50.55
C LEU A 522 -27.40 -2.13 -50.47
N LEU A 523 -28.59 -1.96 -49.88
CA LEU A 523 -29.53 -3.06 -49.77
C LEU A 523 -30.35 -3.20 -51.05
N LEU A 524 -30.56 -4.44 -51.47
CA LEU A 524 -31.31 -4.69 -52.70
C LEU A 524 -32.74 -4.17 -52.59
N GLY A 525 -33.39 -4.39 -51.44
CA GLY A 525 -34.77 -4.00 -51.27
C GLY A 525 -34.97 -2.51 -51.09
N SER A 526 -34.45 -1.95 -50.00
CA SER A 526 -34.67 -0.55 -49.66
C SER A 526 -33.70 0.39 -50.36
N GLN A 527 -32.64 -0.13 -50.99
CA GLN A 527 -31.65 0.72 -51.66
C GLN A 527 -31.07 1.75 -50.69
N GLN A 528 -30.81 1.33 -49.46
CA GLN A 528 -30.24 2.19 -48.43
C GLN A 528 -29.08 1.47 -47.76
N ALA A 529 -28.13 2.27 -47.27
CA ALA A 529 -26.95 1.71 -46.60
C ALA A 529 -27.23 1.28 -45.17
N GLY A 530 -28.38 1.63 -44.61
CA GLY A 530 -28.71 1.24 -43.25
C GLY A 530 -30.17 0.86 -43.15
N THR A 531 -30.45 -0.04 -42.23
CA THR A 531 -31.81 -0.52 -42.01
C THR A 531 -31.99 -0.90 -40.54
N THR A 532 -33.24 -0.88 -40.09
CA THR A 532 -33.60 -1.25 -38.73
C THR A 532 -34.76 -2.23 -38.77
N LEU A 533 -34.70 -3.24 -37.90
CA LEU A 533 -35.71 -4.27 -37.83
C LEU A 533 -36.04 -4.55 -36.36
N ASN A 534 -37.25 -5.05 -36.13
CA ASN A 534 -37.72 -5.42 -34.80
C ASN A 534 -37.85 -6.93 -34.73
N LEU A 535 -37.19 -7.54 -33.74
CA LEU A 535 -37.18 -8.99 -33.57
C LEU A 535 -37.85 -9.34 -32.26
N ASP A 536 -38.81 -10.26 -32.33
CA ASP A 536 -39.53 -10.74 -31.15
C ASP A 536 -38.91 -12.07 -30.73
N LEU A 537 -38.12 -12.04 -29.65
CA LEU A 537 -37.43 -13.21 -29.14
C LEU A 537 -38.16 -13.84 -27.94
N GLY A 538 -39.35 -13.36 -27.62
CA GLY A 538 -40.10 -13.90 -26.50
C GLY A 538 -40.46 -15.35 -26.68
N GLY A 539 -39.88 -16.22 -25.86
CA GLY A 539 -40.15 -17.64 -25.92
C GLY A 539 -39.41 -18.38 -27.02
N LYS A 540 -38.52 -17.71 -27.75
CA LYS A 540 -37.75 -18.33 -28.83
C LYS A 540 -36.39 -18.72 -28.26
N HIS A 541 -36.32 -19.92 -27.69
CA HIS A 541 -35.06 -20.38 -27.12
C HIS A 541 -33.96 -20.47 -28.16
N SER A 542 -34.29 -21.03 -29.33
CA SER A 542 -33.30 -21.14 -30.40
C SER A 542 -33.04 -19.78 -31.04
N PRO A 543 -31.83 -19.54 -31.54
CA PRO A 543 -31.55 -18.25 -32.17
C PRO A 543 -32.36 -18.06 -33.44
N ILE A 544 -32.68 -16.81 -33.71
CA ILE A 544 -33.44 -16.42 -34.90
C ILE A 544 -32.47 -15.87 -35.93
N CYS A 545 -32.48 -16.45 -37.12
CA CYS A 545 -31.61 -16.04 -38.21
C CYS A 545 -32.43 -15.43 -39.34
N HIS A 546 -31.93 -14.33 -39.89
CA HIS A 546 -32.56 -13.65 -41.02
C HIS A 546 -31.54 -13.47 -42.13
N THR A 547 -32.03 -13.42 -43.37
CA THR A 547 -31.19 -13.27 -44.54
C THR A 547 -31.68 -12.11 -45.38
N THR A 548 -30.74 -11.40 -46.00
CA THR A 548 -31.06 -10.25 -46.84
C THR A 548 -30.12 -10.23 -48.04
N MET A 549 -30.56 -9.54 -49.09
CA MET A 549 -29.80 -9.41 -50.33
C MET A 549 -29.27 -7.99 -50.43
N ALA A 550 -27.98 -7.87 -50.73
CA ALA A 550 -27.32 -6.58 -50.90
C ALA A 550 -26.63 -6.55 -52.25
N PHE A 551 -26.47 -5.34 -52.79
CA PHE A 551 -25.85 -5.15 -54.10
C PHE A 551 -24.77 -4.10 -54.01
N LEU A 552 -23.91 -4.08 -55.03
CA LEU A 552 -22.79 -3.15 -55.13
C LEU A 552 -23.09 -2.15 -56.23
N ARG A 553 -22.85 -0.87 -55.93
CA ARG A 553 -23.09 0.18 -56.91
C ARG A 553 -22.17 0.00 -58.11
N ASP A 554 -22.46 0.77 -59.17
CA ASP A 554 -21.68 0.67 -60.39
C ASP A 554 -20.25 1.12 -60.16
N GLU A 555 -19.34 0.59 -60.98
CA GLU A 555 -17.92 0.91 -60.81
C GLU A 555 -17.66 2.39 -61.03
N ALA A 556 -18.31 2.99 -62.02
CA ALA A 556 -18.07 4.40 -62.32
C ALA A 556 -18.45 5.32 -61.18
N ASP A 557 -19.29 4.86 -60.25
CA ASP A 557 -19.75 5.70 -59.16
C ASP A 557 -18.72 5.85 -58.04
N PHE A 558 -17.66 5.05 -58.03
CA PHE A 558 -16.64 5.15 -57.00
C PHE A 558 -15.31 4.70 -57.57
N ARG A 559 -14.23 5.15 -56.93
CA ARG A 559 -12.87 4.84 -57.36
C ARG A 559 -12.06 4.07 -56.33
N ASP A 560 -12.42 4.11 -55.06
CA ASP A 560 -11.68 3.38 -54.04
C ASP A 560 -11.94 1.88 -54.19
N LYS A 561 -10.87 1.10 -54.21
CA LYS A 561 -10.96 -0.34 -54.38
C LYS A 561 -10.33 -1.12 -53.23
N LEU A 562 -9.18 -0.68 -52.72
CA LEU A 562 -8.50 -1.39 -51.65
C LEU A 562 -9.18 -1.22 -50.29
N SER A 563 -10.01 -0.20 -50.14
CA SER A 563 -10.67 0.04 -48.85
C SER A 563 -11.69 -1.06 -48.58
N PRO A 564 -11.61 -1.76 -47.45
CA PRO A 564 -12.59 -2.82 -47.17
C PRO A 564 -13.97 -2.23 -46.87
N ILE A 565 -14.98 -3.06 -47.11
CA ILE A 565 -16.36 -2.71 -46.81
C ILE A 565 -16.71 -3.26 -45.44
N VAL A 566 -17.22 -2.39 -44.57
CA VAL A 566 -17.49 -2.73 -43.18
C VAL A 566 -19.00 -2.85 -42.99
N LEU A 567 -19.43 -3.98 -42.43
CA LEU A 567 -20.82 -4.24 -42.12
C LEU A 567 -20.97 -4.38 -40.61
N SER A 568 -21.88 -3.60 -40.03
CA SER A 568 -22.07 -3.56 -38.58
C SER A 568 -23.50 -3.92 -38.22
N LEU A 569 -23.64 -4.74 -37.18
CA LEU A 569 -24.94 -5.12 -36.65
C LEU A 569 -24.99 -4.72 -35.17
N ASN A 570 -26.01 -3.96 -34.79
CA ASN A 570 -26.15 -3.44 -33.44
C ASN A 570 -27.51 -3.86 -32.88
N VAL A 571 -27.49 -4.51 -31.72
CA VAL A 571 -28.70 -4.98 -31.05
C VAL A 571 -28.94 -4.12 -29.83
N SER A 572 -30.18 -3.65 -29.66
CA SER A 572 -30.52 -2.76 -28.56
C SER A 572 -31.92 -3.07 -28.06
N LEU A 573 -32.21 -2.59 -26.86
CA LEU A 573 -33.54 -2.72 -26.28
C LEU A 573 -34.49 -1.71 -26.90
N PRO A 574 -35.80 -1.97 -26.84
CA PRO A 574 -36.75 -1.00 -27.37
C PRO A 574 -36.68 0.29 -26.59
N PRO A 575 -37.00 1.43 -27.22
CA PRO A 575 -36.97 2.70 -26.49
C PRO A 575 -37.92 2.67 -25.30
N THR A 576 -37.52 3.33 -24.22
CA THR A 576 -38.31 3.36 -23.00
C THR A 576 -39.75 3.78 -23.30
N GLU A 577 -40.68 2.88 -23.02
CA GLU A 577 -42.10 3.14 -23.25
C GLU A 577 -42.67 3.90 -22.06
N ALA A 578 -44.00 4.04 -22.02
CA ALA A 578 -44.65 4.75 -20.92
C ALA A 578 -44.33 4.08 -19.60
N GLY A 579 -43.94 4.88 -18.61
CA GLY A 579 -43.62 4.38 -17.29
C GLY A 579 -42.18 3.98 -17.10
N MET A 580 -41.37 3.96 -18.16
CA MET A 580 -39.97 3.58 -18.05
C MET A 580 -39.84 2.21 -17.39
N ALA A 581 -38.84 2.04 -16.52
CA ALA A 581 -38.67 0.78 -15.80
C ALA A 581 -38.59 -0.39 -16.78
N PRO A 582 -37.50 -0.53 -17.52
CA PRO A 582 -37.40 -1.66 -18.47
C PRO A 582 -37.51 -3.00 -17.74
N ALA A 583 -38.21 -3.94 -18.39
CA ALA A 583 -38.48 -5.22 -17.75
C ALA A 583 -37.19 -5.99 -17.47
N VAL A 584 -36.26 -6.00 -18.44
CA VAL A 584 -35.04 -6.78 -18.32
C VAL A 584 -33.86 -5.92 -18.76
N VAL A 585 -32.66 -6.35 -18.36
CA VAL A 585 -31.41 -5.69 -18.72
C VAL A 585 -30.65 -6.62 -19.66
N LEU A 586 -30.25 -6.10 -20.81
CA LEU A 586 -29.58 -6.87 -21.84
C LEU A 586 -28.10 -6.51 -21.86
N HIS A 587 -27.24 -7.53 -21.87
CA HIS A 587 -25.80 -7.34 -21.93
C HIS A 587 -25.19 -8.46 -22.75
N GLY A 588 -23.98 -8.21 -23.26
CA GLY A 588 -23.27 -9.19 -24.05
C GLY A 588 -22.81 -8.64 -25.39
N ASP A 589 -22.86 -9.48 -26.43
CA ASP A 589 -22.45 -9.08 -27.77
C ASP A 589 -23.60 -8.31 -28.42
N THR A 590 -23.72 -7.05 -28.04
CA THR A 590 -24.76 -6.17 -28.56
C THR A 590 -24.31 -5.40 -29.79
N HIS A 591 -23.06 -5.58 -30.23
CA HIS A 591 -22.55 -4.89 -31.41
C HIS A 591 -21.43 -5.72 -32.02
N VAL A 592 -21.57 -6.03 -33.31
CA VAL A 592 -20.59 -6.83 -34.03
C VAL A 592 -20.28 -6.14 -35.35
N GLN A 593 -19.05 -6.33 -35.82
CA GLN A 593 -18.59 -5.74 -37.07
C GLN A 593 -17.80 -6.77 -37.87
N GLU A 594 -17.91 -6.67 -39.19
CA GLU A 594 -17.17 -7.54 -40.09
C GLU A 594 -16.67 -6.71 -41.27
N GLN A 595 -15.61 -7.19 -41.91
CA GLN A 595 -14.99 -6.50 -43.03
C GLN A 595 -14.81 -7.46 -44.19
N THR A 596 -15.12 -6.98 -45.39
CA THR A 596 -14.96 -7.74 -46.63
C THR A 596 -14.20 -6.89 -47.63
N ARG A 597 -13.92 -7.47 -48.79
CA ARG A 597 -13.16 -6.78 -49.83
C ARG A 597 -13.51 -7.38 -51.18
N ILE A 598 -13.19 -6.63 -52.24
CA ILE A 598 -13.45 -7.07 -53.59
C ILE A 598 -12.36 -8.02 -54.04
N VAL A 599 -12.72 -8.96 -54.91
CA VAL A 599 -11.74 -9.90 -55.44
C VAL A 599 -10.65 -9.13 -56.16
N LEU A 600 -9.42 -9.26 -55.68
CA LEU A 600 -8.28 -8.56 -56.27
C LEU A 600 -7.02 -9.39 -56.07
N ASP A 601 -6.27 -9.58 -57.15
CA ASP A 601 -4.98 -10.28 -57.11
C ASP A 601 -5.14 -11.68 -56.53
N CYS A 602 -6.24 -12.35 -56.88
CA CYS A 602 -6.46 -13.75 -56.50
C CYS A 602 -6.22 -14.70 -57.66
N GLY A 603 -5.62 -14.25 -58.75
CA GLY A 603 -5.32 -15.09 -59.87
C GLY A 603 -6.47 -15.20 -60.86
N GLU A 604 -6.24 -16.00 -61.91
CA GLU A 604 -7.24 -16.17 -62.94
C GLU A 604 -8.50 -16.82 -62.38
N ASP A 605 -8.33 -17.79 -61.47
CA ASP A 605 -9.49 -18.47 -60.89
C ASP A 605 -10.36 -17.52 -60.07
N ASP A 606 -9.83 -16.35 -59.71
CA ASP A 606 -10.57 -15.34 -58.95
C ASP A 606 -10.87 -15.80 -57.52
N VAL A 607 -10.22 -16.85 -57.05
CA VAL A 607 -10.39 -17.36 -55.69
C VAL A 607 -9.02 -17.38 -55.04
N CYS A 608 -8.85 -16.62 -53.96
CA CYS A 608 -7.58 -16.57 -53.25
C CYS A 608 -7.38 -17.83 -52.42
N VAL A 609 -6.19 -18.41 -52.52
CA VAL A 609 -5.84 -19.61 -51.77
C VAL A 609 -4.51 -19.37 -51.06
N PRO A 610 -4.48 -18.60 -49.97
CA PRO A 610 -3.22 -18.31 -49.31
C PRO A 610 -2.55 -19.55 -48.73
N GLN A 611 -1.21 -19.51 -48.68
CA GLN A 611 -0.41 -20.56 -48.07
C GLN A 611 0.59 -19.89 -47.14
N LEU A 612 0.46 -20.17 -45.84
CA LEU A 612 1.27 -19.52 -44.81
C LEU A 612 2.11 -20.56 -44.08
N GLN A 613 3.31 -20.15 -43.66
CA GLN A 613 4.21 -20.97 -42.87
C GLN A 613 4.62 -20.20 -41.63
N LEU A 614 4.69 -20.90 -40.50
CA LEU A 614 5.00 -20.28 -39.22
C LEU A 614 6.12 -21.05 -38.54
N THR A 615 7.05 -20.31 -37.94
CA THR A 615 8.13 -20.88 -37.13
C THR A 615 8.19 -20.13 -35.80
N ALA A 616 8.51 -20.85 -34.73
CA ALA A 616 8.55 -20.26 -33.40
C ALA A 616 9.79 -20.71 -32.67
N SER A 617 10.39 -19.80 -31.91
CA SER A 617 11.53 -20.08 -31.07
C SER A 617 11.31 -19.48 -29.69
N VAL A 618 11.85 -20.15 -28.67
CA VAL A 618 11.65 -19.78 -27.28
C VAL A 618 13.01 -19.58 -26.63
N THR A 619 13.16 -18.49 -25.88
CA THR A 619 14.36 -18.21 -25.11
C THR A 619 13.98 -17.99 -23.65
N GLY A 620 14.77 -18.56 -22.75
CA GLY A 620 14.48 -18.51 -21.32
C GLY A 620 13.98 -19.85 -20.80
N SER A 621 14.54 -20.94 -21.32
CA SER A 621 14.08 -22.27 -20.94
C SER A 621 14.06 -22.51 -19.44
N PRO A 622 15.09 -22.16 -18.65
CA PRO A 622 15.01 -22.42 -17.22
C PRO A 622 13.91 -21.63 -16.53
N LEU A 623 12.89 -22.31 -16.03
CA LEU A 623 11.77 -21.70 -15.33
C LEU A 623 11.83 -22.10 -13.87
N LEU A 624 11.84 -21.11 -12.98
CA LEU A 624 11.92 -21.32 -11.55
C LEU A 624 10.57 -21.03 -10.92
N VAL A 625 10.07 -21.97 -10.11
CA VAL A 625 8.79 -21.78 -9.43
C VAL A 625 8.91 -20.66 -8.42
N GLY A 626 7.90 -19.80 -8.37
CA GLY A 626 7.91 -18.69 -7.44
C GLY A 626 8.85 -17.57 -7.81
N ALA A 627 9.22 -17.45 -9.09
CA ALA A 627 10.12 -16.42 -9.56
C ALA A 627 9.51 -15.72 -10.76
N ASP A 628 9.97 -14.49 -11.01
CA ASP A 628 9.49 -13.68 -12.13
C ASP A 628 10.08 -14.24 -13.41
N ASN A 629 9.50 -15.34 -13.88
CA ASN A 629 9.98 -16.01 -15.08
C ASN A 629 9.53 -15.24 -16.32
N VAL A 630 10.48 -14.93 -17.20
CA VAL A 630 10.22 -14.19 -18.44
C VAL A 630 10.70 -15.05 -19.60
N LEU A 631 9.83 -15.27 -20.57
CA LEU A 631 10.12 -16.03 -21.77
C LEU A 631 10.02 -15.13 -22.99
N GLU A 632 11.01 -15.22 -23.88
CA GLU A 632 11.01 -14.47 -25.13
C GLU A 632 10.60 -15.40 -26.25
N LEU A 633 9.47 -15.11 -26.88
CA LEU A 633 8.93 -15.91 -27.99
C LEU A 633 9.10 -15.13 -29.28
N GLN A 634 9.82 -15.73 -30.23
CA GLN A 634 10.05 -15.13 -31.53
C GLN A 634 9.30 -15.96 -32.57
N MET A 635 8.31 -15.34 -33.22
CA MET A 635 7.50 -15.99 -34.23
C MET A 635 7.75 -15.35 -35.59
N ASP A 636 8.12 -16.15 -36.57
CA ASP A 636 8.34 -15.70 -37.94
C ASP A 636 7.27 -16.32 -38.83
N ALA A 637 6.52 -15.48 -39.53
CA ALA A 637 5.46 -15.91 -40.42
C ALA A 637 5.80 -15.49 -41.84
N ALA A 638 5.69 -16.43 -42.79
CA ALA A 638 5.99 -16.18 -44.19
C ALA A 638 4.82 -16.64 -45.04
N ASN A 639 4.68 -16.01 -46.20
CA ASN A 639 3.62 -16.33 -47.15
C ASN A 639 4.24 -16.72 -48.48
N GLU A 640 3.95 -17.94 -48.93
CA GLU A 640 4.42 -18.43 -50.21
C GLU A 640 3.35 -18.39 -51.29
N GLY A 641 2.08 -18.38 -50.91
CA GLY A 641 0.97 -18.29 -51.84
C GLY A 641 0.49 -16.87 -52.02
N GLU A 642 -0.80 -16.74 -52.31
CA GLU A 642 -1.40 -15.43 -52.51
C GLU A 642 -1.69 -14.76 -51.17
N GLY A 643 -2.02 -13.47 -51.24
CA GLY A 643 -2.21 -12.71 -50.01
C GLY A 643 -3.34 -13.30 -49.17
N ALA A 644 -3.11 -13.32 -47.86
CA ALA A 644 -4.08 -13.83 -46.90
C ALA A 644 -4.86 -12.66 -46.30
N TYR A 645 -6.18 -12.80 -46.26
CA TYR A 645 -7.06 -11.74 -45.78
C TYR A 645 -7.26 -11.88 -44.28
N GLU A 646 -7.09 -10.77 -43.55
CA GLU A 646 -7.25 -10.73 -42.10
C GLU A 646 -6.38 -11.79 -41.42
N ALA A 647 -5.07 -11.66 -41.62
CA ALA A 647 -4.10 -12.55 -41.01
C ALA A 647 -3.70 -12.02 -39.64
N GLU A 648 -3.85 -12.84 -38.61
CA GLU A 648 -3.47 -12.48 -37.26
C GLU A 648 -2.76 -13.64 -36.60
N LEU A 649 -1.99 -13.35 -35.56
CA LEU A 649 -1.26 -14.35 -34.80
C LEU A 649 -2.00 -14.61 -33.49
N ALA A 650 -2.47 -15.84 -33.31
CA ALA A 650 -3.17 -16.25 -32.11
C ALA A 650 -2.26 -17.11 -31.25
N VAL A 651 -2.12 -16.75 -29.98
CA VAL A 651 -1.24 -17.45 -29.05
C VAL A 651 -2.04 -17.81 -27.81
N HIS A 652 -2.00 -19.08 -27.44
CA HIS A 652 -2.61 -19.58 -26.21
C HIS A 652 -1.50 -19.95 -25.23
N LEU A 653 -1.56 -19.37 -24.04
CA LEU A 653 -0.56 -19.50 -23.00
C LEU A 653 -1.14 -20.21 -21.79
N PRO A 654 -0.30 -20.79 -20.93
CA PRO A 654 -0.82 -21.47 -19.74
C PRO A 654 -1.53 -20.52 -18.78
N GLN A 655 -2.07 -21.08 -17.69
CA GLN A 655 -2.86 -20.27 -16.77
C GLN A 655 -2.02 -19.15 -16.14
N GLY A 656 -0.79 -19.46 -15.76
CA GLY A 656 0.06 -18.50 -15.09
C GLY A 656 0.79 -17.52 -15.97
N ALA A 657 0.59 -17.59 -17.28
CA ALA A 657 1.27 -16.71 -18.22
C ALA A 657 0.52 -15.39 -18.39
N HIS A 658 1.24 -14.38 -18.85
CA HIS A 658 0.67 -13.06 -19.07
C HIS A 658 1.45 -12.37 -20.18
N TYR A 659 0.81 -11.38 -20.80
CA TYR A 659 1.38 -10.62 -21.91
C TYR A 659 1.84 -9.25 -21.42
N MET A 660 3.08 -8.90 -21.73
CA MET A 660 3.65 -7.62 -21.30
C MET A 660 4.04 -6.73 -22.48
N ARG A 661 4.83 -7.24 -23.43
CA ARG A 661 5.34 -6.41 -24.50
C ARG A 661 5.54 -7.27 -25.75
N ALA A 662 5.48 -6.61 -26.91
CA ALA A 662 5.71 -7.29 -28.18
C ALA A 662 6.19 -6.27 -29.20
N LEU A 663 7.30 -6.56 -29.85
CA LEU A 663 7.89 -5.72 -30.89
C LEU A 663 8.02 -6.48 -32.19
N SER A 664 8.29 -5.75 -33.26
CA SER A 664 8.50 -6.33 -34.59
C SER A 664 9.89 -5.96 -35.06
N ASN A 665 10.74 -6.97 -35.27
CA ASN A 665 12.10 -6.71 -35.73
C ASN A 665 12.11 -6.08 -37.12
N VAL A 666 11.26 -6.57 -38.01
CA VAL A 666 11.20 -6.05 -39.38
C VAL A 666 10.44 -4.73 -39.37
N GLU A 667 11.01 -3.72 -40.02
CA GLU A 667 10.38 -2.41 -40.15
C GLU A 667 10.43 -1.67 -38.81
N GLY A 668 10.75 -0.38 -38.86
CA GLY A 668 10.86 0.42 -37.66
C GLY A 668 9.63 1.24 -37.33
N PHE A 669 8.66 1.25 -38.26
CA PHE A 669 7.42 2.01 -38.08
C PHE A 669 6.20 1.15 -38.36
N GLU A 670 6.33 -0.17 -38.17
CA GLU A 670 5.20 -1.06 -38.37
C GLU A 670 4.08 -0.78 -37.37
N ARG A 671 4.44 -0.49 -36.12
CA ARG A 671 3.47 -0.21 -35.05
C ARG A 671 2.54 -1.41 -34.85
N LEU A 672 3.15 -2.55 -34.50
CA LEU A 672 2.39 -3.75 -34.23
C LEU A 672 1.52 -3.56 -33.00
N ILE A 673 0.31 -4.10 -33.04
CA ILE A 673 -0.66 -3.99 -31.96
C ILE A 673 -1.13 -5.39 -31.57
N CYS A 674 -1.14 -5.67 -30.28
CA CYS A 674 -1.60 -6.94 -29.74
C CYS A 674 -2.61 -6.69 -28.63
N ASN A 675 -3.51 -7.65 -28.45
CA ASN A 675 -4.49 -7.58 -27.37
C ASN A 675 -4.57 -8.94 -26.69
N GLN A 676 -5.00 -8.93 -25.43
CA GLN A 676 -5.13 -10.14 -24.63
C GLN A 676 -6.53 -10.20 -24.04
N LYS A 677 -7.18 -11.35 -24.18
CA LYS A 677 -8.55 -11.48 -23.69
C LYS A 677 -8.79 -12.91 -23.22
N LYS A 678 -9.70 -13.07 -22.26
CA LYS A 678 -10.05 -14.37 -21.72
C LYS A 678 -11.18 -14.96 -22.56
N GLU A 679 -10.91 -16.05 -23.26
CA GLU A 679 -11.94 -16.70 -24.06
C GLU A 679 -12.86 -17.55 -23.18
N ASN A 680 -12.32 -18.63 -22.62
CA ASN A 680 -13.05 -19.43 -21.63
C ASN A 680 -12.33 -19.44 -20.29
N GLU A 681 -11.06 -19.80 -20.25
CA GLU A 681 -10.29 -19.85 -19.01
C GLU A 681 -8.87 -19.30 -19.13
N THR A 682 -8.29 -19.26 -20.34
CA THR A 682 -6.92 -18.83 -20.55
C THR A 682 -6.91 -17.51 -21.31
N ARG A 683 -5.92 -16.68 -21.00
CA ARG A 683 -5.77 -15.38 -21.63
C ARG A 683 -5.11 -15.55 -22.99
N VAL A 684 -5.92 -15.61 -24.04
CA VAL A 684 -5.40 -15.75 -25.39
C VAL A 684 -4.98 -14.37 -25.90
N VAL A 685 -3.87 -14.34 -26.63
CA VAL A 685 -3.30 -13.11 -27.15
C VAL A 685 -3.43 -13.13 -28.66
N LEU A 686 -4.08 -12.11 -29.21
CA LEU A 686 -4.23 -11.95 -30.66
C LEU A 686 -3.45 -10.71 -31.09
N CYS A 687 -2.53 -10.90 -32.04
CA CYS A 687 -1.74 -9.81 -32.59
C CYS A 687 -2.17 -9.59 -34.04
N GLU A 688 -2.49 -8.34 -34.36
CA GLU A 688 -2.91 -7.97 -35.71
C GLU A 688 -1.66 -7.90 -36.59
N LEU A 689 -1.38 -8.98 -37.30
CA LEU A 689 -0.21 -9.01 -38.17
C LEU A 689 -0.32 -7.96 -39.27
N GLY A 690 -1.50 -7.82 -39.85
CA GLY A 690 -1.73 -6.84 -40.89
C GLY A 690 -2.87 -7.26 -41.80
N ASN A 691 -3.43 -6.27 -42.48
CA ASN A 691 -4.46 -6.49 -43.49
C ASN A 691 -3.85 -7.28 -44.64
N PRO A 692 -4.66 -7.68 -45.65
CA PRO A 692 -4.10 -8.42 -46.79
C PRO A 692 -2.74 -7.91 -47.24
N MET A 693 -1.74 -8.78 -47.18
CA MET A 693 -0.35 -8.41 -47.43
C MET A 693 0.05 -8.73 -48.86
N LYS A 694 1.22 -8.22 -49.24
CA LYS A 694 1.75 -8.45 -50.57
C LYS A 694 2.40 -9.82 -50.66
N LYS A 695 2.65 -10.26 -51.89
CA LYS A 695 3.26 -11.57 -52.11
C LYS A 695 4.67 -11.62 -51.53
N ASN A 696 5.02 -12.76 -50.95
CA ASN A 696 6.34 -12.98 -50.38
C ASN A 696 6.66 -11.95 -49.29
N ALA A 697 5.84 -11.98 -48.25
CA ALA A 697 5.99 -11.09 -47.09
C ALA A 697 6.31 -11.92 -45.87
N GLN A 698 7.39 -11.55 -45.16
CA GLN A 698 7.82 -12.23 -43.95
C GLN A 698 7.78 -11.24 -42.79
N ILE A 699 7.14 -11.63 -41.69
CA ILE A 699 6.99 -10.77 -40.52
C ILE A 699 7.49 -11.52 -39.30
N GLY A 700 8.35 -10.86 -38.52
CA GLY A 700 8.86 -11.44 -37.29
C GLY A 700 8.46 -10.63 -36.07
N ILE A 701 7.90 -11.32 -35.07
CA ILE A 701 7.41 -10.67 -33.85
C ILE A 701 8.10 -11.32 -32.65
N ALA A 702 8.68 -10.48 -31.79
CA ALA A 702 9.30 -10.93 -30.55
C ALA A 702 8.48 -10.41 -29.38
N MET A 703 7.99 -11.33 -28.54
CA MET A 703 7.10 -10.98 -27.44
C MET A 703 7.65 -11.53 -26.14
N LEU A 704 7.32 -10.84 -25.04
CA LEU A 704 7.73 -11.24 -23.70
C LEU A 704 6.52 -11.76 -22.94
N VAL A 705 6.67 -12.93 -22.33
CA VAL A 705 5.60 -13.57 -21.58
C VAL A 705 6.08 -13.77 -20.15
N SER A 706 5.30 -13.30 -19.18
CA SER A 706 5.63 -13.43 -17.77
C SER A 706 4.81 -14.57 -17.18
N VAL A 707 5.49 -15.53 -16.56
CA VAL A 707 4.86 -16.71 -15.97
C VAL A 707 4.88 -16.54 -14.46
N GLY A 708 3.70 -16.64 -13.85
CA GLY A 708 3.56 -16.51 -12.41
C GLY A 708 3.81 -17.82 -11.68
N ASN A 709 3.45 -17.82 -10.40
CA ASN A 709 3.64 -19.01 -9.59
C ASN A 709 2.87 -20.19 -10.16
N LEU A 710 3.52 -21.35 -10.21
CA LEU A 710 2.91 -22.56 -10.74
C LEU A 710 3.42 -23.76 -9.95
N GLU A 711 2.49 -24.55 -9.41
CA GLU A 711 2.84 -25.72 -8.63
C GLU A 711 2.19 -27.01 -9.15
N GLU A 712 1.23 -26.91 -10.07
CA GLU A 712 0.57 -28.09 -10.63
C GLU A 712 0.58 -28.10 -12.15
N ALA A 713 1.35 -27.22 -12.78
CA ALA A 713 1.40 -27.19 -14.24
C ALA A 713 2.05 -28.43 -14.82
N GLY A 714 2.78 -29.20 -14.02
CA GLY A 714 3.44 -30.40 -14.48
C GLY A 714 4.92 -30.17 -14.72
N GLU A 715 5.54 -31.18 -15.32
CA GLU A 715 6.98 -31.13 -15.59
C GLU A 715 7.31 -29.98 -16.54
N SER A 716 6.50 -29.80 -17.58
CA SER A 716 6.73 -28.76 -18.57
C SER A 716 5.42 -28.06 -18.90
N VAL A 717 5.55 -26.83 -19.39
CA VAL A 717 4.40 -26.04 -19.80
C VAL A 717 4.31 -26.05 -21.32
N SER A 718 3.12 -25.77 -21.84
CA SER A 718 2.84 -25.83 -23.27
C SER A 718 2.28 -24.49 -23.75
N PHE A 719 2.74 -24.06 -24.92
CA PHE A 719 2.27 -22.86 -25.58
C PHE A 719 1.81 -23.22 -26.98
N GLN A 720 0.69 -22.63 -27.42
CA GLN A 720 0.14 -22.88 -28.74
C GLN A 720 0.19 -21.59 -29.56
N LEU A 721 0.58 -21.73 -30.82
CA LEU A 721 0.66 -20.59 -31.74
C LEU A 721 0.03 -20.99 -33.07
N GLN A 722 -0.73 -20.07 -33.66
CA GLN A 722 -1.41 -20.35 -34.92
C GLN A 722 -1.65 -19.04 -35.67
N ILE A 723 -1.93 -19.17 -36.96
CA ILE A 723 -2.27 -18.04 -37.81
C ILE A 723 -3.76 -18.13 -38.13
N ARG A 724 -4.48 -17.05 -37.86
CA ARG A 724 -5.92 -16.98 -38.07
C ARG A 724 -6.21 -16.10 -39.28
N SER A 725 -6.99 -16.62 -40.21
CA SER A 725 -7.37 -15.89 -41.42
C SER A 725 -8.83 -16.18 -41.73
N LYS A 726 -9.47 -15.22 -42.41
CA LYS A 726 -10.87 -15.34 -42.78
C LYS A 726 -11.07 -15.93 -44.18
N ASN A 727 -9.98 -16.32 -44.85
CA ASN A 727 -10.11 -16.88 -46.19
C ASN A 727 -10.86 -18.21 -46.15
N SER A 728 -11.70 -18.44 -47.16
CA SER A 728 -12.45 -19.68 -47.22
C SER A 728 -11.53 -20.89 -47.32
N GLN A 729 -10.48 -20.79 -48.13
CA GLN A 729 -9.53 -21.87 -48.33
C GLN A 729 -8.32 -21.65 -47.43
N ASN A 730 -7.90 -22.70 -46.73
CA ASN A 730 -6.78 -22.64 -45.81
C ASN A 730 -6.97 -21.52 -44.78
N PRO A 731 -8.06 -21.56 -44.01
CA PRO A 731 -8.29 -20.50 -43.02
C PRO A 731 -7.19 -20.39 -41.98
N ASN A 732 -6.59 -21.51 -41.60
CA ASN A 732 -5.53 -21.53 -40.59
C ASN A 732 -4.36 -22.37 -41.07
N SER A 733 -3.18 -22.03 -40.58
CA SER A 733 -1.97 -22.77 -40.91
C SER A 733 -1.77 -23.91 -39.92
N LYS A 734 -0.64 -24.61 -40.01
CA LYS A 734 -0.36 -25.70 -39.10
C LYS A 734 -0.22 -25.18 -37.66
N ILE A 735 -0.80 -25.91 -36.72
CA ILE A 735 -0.72 -25.53 -35.31
C ILE A 735 0.68 -25.78 -34.79
N VAL A 736 1.24 -24.80 -34.09
CA VAL A 736 2.59 -24.88 -33.55
C VAL A 736 2.48 -25.07 -32.04
N LEU A 737 3.13 -26.10 -31.52
CA LEU A 737 3.14 -26.41 -30.10
C LEU A 737 4.57 -26.33 -29.58
N LEU A 738 4.76 -25.58 -28.50
CA LEU A 738 6.08 -25.40 -27.89
C LEU A 738 6.03 -25.88 -26.45
N ASP A 739 6.99 -26.74 -26.08
CA ASP A 739 7.08 -27.28 -24.73
C ASP A 739 8.29 -26.68 -24.04
N VAL A 740 8.06 -26.02 -22.92
CA VAL A 740 9.10 -25.38 -22.13
C VAL A 740 9.24 -26.16 -20.83
N PRO A 741 10.39 -26.81 -20.57
CA PRO A 741 10.53 -27.55 -19.32
C PRO A 741 10.60 -26.62 -18.11
N VAL A 742 10.21 -27.17 -16.97
CA VAL A 742 10.23 -26.44 -15.70
C VAL A 742 11.12 -27.20 -14.73
N ARG A 743 12.09 -26.49 -14.14
CA ARG A 743 13.01 -27.07 -13.17
C ARG A 743 13.10 -26.15 -11.96
N ALA A 744 13.10 -26.74 -10.78
CA ALA A 744 13.12 -26.00 -9.52
C ALA A 744 14.51 -26.08 -8.91
N GLU A 745 15.06 -24.92 -8.57
CA GLU A 745 16.38 -24.84 -7.94
C GLU A 745 16.40 -23.62 -7.02
N ALA A 746 17.04 -23.78 -5.86
CA ALA A 746 17.13 -22.72 -4.87
C ALA A 746 18.57 -22.62 -4.37
N GLN A 747 18.97 -21.39 -4.05
CA GLN A 747 20.31 -21.11 -3.54
C GLN A 747 20.19 -20.57 -2.12
N VAL A 748 20.98 -21.14 -1.21
CA VAL A 748 20.99 -20.74 0.20
C VAL A 748 22.40 -20.26 0.53
N GLU A 749 22.48 -19.09 1.15
CA GLU A 749 23.76 -18.44 1.46
C GLU A 749 24.01 -18.50 2.96
N LEU A 750 25.23 -18.89 3.34
CA LEU A 750 25.66 -18.94 4.73
C LEU A 750 26.76 -17.91 4.92
N ARG A 751 26.59 -17.04 5.92
CA ARG A 751 27.57 -16.03 6.27
C ARG A 751 27.89 -16.13 7.76
N GLY A 752 29.09 -15.70 8.12
CA GLY A 752 29.51 -15.74 9.51
C GLY A 752 30.38 -14.54 9.84
N ASN A 753 30.30 -14.11 11.09
CA ASN A 753 31.08 -12.97 11.54
C ASN A 753 31.35 -13.08 13.03
N SER A 754 32.55 -12.65 13.45
CA SER A 754 32.97 -12.70 14.84
C SER A 754 33.20 -11.27 15.33
N PHE A 755 32.68 -10.97 16.52
CA PHE A 755 32.87 -9.67 17.14
C PHE A 755 33.50 -9.84 18.52
N PRO A 756 34.39 -8.93 18.93
CA PRO A 756 34.90 -7.77 18.19
C PRO A 756 35.91 -8.17 17.11
N ALA A 757 36.07 -7.37 16.06
CA ALA A 757 37.01 -7.72 15.00
C ALA A 757 38.43 -7.80 15.54
N SER A 758 38.82 -6.84 16.37
CA SER A 758 40.14 -6.83 17.00
C SER A 758 39.95 -6.74 18.50
N LEU A 759 40.64 -7.60 19.25
CA LEU A 759 40.53 -7.68 20.69
C LEU A 759 41.92 -7.67 21.30
N VAL A 760 42.10 -6.86 22.34
CA VAL A 760 43.37 -6.73 23.04
C VAL A 760 43.16 -7.14 24.49
N VAL A 761 44.05 -7.99 24.99
CA VAL A 761 43.99 -8.50 26.36
C VAL A 761 45.22 -8.01 27.11
N ALA A 762 45.02 -7.42 28.28
CA ALA A 762 46.10 -6.91 29.09
C ALA A 762 46.62 -8.01 30.02
N ALA A 763 47.64 -7.67 30.80
CA ALA A 763 48.24 -8.62 31.74
C ALA A 763 48.98 -7.89 32.85
N SER A 775 38.84 -16.82 36.70
CA SER A 775 38.09 -15.58 36.49
C SER A 775 37.41 -15.59 35.12
N TRP A 776 36.89 -14.43 34.72
CA TRP A 776 36.19 -14.27 33.46
C TRP A 776 36.92 -13.27 32.59
N GLY A 777 37.13 -13.63 31.32
CA GLY A 777 37.82 -12.78 30.37
C GLY A 777 36.87 -12.01 29.48
N PRO A 778 37.42 -11.34 28.48
CA PRO A 778 36.56 -10.55 27.58
C PRO A 778 35.62 -11.44 26.78
N LYS A 779 34.46 -10.87 26.45
CA LYS A 779 33.44 -11.60 25.71
C LYS A 779 33.71 -11.55 24.21
N VAL A 780 33.38 -12.65 23.53
CA VAL A 780 33.48 -12.75 22.08
C VAL A 780 32.24 -13.47 21.58
N GLU A 781 31.66 -12.96 20.50
CA GLU A 781 30.42 -13.50 19.96
C GLU A 781 30.59 -13.83 18.48
N HIS A 782 30.28 -15.07 18.11
CA HIS A 782 30.30 -15.50 16.72
C HIS A 782 28.88 -15.76 16.25
N THR A 783 28.50 -15.16 15.13
CA THR A 783 27.14 -15.22 14.61
C THR A 783 27.17 -15.77 13.19
N TYR A 784 26.32 -16.76 12.93
CA TYR A 784 26.16 -17.36 11.60
C TYR A 784 24.71 -17.20 11.15
N GLU A 785 24.55 -16.80 9.89
CA GLU A 785 23.23 -16.57 9.31
C GLU A 785 23.08 -17.40 8.04
N LEU A 786 21.97 -18.12 7.94
CA LEU A 786 21.59 -18.85 6.74
C LEU A 786 20.35 -18.20 6.14
N HIS A 787 20.45 -17.82 4.87
CA HIS A 787 19.36 -17.14 4.17
C HIS A 787 19.02 -17.89 2.90
N ASN A 788 17.73 -18.15 2.69
CA ASN A 788 17.25 -18.80 1.47
C ASN A 788 16.94 -17.72 0.42
N ASN A 789 18.03 -17.17 -0.15
CA ASN A 789 17.88 -16.09 -1.11
C ASN A 789 17.15 -16.55 -2.38
N GLY A 790 17.30 -17.84 -2.73
CA GLY A 790 16.69 -18.36 -3.94
C GLY A 790 15.17 -18.27 -3.89
N PRO A 791 14.53 -18.05 -5.05
CA PRO A 791 13.06 -18.02 -5.06
C PRO A 791 12.43 -19.32 -4.60
N GLY A 792 13.11 -20.44 -4.77
CA GLY A 792 12.55 -21.73 -4.43
C GLY A 792 12.60 -22.02 -2.94
N THR A 793 12.24 -23.25 -2.60
CA THR A 793 12.18 -23.71 -1.22
C THR A 793 13.02 -24.97 -1.08
N VAL A 794 13.53 -25.20 0.13
CA VAL A 794 14.39 -26.34 0.42
C VAL A 794 13.86 -27.07 1.64
N ASN A 795 14.23 -28.34 1.75
CA ASN A 795 13.85 -29.19 2.86
C ASN A 795 15.06 -29.98 3.34
N GLY A 796 15.00 -30.41 4.60
CA GLY A 796 16.10 -31.16 5.18
C GLY A 796 17.38 -30.36 5.27
N LEU A 797 17.28 -29.09 5.64
CA LEU A 797 18.45 -28.24 5.77
C LEU A 797 19.30 -28.71 6.95
N HIS A 798 20.55 -29.07 6.68
CA HIS A 798 21.47 -29.56 7.70
C HIS A 798 22.72 -28.68 7.72
N LEU A 799 23.19 -28.38 8.92
CA LEU A 799 24.40 -27.59 9.10
C LEU A 799 25.23 -28.18 10.22
N SER A 800 26.56 -28.08 10.07
CA SER A 800 27.51 -28.54 11.08
C SER A 800 28.56 -27.46 11.26
N ILE A 801 28.74 -27.01 12.50
CA ILE A 801 29.74 -25.99 12.82
C ILE A 801 30.77 -26.62 13.75
N HIS A 802 32.03 -26.55 13.35
CA HIS A 802 33.15 -27.12 14.08
C HIS A 802 34.01 -25.99 14.64
N LEU A 803 34.32 -26.09 15.94
CA LEU A 803 35.12 -25.11 16.65
C LEU A 803 36.22 -25.81 17.43
N PRO A 804 37.39 -25.17 17.60
CA PRO A 804 38.41 -25.75 18.47
C PRO A 804 37.96 -25.77 19.93
N GLY A 805 38.46 -26.77 20.65
CA GLY A 805 38.17 -26.91 22.06
C GLY A 805 36.97 -27.80 22.33
N GLN A 806 36.91 -28.32 23.56
CA GLN A 806 35.83 -29.19 24.01
C GLN A 806 35.12 -28.62 25.23
N SER A 807 35.20 -27.31 25.46
CA SER A 807 34.55 -26.66 26.58
C SER A 807 35.03 -27.25 27.91
N GLN A 808 36.33 -27.14 28.13
CA GLN A 808 37.00 -27.63 29.33
C GLN A 808 37.93 -26.55 29.85
N PRO A 809 38.27 -26.60 31.15
CA PRO A 809 39.19 -25.58 31.68
C PRO A 809 40.52 -25.53 30.94
N SER A 810 41.04 -26.68 30.52
CA SER A 810 42.30 -26.69 29.78
C SER A 810 42.15 -26.05 28.41
N ASP A 811 40.94 -26.06 27.85
CA ASP A 811 40.73 -25.48 26.53
C ASP A 811 41.00 -23.98 26.56
N LEU A 812 41.58 -23.47 25.47
CA LEU A 812 41.91 -22.06 25.40
C LEU A 812 40.66 -21.19 25.48
N LEU A 813 39.60 -21.58 24.77
CA LEU A 813 38.34 -20.85 24.75
C LEU A 813 37.24 -21.70 25.37
N TYR A 814 36.37 -21.05 26.14
CA TYR A 814 35.27 -21.71 26.84
C TYR A 814 33.96 -21.19 26.28
N ILE A 815 33.11 -22.11 25.79
CA ILE A 815 31.84 -21.74 25.18
C ILE A 815 30.87 -21.40 26.31
N LEU A 816 30.61 -20.11 26.51
CA LEU A 816 29.71 -19.70 27.58
C LEU A 816 28.26 -20.08 27.27
N ASP A 817 27.80 -19.79 26.05
CA ASP A 817 26.41 -20.06 25.73
C ASP A 817 26.22 -20.11 24.22
N ILE A 818 25.12 -20.73 23.80
CA ILE A 818 24.73 -20.82 22.40
C ILE A 818 23.22 -20.56 22.31
N GLN A 819 22.82 -19.76 21.32
CA GLN A 819 21.42 -19.40 21.11
C GLN A 819 21.07 -19.59 19.64
N PRO A 820 20.13 -20.47 19.31
CA PRO A 820 19.58 -20.50 17.95
C PRO A 820 18.32 -19.66 17.83
N GLN A 821 18.04 -19.26 16.59
CA GLN A 821 16.86 -18.47 16.28
C GLN A 821 16.37 -18.82 14.88
N GLY A 822 15.06 -19.00 14.75
CA GLY A 822 14.45 -19.37 13.48
C GLY A 822 13.77 -20.73 13.49
N GLY A 823 13.68 -21.41 14.63
CA GLY A 823 13.05 -22.71 14.69
C GLY A 823 13.97 -23.88 14.42
N LEU A 824 15.20 -23.63 14.00
CA LEU A 824 16.15 -24.71 13.76
C LEU A 824 16.49 -25.43 15.06
N GLN A 825 16.61 -26.75 14.99
CA GLN A 825 16.94 -27.58 16.14
C GLN A 825 18.44 -27.85 16.12
N CYS A 826 19.17 -27.30 17.10
CA CYS A 826 20.62 -27.44 17.18
C CYS A 826 20.99 -28.20 18.44
N PHE A 827 21.97 -29.09 18.31
CA PHE A 827 22.51 -29.81 19.46
C PHE A 827 24.03 -29.87 19.33
N PRO A 828 24.78 -29.59 20.41
CA PRO A 828 26.24 -29.66 20.35
C PRO A 828 26.77 -31.02 20.80
N GLN A 829 28.06 -31.23 20.53
CA GLN A 829 28.77 -32.40 20.99
C GLN A 829 30.27 -32.13 20.99
N PRO A 830 30.97 -32.26 22.13
CA PRO A 830 30.47 -32.62 23.47
C PRO A 830 29.60 -31.51 24.07
N PRO A 831 29.01 -31.74 25.24
CA PRO A 831 28.18 -30.70 25.85
C PRO A 831 28.97 -29.42 26.07
N VAL A 832 28.30 -28.28 25.86
CA VAL A 832 28.92 -26.97 25.95
C VAL A 832 28.59 -26.35 27.31
N ASN A 833 29.55 -25.62 27.86
CA ASN A 833 29.36 -24.95 29.14
C ASN A 833 29.03 -25.95 30.24
N PRO A 834 29.96 -26.84 30.60
CA PRO A 834 29.65 -27.80 31.68
C PRO A 834 29.29 -27.12 32.99
N LEU A 835 29.92 -26.00 33.31
CA LEU A 835 29.63 -25.27 34.53
C LEU A 835 28.50 -24.28 34.29
N LYS A 836 27.69 -24.06 35.34
CA LYS A 836 26.58 -23.12 35.22
C LYS A 836 27.08 -21.72 34.92
N VAL A 837 28.11 -21.27 35.62
CA VAL A 837 28.69 -19.95 35.39
C VAL A 837 27.62 -18.89 35.59
N ASP A 838 27.45 -18.42 36.82
CA ASP A 838 26.46 -17.39 37.15
C ASP A 838 27.04 -16.02 36.79
N TRP A 839 27.16 -15.79 35.48
CA TRP A 839 27.69 -14.52 34.98
C TRP A 839 27.51 -14.43 33.47
N ASP A 874 54.18 -13.83 13.98
CA ASP A 874 53.90 -15.17 13.49
C ASP A 874 52.54 -15.66 14.00
N PRO A 875 51.47 -15.32 13.29
CA PRO A 875 50.14 -15.76 13.72
C PRO A 875 50.06 -17.28 13.80
N VAL A 876 49.33 -17.77 14.79
CA VAL A 876 49.15 -19.20 15.02
C VAL A 876 47.69 -19.54 14.71
N LEU A 877 47.49 -20.54 13.84
CA LEU A 877 46.16 -20.94 13.41
C LEU A 877 45.71 -22.17 14.18
N VAL A 878 44.54 -22.08 14.81
CA VAL A 878 43.96 -23.17 15.58
C VAL A 878 42.61 -23.50 14.96
N SER A 879 42.40 -24.78 14.64
CA SER A 879 41.17 -25.21 14.00
C SER A 879 40.74 -26.55 14.59
N CYS A 880 39.53 -26.98 14.20
CA CYS A 880 39.00 -28.25 14.68
C CYS A 880 39.87 -29.43 14.25
N ASP A 881 40.56 -29.30 13.11
CA ASP A 881 41.35 -30.41 12.61
C ASP A 881 42.47 -30.79 13.58
N SER A 882 43.17 -29.80 14.11
CA SER A 882 44.30 -30.05 15.00
C SER A 882 43.88 -30.02 16.47
N ALA A 883 43.33 -28.89 16.91
CA ALA A 883 42.89 -28.76 18.29
C ALA A 883 41.63 -29.58 18.53
N PRO A 884 41.30 -29.84 19.79
CA PRO A 884 40.08 -30.61 20.08
C PRO A 884 38.87 -29.98 19.42
N CYS A 885 38.00 -30.83 18.87
CA CYS A 885 36.92 -30.38 18.00
C CYS A 885 35.59 -30.50 18.73
N THR A 886 34.81 -29.43 18.70
CA THR A 886 33.43 -29.42 19.16
C THR A 886 32.54 -29.15 17.95
N VAL A 887 31.57 -30.05 17.71
CA VAL A 887 30.72 -29.99 16.53
C VAL A 887 29.29 -29.78 16.99
N VAL A 888 28.64 -28.75 16.46
CA VAL A 888 27.23 -28.48 16.73
C VAL A 888 26.45 -28.70 15.44
N GLN A 889 25.42 -29.54 15.51
CA GLN A 889 24.62 -29.91 14.35
C GLN A 889 23.25 -29.26 14.46
N CYS A 890 22.84 -28.59 13.39
CA CYS A 890 21.54 -27.92 13.31
C CYS A 890 20.73 -28.51 12.16
N ASP A 891 19.45 -28.71 12.40
CA ASP A 891 18.54 -29.30 11.43
C ASP A 891 17.29 -28.45 11.30
N LEU A 892 16.76 -28.41 10.07
CA LEU A 892 15.52 -27.69 9.77
C LEU A 892 14.75 -28.50 8.74
N GLN A 893 13.64 -29.11 9.17
CA GLN A 893 12.81 -29.88 8.24
C GLN A 893 12.22 -28.98 7.16
N GLU A 894 11.76 -27.79 7.54
CA GLU A 894 11.15 -26.85 6.62
C GLU A 894 11.90 -25.52 6.68
N MET A 895 12.06 -24.89 5.51
CA MET A 895 12.76 -23.61 5.41
C MET A 895 12.08 -22.81 4.30
N ALA A 896 11.13 -21.96 4.69
CA ALA A 896 10.37 -21.18 3.73
C ALA A 896 11.25 -20.08 3.12
N ARG A 897 10.88 -19.67 1.91
CA ARG A 897 11.62 -18.63 1.22
C ARG A 897 11.52 -17.31 1.99
N GLY A 898 12.66 -16.63 2.13
CA GLY A 898 12.73 -15.37 2.81
C GLY A 898 13.08 -15.44 4.28
N GLN A 899 12.94 -16.61 4.90
CA GLN A 899 13.29 -16.77 6.30
C GLN A 899 14.80 -16.87 6.47
N ARG A 900 15.29 -16.41 7.62
CA ARG A 900 16.70 -16.44 7.95
C ARG A 900 16.90 -17.13 9.29
N ALA A 901 17.86 -18.05 9.34
CA ALA A 901 18.18 -18.79 10.55
C ALA A 901 19.48 -18.26 11.14
N MET A 902 19.47 -17.94 12.43
CA MET A 902 20.62 -17.35 13.11
C MET A 902 21.12 -18.30 14.19
N VAL A 903 22.44 -18.38 14.33
CA VAL A 903 23.09 -19.13 15.40
C VAL A 903 24.16 -18.24 16.01
N THR A 904 24.04 -17.97 17.30
CA THR A 904 25.00 -17.13 18.00
C THR A 904 25.67 -17.95 19.11
N VAL A 905 26.98 -17.76 19.26
CA VAL A 905 27.73 -18.41 20.33
C VAL A 905 28.55 -17.35 21.04
N LEU A 906 28.38 -17.28 22.37
CA LEU A 906 29.11 -16.36 23.22
C LEU A 906 30.13 -17.14 24.03
N ALA A 907 31.37 -16.65 24.03
CA ALA A 907 32.47 -17.33 24.71
C ALA A 907 33.46 -16.29 25.22
N PHE A 908 34.56 -16.77 25.78
CA PHE A 908 35.62 -15.90 26.27
C PHE A 908 36.93 -16.66 26.25
N LEU A 909 38.03 -15.91 26.34
CA LEU A 909 39.37 -16.48 26.35
C LEU A 909 39.75 -16.85 27.77
N TRP A 910 40.16 -18.11 27.96
CA TRP A 910 40.51 -18.61 29.28
C TRP A 910 41.70 -17.86 29.85
N LEU A 911 41.47 -17.05 30.89
CA LEU A 911 42.54 -16.25 31.46
C LEU A 911 43.69 -17.09 32.01
N PRO A 912 43.46 -18.19 32.74
CA PRO A 912 44.60 -19.02 33.17
C PRO A 912 45.46 -19.49 32.02
N SER A 913 44.85 -19.86 30.89
CA SER A 913 45.61 -20.22 29.70
C SER A 913 46.16 -18.99 28.99
N LEU A 914 45.47 -17.85 29.09
CA LEU A 914 45.97 -16.63 28.48
C LEU A 914 47.29 -16.21 29.11
N TYR A 915 47.40 -16.36 30.43
CA TYR A 915 48.63 -15.96 31.11
C TYR A 915 49.82 -16.75 30.60
N GLN A 916 49.66 -18.06 30.41
CA GLN A 916 50.75 -18.89 29.92
C GLN A 916 51.09 -18.51 28.49
N ARG A 917 52.40 -18.51 28.18
CA ARG A 917 52.94 -18.17 26.87
C ARG A 917 52.17 -17.02 26.25
N PRO A 918 52.23 -15.82 26.82
CA PRO A 918 51.49 -14.68 26.26
C PRO A 918 52.18 -14.00 25.10
N LEU A 919 53.34 -14.48 24.68
CA LEU A 919 54.12 -13.86 23.61
C LEU A 919 53.83 -14.45 22.24
N ASP A 920 52.88 -15.37 22.14
CA ASP A 920 52.52 -16.02 20.88
C ASP A 920 51.16 -15.53 20.42
N GLN A 921 51.09 -15.12 19.15
CA GLN A 921 49.83 -14.66 18.60
C GLN A 921 48.82 -15.80 18.51
N PHE A 922 47.54 -15.46 18.61
CA PHE A 922 46.46 -16.43 18.61
C PHE A 922 45.49 -16.09 17.49
N VAL A 923 45.18 -17.08 16.65
CA VAL A 923 44.18 -16.93 15.59
C VAL A 923 43.33 -18.18 15.53
N LEU A 924 42.12 -18.10 16.08
CA LEU A 924 41.21 -19.25 16.11
C LEU A 924 40.31 -19.24 14.88
N GLN A 925 39.87 -20.43 14.49
CA GLN A 925 39.05 -20.62 13.29
C GLN A 925 37.84 -21.46 13.62
N SER A 926 36.73 -21.17 12.94
CA SER A 926 35.49 -21.92 13.05
C SER A 926 34.98 -22.21 11.66
N HIS A 927 34.55 -23.45 11.42
CA HIS A 927 34.19 -23.92 10.07
C HIS A 927 32.75 -24.38 10.05
N ALA A 928 31.95 -23.80 9.17
CA ALA A 928 30.54 -24.17 9.02
C ALA A 928 30.33 -24.80 7.64
N TRP A 929 29.69 -25.96 7.62
CA TRP A 929 29.35 -26.65 6.39
C TRP A 929 27.86 -26.99 6.41
N PHE A 930 27.13 -26.55 5.38
CA PHE A 930 25.69 -26.77 5.34
C PHE A 930 25.27 -27.23 3.95
N ASN A 931 24.20 -28.03 3.92
CA ASN A 931 23.63 -28.54 2.69
C ASN A 931 22.16 -28.87 2.95
N VAL A 932 21.50 -29.47 1.96
CA VAL A 932 20.09 -29.84 2.05
C VAL A 932 19.92 -31.26 1.55
N SER A 933 18.77 -31.85 1.88
CA SER A 933 18.45 -33.22 1.51
C SER A 933 17.57 -33.28 0.26
N SER A 934 16.42 -32.62 0.29
CA SER A 934 15.48 -32.64 -0.82
C SER A 934 14.77 -31.30 -0.90
N LEU A 935 13.85 -31.19 -1.86
CA LEU A 935 13.09 -29.97 -2.10
C LEU A 935 11.61 -30.30 -2.14
N PRO A 936 10.74 -29.31 -1.81
CA PRO A 936 9.29 -29.54 -1.83
C PRO A 936 8.67 -29.29 -3.20
N TYR A 937 9.20 -29.94 -4.23
CA TYR A 937 8.72 -29.77 -5.59
C TYR A 937 8.66 -31.12 -6.29
N ALA A 938 7.75 -31.22 -7.26
CA ALA A 938 7.57 -32.48 -7.98
C ALA A 938 8.81 -32.83 -8.79
N VAL A 939 9.45 -31.84 -9.40
CA VAL A 939 10.58 -32.07 -10.30
C VAL A 939 11.75 -32.61 -9.48
N PRO A 940 12.26 -33.80 -9.79
CA PRO A 940 13.43 -34.32 -9.06
C PRO A 940 14.63 -33.39 -9.16
N PRO A 941 14.87 -32.76 -10.31
CA PRO A 941 16.08 -31.94 -10.44
C PRO A 941 16.06 -30.75 -9.49
N LEU A 942 17.24 -30.34 -9.03
CA LEU A 942 18.55 -30.98 -9.19
C LEU A 942 19.47 -30.70 -8.00
N SER A 943 19.45 -31.59 -7.02
CA SER A 943 20.34 -31.54 -5.87
C SER A 943 20.49 -30.10 -5.36
N LEU A 944 21.69 -29.75 -4.90
CA LEU A 944 22.02 -28.38 -4.48
C LEU A 944 21.17 -27.94 -3.30
N PRO A 945 21.59 -26.93 -2.54
CA PRO A 945 22.85 -26.18 -2.62
C PRO A 945 23.84 -26.56 -1.52
N ARG A 946 25.14 -26.45 -1.79
CA ARG A 946 26.16 -26.66 -0.78
C ARG A 946 26.62 -25.31 -0.21
N GLY A 947 27.34 -25.37 0.90
CA GLY A 947 27.86 -24.15 1.49
C GLY A 947 28.96 -24.35 2.52
N GLU A 948 30.05 -23.61 2.35
CA GLU A 948 31.18 -23.61 3.28
C GLU A 948 31.45 -22.19 3.74
N ALA A 949 31.74 -22.04 5.03
CA ALA A 949 32.05 -20.75 5.62
C ALA A 949 33.16 -20.91 6.65
N GLN A 950 34.06 -19.94 6.69
CA GLN A 950 35.16 -19.93 7.66
C GLN A 950 35.17 -18.59 8.38
N VAL A 951 35.27 -18.63 9.70
CA VAL A 951 35.33 -17.44 10.54
C VAL A 951 36.64 -17.46 11.30
N TRP A 952 37.43 -16.41 11.14
CA TRP A 952 38.73 -16.29 11.80
C TRP A 952 38.69 -15.14 12.80
N THR A 953 39.13 -15.41 14.03
CA THR A 953 39.22 -14.39 15.08
C THR A 953 40.65 -14.36 15.60
N GLN A 954 41.28 -13.20 15.51
CA GLN A 954 42.67 -13.03 15.91
C GLN A 954 42.76 -12.13 17.14
N LEU A 955 43.65 -12.49 18.06
CA LEU A 955 43.86 -11.75 19.30
C LEU A 955 45.22 -11.08 19.27
N LEU A 956 45.30 -9.88 19.83
CA LEU A 956 46.52 -9.08 19.85
C LEU A 956 46.86 -8.70 21.27
N ARG A 957 48.16 -8.49 21.51
CA ARG A 957 48.67 -8.06 22.80
C ARG A 957 49.50 -6.80 22.61
N ALA A 958 49.58 -6.00 23.68
CA ALA A 958 50.22 -4.70 23.63
C ALA A 958 51.73 -4.87 23.70
N LEU A 959 52.41 -4.71 22.56
CA LEU A 959 53.87 -4.69 22.50
C LEU A 959 54.46 -5.96 23.11
N GLU A 960 54.18 -7.07 22.43
CA GLU A 960 54.70 -8.37 22.87
C GLU A 960 56.19 -8.27 23.19
N GLU A 961 56.62 -9.12 24.11
CA GLU A 961 58.01 -9.16 24.55
C GLU A 961 58.83 -10.21 23.79
N ARG A 962 58.50 -10.47 22.53
CA ARG A 962 59.26 -11.42 21.74
C ARG A 962 60.70 -10.93 21.58
N ALA A 963 61.62 -11.88 21.41
CA ALA A 963 63.03 -11.55 21.28
C ALA A 963 63.27 -10.71 20.04
N ILE A 964 63.55 -9.43 20.23
CA ILE A 964 63.81 -8.54 19.09
C ILE A 964 65.05 -9.07 18.35
N PRO A 965 65.07 -9.08 17.01
CA PRO A 965 66.21 -9.67 16.30
C PRO A 965 67.50 -8.89 16.48
N ILE A 966 68.02 -8.84 17.70
CA ILE A 966 69.34 -8.25 17.94
C ILE A 966 70.45 -9.10 17.36
N TRP A 967 70.17 -10.35 16.98
CA TRP A 967 71.20 -11.19 16.40
C TRP A 967 71.82 -10.55 15.17
N TRP A 968 71.00 -9.87 14.36
CA TRP A 968 71.54 -9.12 13.24
C TRP A 968 72.45 -7.99 13.73
N VAL A 969 72.06 -7.32 14.81
CA VAL A 969 72.90 -6.26 15.38
C VAL A 969 74.22 -6.85 15.86
N LEU A 970 74.18 -8.01 16.52
CA LEU A 970 75.41 -8.64 16.97
C LEU A 970 76.30 -9.03 15.79
N VAL A 971 75.70 -9.55 14.72
CA VAL A 971 76.47 -9.92 13.54
C VAL A 971 77.12 -8.69 12.92
N GLY A 972 76.38 -7.58 12.83
CA GLY A 972 76.95 -6.36 12.29
C GLY A 972 78.09 -5.83 13.15
N VAL A 973 77.91 -5.87 14.47
CA VAL A 973 78.97 -5.43 15.37
C VAL A 973 80.21 -6.30 15.21
N LEU A 974 80.02 -7.61 15.12
CA LEU A 974 81.15 -8.51 14.94
C LEU A 974 81.86 -8.24 13.62
N GLY A 975 81.09 -8.01 12.55
CA GLY A 975 81.72 -7.69 11.27
C GLY A 975 82.51 -6.40 11.32
N GLY A 976 81.94 -5.37 11.95
CA GLY A 976 82.68 -4.12 12.09
C GLY A 976 83.94 -4.28 12.91
N LEU A 977 83.87 -5.05 14.00
CA LEU A 977 85.05 -5.30 14.82
C LEU A 977 86.12 -6.05 14.02
N LEU A 978 85.70 -7.05 13.23
CA LEU A 978 86.67 -7.79 12.41
C LEU A 978 87.31 -6.87 11.38
N LEU A 979 86.50 -6.01 10.74
CA LEU A 979 87.06 -5.07 9.76
C LEU A 979 88.06 -4.14 10.42
N LEU A 980 87.72 -3.60 11.59
CA LEU A 980 88.64 -2.70 12.29
C LEU A 980 89.92 -3.43 12.66
N THR A 981 89.81 -4.67 13.17
CA THR A 981 90.99 -5.41 13.58
C THR A 981 91.90 -5.72 12.40
N ILE A 982 91.31 -6.14 11.27
CA ILE A 982 92.13 -6.47 10.11
C ILE A 982 92.77 -5.21 9.54
N LEU A 983 92.05 -4.09 9.52
CA LEU A 983 92.64 -2.85 9.06
C LEU A 983 93.79 -2.42 9.95
N VAL A 984 93.63 -2.54 11.27
CA VAL A 984 94.69 -2.17 12.20
C VAL A 984 95.90 -3.07 11.99
N LEU A 985 95.68 -4.37 11.84
CA LEU A 985 96.79 -5.28 11.62
C LEU A 985 97.52 -4.97 10.32
N ALA A 986 96.77 -4.69 9.25
CA ALA A 986 97.39 -4.38 7.96
C ALA A 986 98.21 -3.10 8.04
N MET A 987 97.67 -2.07 8.69
CA MET A 987 98.37 -0.79 8.77
C MET A 987 99.50 -0.78 9.80
N TRP A 988 99.52 -1.77 10.71
CA TRP A 988 100.58 -1.84 11.71
C TRP A 988 101.73 -2.74 11.27
N LYS A 989 101.43 -3.89 10.66
CA LYS A 989 102.49 -4.78 10.23
C LYS A 989 103.27 -4.19 9.05
N VAL A 990 102.57 -3.48 8.16
CA VAL A 990 103.25 -2.85 7.03
C VAL A 990 104.22 -1.78 7.53
N GLY A 991 103.80 -0.98 8.50
CA GLY A 991 104.64 0.08 9.04
C GLY A 991 104.49 1.39 8.30
N GLY B 1 15.08 18.97 -40.07
CA GLY B 1 14.39 17.66 -40.26
C GLY B 1 12.90 17.75 -40.01
N PRO B 2 12.19 16.64 -40.24
CA PRO B 2 10.73 16.66 -40.01
C PRO B 2 10.35 17.02 -38.58
N ASN B 3 11.13 16.58 -37.61
CA ASN B 3 10.86 16.89 -36.19
C ASN B 3 9.45 16.39 -35.87
N ILE B 4 8.78 17.04 -34.92
CA ILE B 4 7.43 16.63 -34.52
C ILE B 4 6.41 17.75 -34.68
N CYS B 5 6.81 19.02 -34.72
CA CYS B 5 5.85 20.09 -34.97
C CYS B 5 5.28 20.00 -36.37
N THR B 6 6.15 19.86 -37.38
CA THR B 6 5.68 19.78 -38.76
C THR B 6 4.86 18.52 -38.98
N THR B 7 5.30 17.39 -38.45
CA THR B 7 4.59 16.13 -38.62
C THR B 7 3.46 16.02 -37.59
N ARG B 8 2.49 15.16 -37.91
CA ARG B 8 1.36 14.92 -37.01
C ARG B 8 0.64 16.22 -36.67
N GLY B 9 0.44 17.08 -37.67
CA GLY B 9 -0.18 18.36 -37.42
C GLY B 9 -0.50 19.15 -38.68
N VAL B 10 -0.21 20.45 -38.64
CA VAL B 10 -0.46 21.34 -39.77
C VAL B 10 -1.96 21.46 -39.99
N SER B 11 -2.70 21.85 -38.96
CA SER B 11 -4.14 22.08 -39.06
C SER B 11 -4.54 23.44 -38.54
N SER B 12 -3.91 23.94 -37.48
CA SER B 12 -4.22 25.23 -36.90
C SER B 12 -3.18 25.54 -35.83
N CYS B 13 -3.19 26.79 -35.37
CA CYS B 13 -2.21 27.21 -34.37
C CYS B 13 -2.39 26.44 -33.07
N GLN B 14 -3.64 26.22 -32.66
CA GLN B 14 -3.88 25.49 -31.41
C GLN B 14 -3.26 24.10 -31.45
N GLN B 15 -3.58 23.33 -32.49
CA GLN B 15 -3.00 22.00 -32.63
C GLN B 15 -1.50 22.09 -32.91
N CYS B 16 -1.09 23.04 -33.75
CA CYS B 16 0.32 23.18 -34.09
C CYS B 16 1.18 23.34 -32.84
N LEU B 17 0.73 24.16 -31.89
CA LEU B 17 1.46 24.32 -30.64
C LEU B 17 1.23 23.15 -29.69
N ALA B 18 0.04 22.54 -29.71
CA ALA B 18 -0.28 21.51 -28.73
C ALA B 18 0.37 20.17 -29.04
N VAL B 19 0.77 19.92 -30.28
CA VAL B 19 1.34 18.62 -30.63
C VAL B 19 2.63 18.36 -29.86
N SER B 20 3.50 19.37 -29.80
CA SER B 20 4.78 19.25 -29.12
C SER B 20 4.96 20.40 -28.15
N PRO B 21 5.76 20.20 -27.09
CA PRO B 21 5.94 21.28 -26.10
C PRO B 21 6.45 22.57 -26.70
N MET B 22 7.36 22.49 -27.67
CA MET B 22 7.97 23.67 -28.28
C MET B 22 7.70 23.66 -29.78
N CYS B 23 7.04 24.71 -30.27
CA CYS B 23 6.83 24.91 -31.70
C CYS B 23 6.70 26.40 -31.96
N ALA B 24 6.89 26.77 -33.23
CA ALA B 24 6.82 28.16 -33.65
C ALA B 24 5.86 28.28 -34.84
N TRP B 25 5.17 29.41 -34.90
CA TRP B 25 4.16 29.67 -35.92
C TRP B 25 4.56 30.89 -36.74
N CYS B 26 4.49 30.75 -38.06
CA CYS B 26 4.80 31.84 -39.00
C CYS B 26 3.47 32.42 -39.46
N SER B 27 2.95 33.40 -38.71
CA SER B 27 1.67 33.99 -39.04
C SER B 27 1.72 34.71 -40.39
N ASP B 28 2.80 35.41 -40.65
CA ASP B 28 2.92 36.15 -41.91
C ASP B 28 2.89 35.18 -43.09
N GLU B 29 2.25 35.62 -44.19
CA GLU B 29 2.12 34.77 -45.35
C GLU B 29 3.48 34.41 -45.92
N ALA B 30 3.61 33.17 -46.38
CA ALA B 30 4.86 32.69 -46.97
C ALA B 30 4.52 31.54 -47.92
N LEU B 31 5.56 30.93 -48.47
CA LEU B 31 5.36 29.83 -49.41
C LEU B 31 4.72 28.66 -48.69
N PRO B 32 3.59 28.13 -49.18
CA PRO B 32 2.95 26.99 -48.51
C PRO B 32 3.49 25.63 -48.93
N LEU B 33 4.39 25.57 -49.92
CA LEU B 33 4.89 24.28 -50.39
C LEU B 33 5.87 23.64 -49.42
N GLY B 34 6.46 24.40 -48.52
CA GLY B 34 7.42 23.90 -47.57
C GLY B 34 6.85 23.42 -46.26
N SER B 35 5.52 23.37 -46.12
CA SER B 35 4.87 22.97 -44.89
C SER B 35 5.41 23.78 -43.70
N PRO B 36 5.28 25.11 -43.73
CA PRO B 36 5.85 25.93 -42.65
C PRO B 36 4.87 26.13 -41.50
N ARG B 37 5.28 26.95 -40.53
CA ARG B 37 4.49 27.38 -39.38
C ARG B 37 4.46 26.35 -38.26
N CYS B 38 5.09 25.18 -38.41
CA CYS B 38 5.15 24.20 -37.34
C CYS B 38 6.49 23.46 -37.48
N ASP B 39 7.49 23.96 -36.76
CA ASP B 39 8.84 23.42 -36.81
C ASP B 39 9.66 24.12 -35.73
N LEU B 40 10.91 23.71 -35.58
CA LEU B 40 11.78 24.32 -34.59
C LEU B 40 12.00 25.80 -34.90
N LYS B 41 12.18 26.59 -33.85
CA LYS B 41 12.36 28.03 -34.02
C LYS B 41 13.52 28.34 -34.96
N GLU B 42 14.60 27.56 -34.88
CA GLU B 42 15.74 27.77 -35.76
C GLU B 42 15.34 27.57 -37.22
N ASN B 43 14.54 26.54 -37.50
CA ASN B 43 14.12 26.30 -38.87
C ASN B 43 13.30 27.47 -39.41
N LEU B 44 12.39 28.02 -38.60
CA LEU B 44 11.62 29.17 -39.04
C LEU B 44 12.52 30.38 -39.24
N LEU B 45 13.51 30.57 -38.36
CA LEU B 45 14.44 31.67 -38.53
C LEU B 45 15.20 31.55 -39.84
N LYS B 46 15.59 30.33 -40.20
CA LYS B 46 16.23 30.11 -41.50
C LYS B 46 15.29 30.48 -42.63
N ASP B 47 14.00 30.17 -42.49
CA ASP B 47 13.00 30.52 -43.48
C ASP B 47 12.44 31.92 -43.30
N ASN B 48 13.05 32.72 -42.42
CA ASN B 48 12.62 34.10 -42.20
C ASN B 48 11.22 34.13 -41.58
N CYS B 49 10.36 35.04 -42.04
CA CYS B 49 9.02 35.21 -41.49
C CYS B 49 9.07 35.54 -40.01
N ALA B 50 9.80 36.61 -39.69
CA ALA B 50 9.90 37.13 -38.33
C ALA B 50 9.68 38.64 -38.32
N PRO B 51 8.47 39.10 -38.71
CA PRO B 51 8.12 40.53 -38.61
C PRO B 51 7.57 40.89 -37.23
N GLU B 52 8.25 40.45 -36.18
CA GLU B 52 7.82 40.63 -34.80
C GLU B 52 6.51 39.92 -34.49
N SER B 53 6.01 39.10 -35.41
CA SER B 53 4.76 38.37 -35.23
C SER B 53 4.99 36.91 -34.87
N ILE B 54 6.24 36.52 -34.62
CA ILE B 54 6.52 35.12 -34.29
C ILE B 54 5.81 34.74 -33.01
N GLU B 55 5.12 33.61 -33.03
CA GLU B 55 4.38 33.11 -31.87
C GLU B 55 5.13 31.89 -31.33
N PHE B 56 6.06 32.15 -30.43
CA PHE B 56 6.86 31.10 -29.78
C PHE B 56 6.83 31.34 -28.28
N PRO B 57 5.69 31.12 -27.63
CA PRO B 57 5.60 31.35 -26.19
C PRO B 57 6.56 30.47 -25.42
N VAL B 58 7.13 31.02 -24.36
CA VAL B 58 8.08 30.32 -23.50
C VAL B 58 7.60 30.45 -22.05
N SER B 59 7.62 29.34 -21.33
CA SER B 59 7.18 29.35 -19.95
C SER B 59 8.07 30.28 -19.12
N GLU B 60 7.45 30.98 -18.18
CA GLU B 60 8.15 31.94 -17.33
C GLU B 60 7.88 31.63 -15.87
N ALA B 61 8.84 31.96 -15.01
CA ALA B 61 8.75 31.75 -13.57
C ALA B 61 9.08 33.03 -12.83
N ARG B 62 8.50 34.14 -13.28
CA ARG B 62 8.75 35.44 -12.66
C ARG B 62 8.27 35.44 -11.22
N VAL B 63 9.04 36.11 -10.36
CA VAL B 63 8.73 36.21 -8.93
C VAL B 63 8.03 37.53 -8.68
N LEU B 64 6.88 37.47 -8.01
CA LEU B 64 6.12 38.68 -7.72
C LEU B 64 6.69 39.42 -6.53
N GLU B 65 6.72 38.78 -5.36
CA GLU B 65 7.22 39.38 -4.13
C GLU B 65 8.26 38.47 -3.50
N ASP B 66 9.41 39.03 -3.14
CA ASP B 66 10.47 38.29 -2.49
C ASP B 66 11.19 39.21 -1.52
N ARG B 67 11.49 38.70 -0.34
CA ARG B 67 12.17 39.45 0.70
C ARG B 67 13.29 38.63 1.31
N PRO B 68 14.34 39.27 1.80
CA PRO B 68 15.46 38.51 2.39
C PRO B 68 15.04 37.80 3.67
N LEU B 69 15.70 36.69 3.94
CA LEU B 69 15.43 35.93 5.15
C LEU B 69 16.03 36.64 6.36
N SER B 70 15.23 36.79 7.40
CA SER B 70 15.70 37.46 8.61
C SER B 70 16.79 36.63 9.29
N ASP B 71 17.84 37.32 9.76
CA ASP B 71 18.95 36.63 10.40
C ASP B 71 18.58 36.14 11.79
N LYS B 72 17.88 36.96 12.56
CA LYS B 72 17.49 36.60 13.91
C LYS B 72 16.10 37.15 14.20
N GLY B 73 15.41 36.50 15.14
CA GLY B 73 14.07 36.92 15.53
C GLY B 73 13.96 37.23 17.01
N SER B 74 13.72 38.49 17.34
CA SER B 74 13.57 38.92 18.73
C SER B 74 12.24 39.63 18.93
N GLY B 75 11.76 40.30 17.89
CA GLY B 75 10.49 41.01 17.96
C GLY B 75 9.89 41.14 16.57
N ASP B 76 8.73 41.78 16.53
CA ASP B 76 7.98 42.02 15.30
C ASP B 76 7.97 40.76 14.42
N SER B 77 7.37 39.70 14.98
CA SER B 77 7.33 38.41 14.31
C SER B 77 6.42 38.40 13.08
N SER B 78 5.64 39.47 12.85
CA SER B 78 4.72 39.49 11.72
C SER B 78 5.45 39.39 10.39
N GLN B 79 6.73 39.77 10.32
CA GLN B 79 7.51 39.77 9.09
C GLN B 79 8.81 39.00 9.28
N VAL B 80 8.72 37.81 9.87
CA VAL B 80 9.91 36.98 10.04
C VAL B 80 10.49 36.61 8.67
N THR B 81 9.63 36.21 7.73
CA THR B 81 10.06 35.83 6.38
C THR B 81 11.12 34.74 6.43
N GLN B 82 10.91 33.75 7.31
CA GLN B 82 11.84 32.63 7.40
C GLN B 82 11.85 31.76 6.15
N VAL B 83 10.81 31.85 5.33
CA VAL B 83 10.72 31.12 4.08
C VAL B 83 10.53 32.11 2.94
N SER B 84 11.38 32.02 1.93
CA SER B 84 11.33 32.90 0.77
C SER B 84 11.46 32.07 -0.51
N PRO B 85 10.81 32.49 -1.60
CA PRO B 85 9.93 33.66 -1.75
C PRO B 85 8.56 33.43 -1.12
N GLN B 86 7.83 34.49 -0.80
CA GLN B 86 6.51 34.33 -0.19
C GLN B 86 5.48 33.86 -1.21
N ARG B 87 5.51 34.40 -2.41
CA ARG B 87 4.56 34.04 -3.46
C ARG B 87 5.20 34.28 -4.81
N ILE B 88 4.89 33.39 -5.76
CA ILE B 88 5.45 33.46 -7.11
C ILE B 88 4.33 33.25 -8.12
N ALA B 89 4.59 33.68 -9.35
CA ALA B 89 3.65 33.52 -10.46
C ALA B 89 4.31 32.67 -11.54
N LEU B 90 3.59 31.66 -12.01
CA LEU B 90 4.09 30.74 -13.04
C LEU B 90 3.13 30.72 -14.22
N ARG B 91 3.70 30.69 -15.42
CA ARG B 91 2.93 30.58 -16.66
C ARG B 91 3.56 29.47 -17.49
N LEU B 92 2.90 28.32 -17.54
CA LEU B 92 3.41 27.14 -18.23
C LEU B 92 2.57 26.88 -19.47
N ARG B 93 3.23 26.75 -20.61
CA ARG B 93 2.56 26.38 -21.85
C ARG B 93 2.11 24.92 -21.76
N PRO B 94 1.07 24.54 -22.52
CA PRO B 94 0.56 23.17 -22.43
C PRO B 94 1.63 22.15 -22.78
N ASP B 95 1.59 21.01 -22.08
CA ASP B 95 2.54 19.93 -22.28
C ASP B 95 3.98 20.41 -22.06
N ASP B 96 4.18 21.22 -21.03
CA ASP B 96 5.50 21.73 -20.68
C ASP B 96 5.67 21.72 -19.17
N SER B 97 6.92 21.62 -18.74
CA SER B 97 7.26 21.57 -17.32
C SER B 97 8.30 22.65 -17.01
N LYS B 98 8.13 23.31 -15.87
CA LYS B 98 9.04 24.35 -15.43
C LYS B 98 9.30 24.20 -13.94
N ASN B 99 10.51 24.53 -13.51
CA ASN B 99 10.92 24.33 -12.14
C ASN B 99 11.55 25.60 -11.56
N PHE B 100 11.40 25.75 -10.26
CA PHE B 100 11.94 26.88 -9.51
C PHE B 100 12.61 26.35 -8.24
N SER B 101 13.25 27.26 -7.50
CA SER B 101 14.00 26.92 -6.31
C SER B 101 13.52 27.74 -5.12
N ILE B 102 13.54 27.11 -3.94
CA ILE B 102 13.16 27.75 -2.69
C ILE B 102 14.19 27.39 -1.62
N GLN B 103 14.21 28.18 -0.55
CA GLN B 103 15.13 27.99 0.56
C GLN B 103 14.35 27.98 1.87
N VAL B 104 14.81 27.16 2.81
CA VAL B 104 14.21 27.06 4.13
C VAL B 104 15.29 27.32 5.16
N ARG B 105 15.02 28.25 6.07
CA ARG B 105 15.98 28.64 7.11
C ARG B 105 15.25 28.79 8.43
N GLN B 106 15.94 28.46 9.51
CA GLN B 106 15.45 28.65 10.87
C GLN B 106 16.07 29.94 11.42
N VAL B 107 15.21 30.89 11.79
CA VAL B 107 15.68 32.23 12.21
C VAL B 107 15.92 32.14 13.72
N GLU B 108 17.09 31.62 14.08
CA GLU B 108 17.57 31.57 15.46
C GLU B 108 16.43 31.40 16.46
N ASP B 109 16.30 32.34 17.39
CA ASP B 109 15.23 32.28 18.37
C ASP B 109 13.87 32.48 17.71
N TYR B 110 12.85 31.80 18.26
CA TYR B 110 11.50 31.88 17.74
C TYR B 110 10.55 31.62 18.91
N PRO B 111 9.49 32.42 19.06
CA PRO B 111 8.57 32.19 20.18
C PRO B 111 7.93 30.81 20.11
N VAL B 112 7.72 30.21 21.27
CA VAL B 112 7.21 28.85 21.38
C VAL B 112 6.08 28.83 22.39
N ASP B 113 4.98 28.15 22.03
CA ASP B 113 3.88 27.89 22.95
C ASP B 113 3.70 26.37 23.06
N ILE B 114 3.73 25.87 24.29
CA ILE B 114 3.71 24.44 24.57
C ILE B 114 2.50 24.12 25.42
N TYR B 115 1.73 23.12 25.01
CA TYR B 115 0.58 22.63 25.75
C TYR B 115 0.90 21.23 26.27
N TYR B 116 0.85 21.06 27.59
CA TYR B 116 1.17 19.81 28.25
C TYR B 116 -0.14 19.10 28.58
N LEU B 117 -0.45 18.05 27.82
CA LEU B 117 -1.66 17.25 28.02
C LEU B 117 -1.25 15.95 28.70
N MET B 118 -1.69 15.77 29.94
CA MET B 118 -1.22 14.67 30.78
C MET B 118 -2.38 13.77 31.17
N ASP B 119 -2.11 12.46 31.21
CA ASP B 119 -3.08 11.50 31.71
C ASP B 119 -3.07 11.49 33.23
N LEU B 120 -4.23 11.19 33.81
CA LEU B 120 -4.40 11.13 35.27
C LEU B 120 -4.82 9.74 35.70
N SER B 121 -4.17 8.72 35.14
CA SER B 121 -4.43 7.36 35.56
C SER B 121 -3.87 7.11 36.97
N TYR B 122 -4.33 6.03 37.58
CA TYR B 122 -3.90 5.73 38.95
C TYR B 122 -2.39 5.54 39.01
N SER B 123 -1.83 4.80 38.06
CA SER B 123 -0.38 4.57 38.05
C SER B 123 0.39 5.88 37.89
N MET B 124 -0.23 6.92 37.35
CA MET B 124 0.41 8.22 37.20
C MET B 124 0.33 9.08 38.45
N LYS B 125 -0.35 8.60 39.50
CA LYS B 125 -0.48 9.40 40.72
C LYS B 125 0.88 9.88 41.22
N ASP B 126 1.83 8.95 41.35
CA ASP B 126 3.17 9.34 41.81
C ASP B 126 3.79 10.35 40.87
N ASP B 127 3.60 10.18 39.55
CA ASP B 127 4.13 11.15 38.61
C ASP B 127 3.58 12.55 38.86
N LEU B 128 2.34 12.65 39.33
CA LEU B 128 1.76 13.95 39.61
C LEU B 128 2.55 14.69 40.67
N TRP B 129 3.25 13.96 41.54
CA TRP B 129 4.06 14.58 42.58
C TRP B 129 5.37 15.14 42.04
N SER B 130 5.79 14.72 40.85
CA SER B 130 7.05 15.16 40.27
C SER B 130 6.92 16.39 39.38
N ILE B 131 5.71 16.94 39.25
CA ILE B 131 5.47 18.10 38.39
C ILE B 131 5.24 19.37 39.20
N GLN B 132 5.20 19.28 40.54
CA GLN B 132 4.93 20.45 41.35
C GLN B 132 6.03 21.50 41.28
N ASN B 133 7.22 21.13 40.81
CA ASN B 133 8.36 22.03 40.71
C ASN B 133 9.01 21.90 39.33
N LEU B 134 8.19 21.89 38.29
CA LEU B 134 8.67 21.77 36.92
C LEU B 134 8.60 23.07 36.12
N GLY B 135 7.71 23.99 36.50
CA GLY B 135 7.55 25.21 35.72
C GLY B 135 8.81 26.06 35.73
N THR B 136 9.38 26.28 36.92
CA THR B 136 10.58 27.11 37.01
C THR B 136 11.75 26.49 36.25
N LYS B 137 11.96 25.19 36.43
CA LYS B 137 13.06 24.53 35.73
C LYS B 137 12.86 24.58 34.23
N LEU B 138 11.64 24.34 33.76
CA LEU B 138 11.36 24.40 32.33
C LEU B 138 11.60 25.80 31.79
N ALA B 139 11.15 26.83 32.51
CA ALA B 139 11.37 28.19 32.06
C ALA B 139 12.87 28.52 32.01
N THR B 140 13.62 28.11 33.02
CA THR B 140 15.05 28.38 33.04
C THR B 140 15.76 27.69 31.89
N GLN B 141 15.43 26.42 31.64
CA GLN B 141 16.09 25.69 30.57
C GLN B 141 15.73 26.23 29.19
N MET B 142 14.44 26.54 28.98
CA MET B 142 14.00 27.05 27.69
C MET B 142 14.49 28.47 27.44
N ARG B 143 14.85 29.20 28.49
CA ARG B 143 15.31 30.58 28.30
C ARG B 143 16.58 30.65 27.47
N LYS B 144 17.41 29.61 27.53
CA LYS B 144 18.69 29.64 26.81
C LYS B 144 18.47 29.74 25.30
N LEU B 145 17.52 28.98 24.77
CA LEU B 145 17.28 28.95 23.33
C LEU B 145 16.13 29.85 22.89
N THR B 146 15.15 30.09 23.76
CA THR B 146 13.99 30.89 23.42
C THR B 146 13.81 32.00 24.44
N SER B 147 13.47 33.20 23.95
CA SER B 147 13.26 34.35 24.83
C SER B 147 11.82 34.47 25.31
N ASN B 148 10.86 34.20 24.45
CA ASN B 148 9.44 34.27 24.79
C ASN B 148 8.85 32.86 24.77
N LEU B 149 8.26 32.46 25.89
CA LEU B 149 7.70 31.12 26.04
C LEU B 149 6.28 31.22 26.62
N ARG B 150 5.40 30.38 26.12
CA ARG B 150 4.03 30.27 26.63
C ARG B 150 3.77 28.82 27.02
N ILE B 151 3.11 28.63 28.15
CA ILE B 151 2.87 27.30 28.71
C ILE B 151 1.39 27.15 29.05
N GLY B 152 0.81 26.03 28.62
CA GLY B 152 -0.54 25.68 29.02
C GLY B 152 -0.58 24.25 29.50
N PHE B 153 -1.55 23.96 30.36
CA PHE B 153 -1.64 22.67 31.04
C PHE B 153 -3.05 22.13 30.97
N GLY B 154 -3.15 20.84 30.64
CA GLY B 154 -4.44 20.17 30.58
C GLY B 154 -4.29 18.72 30.99
N ALA B 155 -5.36 18.17 31.56
CA ALA B 155 -5.36 16.82 32.08
C ALA B 155 -6.56 16.04 31.57
N PHE B 156 -6.37 14.73 31.40
CA PHE B 156 -7.44 13.85 30.98
C PHE B 156 -7.32 12.53 31.72
N VAL B 157 -8.43 11.79 31.79
CA VAL B 157 -8.47 10.51 32.49
C VAL B 157 -8.86 9.40 31.53
N ASP B 158 -10.10 9.46 31.02
CA ASP B 158 -10.63 8.45 30.14
C ASP B 158 -12.02 8.90 29.71
N LYS B 159 -12.61 8.15 28.78
CA LYS B 159 -13.94 8.47 28.30
C LYS B 159 -14.97 8.15 29.36
N PRO B 160 -15.75 9.12 29.87
CA PRO B 160 -16.76 8.81 30.90
C PRO B 160 -18.02 8.13 30.33
N VAL B 161 -17.93 6.82 30.12
CA VAL B 161 -19.06 6.05 29.62
C VAL B 161 -18.86 4.61 30.03
N SER B 162 -19.96 3.92 30.29
CA SER B 162 -19.91 2.52 30.66
C SER B 162 -19.37 1.69 29.50
N PRO B 163 -18.62 0.60 29.78
CA PRO B 163 -18.25 0.06 31.10
C PRO B 163 -16.98 0.69 31.66
N TYR B 164 -16.48 1.77 31.05
CA TYR B 164 -15.24 2.38 31.52
C TYR B 164 -15.39 3.05 32.88
N MET B 165 -16.61 3.22 33.38
CA MET B 165 -16.86 3.85 34.66
C MET B 165 -17.46 2.85 35.63
N TYR B 166 -17.15 3.03 36.92
CA TYR B 166 -17.70 2.19 37.99
C TYR B 166 -19.07 2.76 38.37
N ILE B 167 -20.09 2.37 37.59
CA ILE B 167 -21.43 2.89 37.82
C ILE B 167 -21.94 2.47 39.19
N SER B 168 -21.71 1.22 39.57
CA SER B 168 -22.14 0.71 40.87
C SER B 168 -20.93 0.49 41.78
N PRO B 169 -21.08 0.70 43.10
CA PRO B 169 -22.28 1.15 43.82
C PRO B 169 -22.57 2.63 43.57
N PRO B 170 -23.77 3.11 43.91
CA PRO B 170 -24.09 4.51 43.67
C PRO B 170 -23.14 5.48 44.36
N GLU B 171 -22.66 5.13 45.55
CA GLU B 171 -21.70 5.99 46.23
C GLU B 171 -20.38 6.08 45.48
N ALA B 172 -20.07 5.08 44.64
CA ALA B 172 -18.83 5.08 43.89
C ALA B 172 -18.83 6.07 42.73
N LEU B 173 -20.00 6.63 42.38
CA LEU B 173 -20.05 7.59 41.29
C LEU B 173 -19.20 8.81 41.59
N GLU B 174 -19.26 9.32 42.82
CA GLU B 174 -18.44 10.43 43.25
C GLU B 174 -17.16 10.00 43.93
N ASN B 175 -16.93 8.68 44.07
CA ASN B 175 -15.72 8.17 44.71
C ASN B 175 -15.47 6.74 44.25
N PRO B 176 -15.10 6.52 42.99
CA PRO B 176 -14.83 5.15 42.54
C PRO B 176 -13.70 4.48 43.28
N CYS B 177 -12.73 5.26 43.79
CA CYS B 177 -11.61 4.70 44.51
C CYS B 177 -11.97 4.42 45.96
N TYR B 178 -13.05 3.68 46.18
CA TYR B 178 -13.51 3.39 47.54
C TYR B 178 -12.91 2.11 48.11
N ASP B 179 -12.53 1.16 47.26
CA ASP B 179 -11.96 -0.09 47.75
C ASP B 179 -10.64 0.16 48.49
N MET B 180 -9.81 1.04 47.94
CA MET B 180 -8.50 1.33 48.54
C MET B 180 -8.56 2.44 49.58
N LYS B 181 -9.74 3.02 49.82
CA LYS B 181 -9.89 4.11 50.80
C LYS B 181 -9.03 5.30 50.40
N THR B 182 -9.32 5.85 49.23
CA THR B 182 -8.58 6.96 48.65
C THR B 182 -9.57 8.01 48.17
N THR B 183 -9.04 9.20 47.89
CA THR B 183 -9.84 10.32 47.38
C THR B 183 -9.63 10.46 45.89
N CYS B 184 -10.74 10.64 45.16
CA CYS B 184 -10.69 10.76 43.71
C CYS B 184 -11.89 11.59 43.25
N LEU B 185 -11.80 12.08 42.02
CA LEU B 185 -12.83 12.91 41.41
C LEU B 185 -13.50 12.15 40.27
N PRO B 186 -14.70 12.57 39.87
CA PRO B 186 -15.40 11.87 38.78
C PRO B 186 -14.58 11.89 37.50
N MET B 187 -14.67 10.80 36.74
CA MET B 187 -13.94 10.69 35.49
C MET B 187 -14.43 11.73 34.49
N PHE B 188 -13.50 12.29 33.72
CA PHE B 188 -13.81 13.28 32.70
C PHE B 188 -12.99 13.01 31.46
N GLY B 189 -13.62 13.16 30.30
CA GLY B 189 -12.91 12.94 29.04
C GLY B 189 -11.79 13.93 28.83
N TYR B 190 -12.05 15.20 29.09
CA TYR B 190 -11.05 16.24 28.91
C TYR B 190 -11.44 17.45 29.76
N LYS B 191 -10.47 18.01 30.48
CA LYS B 191 -10.70 19.15 31.36
C LYS B 191 -9.48 20.08 31.26
N HIS B 192 -9.57 21.05 30.37
CA HIS B 192 -8.53 22.08 30.29
C HIS B 192 -8.51 22.89 31.57
N VAL B 193 -7.31 23.15 32.09
CA VAL B 193 -7.12 23.80 33.38
C VAL B 193 -6.41 25.14 33.24
N LEU B 194 -5.30 25.17 32.51
CA LEU B 194 -4.51 26.39 32.35
C LEU B 194 -4.29 26.67 30.88
N THR B 195 -4.72 27.85 30.44
CA THR B 195 -4.48 28.28 29.07
C THR B 195 -3.03 28.73 28.89
N LEU B 196 -2.65 28.90 27.63
CA LEU B 196 -1.29 29.33 27.32
C LEU B 196 -1.01 30.69 27.96
N THR B 197 0.12 30.79 28.65
CA THR B 197 0.51 32.03 29.31
C THR B 197 2.01 32.00 29.55
N ASP B 198 2.57 33.20 29.77
CA ASP B 198 3.99 33.35 30.05
C ASP B 198 4.32 33.40 31.53
N GLN B 199 3.32 33.23 32.39
CA GLN B 199 3.52 33.33 33.84
C GLN B 199 3.85 31.94 34.39
N VAL B 200 5.10 31.77 34.82
CA VAL B 200 5.49 30.50 35.44
C VAL B 200 4.78 30.31 36.78
N THR B 201 4.53 31.40 37.51
CA THR B 201 3.85 31.29 38.79
C THR B 201 2.46 30.68 38.63
N ARG B 202 1.75 31.06 37.58
CA ARG B 202 0.43 30.49 37.33
C ARG B 202 0.52 28.99 37.11
N PHE B 203 1.51 28.55 36.33
CA PHE B 203 1.68 27.11 36.10
C PHE B 203 2.01 26.38 37.39
N ASN B 204 2.89 26.96 38.22
CA ASN B 204 3.23 26.33 39.48
C ASN B 204 2.02 26.22 40.39
N GLU B 205 1.22 27.29 40.47
CA GLU B 205 0.03 27.26 41.32
C GLU B 205 -0.98 26.24 40.81
N GLU B 206 -1.15 26.15 39.49
CA GLU B 206 -2.14 25.21 38.94
C GLU B 206 -1.81 23.78 39.32
N VAL B 207 -0.53 23.40 39.23
CA VAL B 207 -0.13 22.04 39.59
C VAL B 207 -0.30 21.86 41.10
N LYS B 208 -0.50 20.60 41.50
CA LYS B 208 -0.71 20.15 42.87
C LYS B 208 -2.15 20.42 43.33
N LYS B 209 -2.97 21.11 42.53
CA LYS B 209 -4.35 21.36 42.90
C LYS B 209 -5.32 20.30 42.38
N GLN B 210 -4.89 19.49 41.41
CA GLN B 210 -5.73 18.45 40.84
C GLN B 210 -5.58 17.16 41.65
N SER B 211 -6.14 16.08 41.14
CA SER B 211 -6.07 14.78 41.81
C SER B 211 -5.96 13.69 40.75
N VAL B 212 -6.12 12.45 41.17
CA VAL B 212 -6.02 11.29 40.29
C VAL B 212 -7.33 10.51 40.37
N SER B 213 -7.89 10.18 39.21
CA SER B 213 -9.13 9.44 39.12
C SER B 213 -8.83 7.95 38.95
N ARG B 214 -9.88 7.16 38.70
CA ARG B 214 -9.76 5.73 38.53
C ARG B 214 -10.50 5.30 37.28
N ASN B 215 -9.97 4.25 36.63
CA ASN B 215 -10.57 3.71 35.42
C ASN B 215 -10.36 2.20 35.38
N ARG B 216 -11.22 1.52 34.63
CA ARG B 216 -11.16 0.07 34.52
C ARG B 216 -10.33 -0.36 33.31
N ASP B 217 -10.74 0.05 32.12
CA ASP B 217 -10.04 -0.33 30.89
C ASP B 217 -8.65 0.28 30.88
N ALA B 218 -7.64 -0.54 30.57
CA ALA B 218 -6.27 -0.04 30.52
C ALA B 218 -6.10 1.03 29.45
N PRO B 219 -6.58 0.86 28.22
CA PRO B 219 -6.40 1.91 27.21
C PRO B 219 -7.06 3.21 27.64
N GLU B 220 -6.41 4.32 27.29
CA GLU B 220 -6.90 5.66 27.62
C GLU B 220 -7.13 6.43 26.32
N GLY B 221 -8.32 7.03 26.20
CA GLY B 221 -8.68 7.74 25.00
C GLY B 221 -8.09 9.14 24.93
N GLY B 222 -6.77 9.23 24.73
CA GLY B 222 -6.12 10.52 24.63
C GLY B 222 -6.28 11.20 23.29
N PHE B 223 -6.67 10.45 22.26
CA PHE B 223 -6.87 11.05 20.94
C PHE B 223 -7.98 12.09 20.97
N ASP B 224 -9.05 11.83 21.74
CA ASP B 224 -10.12 12.81 21.85
C ASP B 224 -9.60 14.11 22.44
N ALA B 225 -8.83 14.03 23.52
CA ALA B 225 -8.27 15.22 24.13
C ALA B 225 -7.32 15.94 23.18
N ILE B 226 -6.49 15.19 22.45
CA ILE B 226 -5.56 15.81 21.52
C ILE B 226 -6.33 16.56 20.44
N MET B 227 -7.37 15.93 19.88
CA MET B 227 -8.15 16.59 18.84
C MET B 227 -8.85 17.83 19.38
N GLN B 228 -9.41 17.75 20.59
CA GLN B 228 -10.09 18.90 21.16
C GLN B 228 -9.12 20.05 21.37
N ALA B 229 -7.92 19.76 21.88
CA ALA B 229 -6.92 20.80 22.07
C ALA B 229 -6.51 21.40 20.73
N THR B 230 -6.30 20.57 19.72
CA THR B 230 -5.86 21.06 18.42
C THR B 230 -6.92 21.95 17.77
N VAL B 231 -8.18 21.53 17.82
CA VAL B 231 -9.24 22.25 17.12
C VAL B 231 -9.69 23.47 17.92
N CYS B 232 -9.78 23.34 19.24
CA CYS B 232 -10.24 24.43 20.11
C CYS B 232 -9.12 25.45 20.31
N ASP B 233 -8.68 26.04 19.19
CA ASP B 233 -7.61 27.03 19.26
C ASP B 233 -8.04 28.26 20.05
N GLU B 234 -9.28 28.71 19.86
CA GLU B 234 -9.76 29.88 20.59
C GLU B 234 -9.81 29.61 22.08
N LYS B 235 -10.22 28.40 22.47
CA LYS B 235 -10.38 28.10 23.89
C LYS B 235 -9.06 28.23 24.64
N ILE B 236 -7.96 27.73 24.06
CA ILE B 236 -6.65 27.82 24.70
C ILE B 236 -5.81 28.96 24.14
N GLY B 237 -6.07 29.40 22.91
CA GLY B 237 -5.40 30.58 22.38
C GLY B 237 -4.13 30.29 21.61
N TRP B 238 -4.19 29.41 20.62
CA TRP B 238 -3.04 29.18 19.76
C TRP B 238 -2.62 30.46 19.07
N ARG B 239 -1.32 30.70 19.00
CA ARG B 239 -0.75 31.88 18.36
C ARG B 239 -0.08 31.46 17.06
N ASN B 240 -0.53 32.03 15.94
CA ASN B 240 -0.02 31.62 14.64
C ASN B 240 1.43 32.02 14.41
N ASP B 241 1.95 32.95 15.21
CA ASP B 241 3.32 33.45 15.05
C ASP B 241 4.26 32.84 16.08
N ALA B 242 4.08 31.57 16.42
CA ALA B 242 4.93 30.91 17.39
C ALA B 242 4.98 29.42 17.06
N SER B 243 6.00 28.75 17.58
CA SER B 243 6.17 27.32 17.37
C SER B 243 5.23 26.56 18.31
N HIS B 244 4.37 25.74 17.74
CA HIS B 244 3.33 25.04 18.49
C HIS B 244 3.84 23.67 18.91
N LEU B 245 3.87 23.43 20.23
CA LEU B 245 4.27 22.15 20.79
C LEU B 245 3.13 21.57 21.61
N LEU B 246 2.92 20.27 21.49
CA LEU B 246 1.88 19.56 22.24
C LEU B 246 2.54 18.32 22.84
N VAL B 247 2.86 18.38 24.13
CA VAL B 247 3.49 17.28 24.83
C VAL B 247 2.39 16.42 25.43
N PHE B 248 2.15 15.25 24.83
CA PHE B 248 1.13 14.31 25.28
C PHE B 248 1.81 13.22 26.10
N THR B 249 1.40 13.08 27.36
CA THR B 249 2.00 12.14 28.29
C THR B 249 0.95 11.17 28.80
N THR B 250 1.25 9.88 28.70
CA THR B 250 0.35 8.82 29.17
C THR B 250 1.20 7.58 29.43
N ASP B 251 0.60 6.63 30.14
CA ASP B 251 1.26 5.38 30.51
C ASP B 251 0.35 4.19 30.26
N ALA B 252 -0.38 4.21 29.13
CA ALA B 252 -1.28 3.12 28.80
C ALA B 252 -1.61 3.19 27.32
N LYS B 253 -2.28 2.14 26.84
CA LYS B 253 -2.67 2.08 25.43
C LYS B 253 -3.68 3.19 25.12
N THR B 254 -3.97 3.34 23.83
CA THR B 254 -4.89 4.36 23.34
C THR B 254 -5.94 3.72 22.43
N HIS B 255 -7.17 4.22 22.54
CA HIS B 255 -8.24 3.71 21.70
C HIS B 255 -8.10 4.24 20.27
N ILE B 256 -8.87 3.63 19.37
CA ILE B 256 -8.90 4.00 17.96
C ILE B 256 -10.35 4.21 17.55
N ALA B 257 -10.55 4.52 16.28
CA ALA B 257 -11.89 4.75 15.74
C ALA B 257 -12.71 3.45 15.81
N LEU B 258 -14.02 3.62 15.90
CA LEU B 258 -15.00 2.53 15.97
C LEU B 258 -14.88 1.72 17.26
N ASP B 259 -14.16 2.22 18.25
CA ASP B 259 -14.03 1.53 19.54
C ASP B 259 -15.18 1.85 20.49
N GLY B 260 -16.09 2.75 20.11
CA GLY B 260 -17.22 3.08 20.96
C GLY B 260 -18.35 2.09 20.92
N ARG B 261 -18.26 1.07 20.06
CA ARG B 261 -19.33 0.07 19.99
C ARG B 261 -19.56 -0.60 21.33
N LEU B 262 -18.49 -0.79 22.12
CA LEU B 262 -18.66 -1.36 23.46
C LEU B 262 -19.51 -0.45 24.33
N ALA B 263 -19.28 0.86 24.24
CA ALA B 263 -20.03 1.84 25.02
C ALA B 263 -21.33 2.26 24.36
N GLY B 264 -21.64 1.74 23.18
CA GLY B 264 -22.86 2.09 22.48
C GLY B 264 -22.79 3.32 21.62
N ILE B 265 -21.64 4.01 21.58
CA ILE B 265 -21.49 5.20 20.77
C ILE B 265 -21.13 4.78 19.34
N VAL B 266 -21.92 5.24 18.37
CA VAL B 266 -21.71 4.90 16.98
C VAL B 266 -21.53 6.12 16.09
N GLN B 267 -21.84 7.31 16.57
CA GLN B 267 -21.72 8.50 15.74
C GLN B 267 -20.26 8.74 15.37
N PRO B 268 -19.93 8.92 14.09
CA PRO B 268 -18.54 9.20 13.73
C PRO B 268 -18.05 10.49 14.38
N ASN B 269 -16.76 10.50 14.72
CA ASN B 269 -16.18 11.66 15.36
C ASN B 269 -16.17 12.86 14.41
N ASP B 270 -16.34 14.04 14.99
CA ASP B 270 -16.33 15.30 14.25
C ASP B 270 -15.24 16.21 14.80
N GLY B 271 -14.58 16.94 13.91
CA GLY B 271 -13.49 17.82 14.29
C GLY B 271 -13.89 19.16 14.86
N GLN B 272 -15.19 19.47 14.87
CA GLN B 272 -15.63 20.75 15.42
C GLN B 272 -15.39 20.79 16.92
N CYS B 273 -14.98 21.96 17.40
CA CYS B 273 -14.75 22.15 18.83
C CYS B 273 -16.08 22.14 19.58
N HIS B 274 -16.12 21.41 20.69
CA HIS B 274 -17.31 21.32 21.54
C HIS B 274 -16.94 21.60 22.99
N VAL B 275 -16.03 22.54 23.22
CA VAL B 275 -15.60 22.90 24.56
C VAL B 275 -16.13 24.30 24.86
N GLY B 276 -16.91 24.41 25.93
CA GLY B 276 -17.50 25.67 26.34
C GLY B 276 -16.72 26.33 27.46
N SER B 277 -17.37 27.32 28.09
CA SER B 277 -16.75 28.03 29.19
C SER B 277 -16.52 27.14 30.41
N ASP B 278 -17.25 26.04 30.51
CA ASP B 278 -17.09 25.12 31.65
C ASP B 278 -15.77 24.37 31.61
N ASN B 279 -15.03 24.42 30.49
CA ASN B 279 -13.76 23.72 30.36
C ASN B 279 -13.96 22.20 30.46
N HIS B 280 -14.91 21.69 29.67
CA HIS B 280 -15.17 20.26 29.60
C HIS B 280 -15.65 19.92 28.21
N TYR B 281 -15.51 18.63 27.87
CA TYR B 281 -15.92 18.12 26.56
C TYR B 281 -17.31 17.50 26.72
N SER B 282 -18.34 18.27 26.32
CA SER B 282 -19.71 17.81 26.50
C SER B 282 -19.99 16.54 25.69
N ALA B 283 -19.46 16.47 24.47
CA ALA B 283 -19.70 15.33 23.58
C ALA B 283 -18.80 14.15 23.89
N SER B 284 -18.18 14.11 25.07
CA SER B 284 -17.33 12.97 25.42
C SER B 284 -18.13 11.69 25.49
N THR B 285 -19.34 11.76 26.04
CA THR B 285 -20.17 10.57 26.24
C THR B 285 -20.99 10.21 25.00
N THR B 286 -20.90 10.99 23.92
CA THR B 286 -21.69 10.73 22.73
C THR B 286 -20.89 10.81 21.44
N MET B 287 -19.57 11.00 21.51
CA MET B 287 -18.73 11.12 20.32
C MET B 287 -17.73 9.98 20.30
N ASP B 288 -17.60 9.32 19.16
CA ASP B 288 -16.67 8.22 19.01
C ASP B 288 -15.23 8.75 18.91
N TYR B 289 -14.27 7.86 19.12
CA TYR B 289 -12.87 8.25 19.04
C TYR B 289 -12.54 8.68 17.62
N PRO B 290 -11.66 9.66 17.44
CA PRO B 290 -11.33 10.12 16.09
C PRO B 290 -10.44 9.11 15.37
N SER B 291 -10.50 9.17 14.03
CA SER B 291 -9.68 8.31 13.20
C SER B 291 -8.29 8.92 13.02
N LEU B 292 -7.33 8.08 12.64
CA LEU B 292 -5.97 8.54 12.45
C LEU B 292 -5.88 9.57 11.32
N GLY B 293 -6.61 9.34 10.24
CA GLY B 293 -6.55 10.27 9.11
C GLY B 293 -6.99 11.66 9.48
N LEU B 294 -8.13 11.78 10.17
CA LEU B 294 -8.62 13.08 10.59
C LEU B 294 -7.66 13.74 11.56
N MET B 295 -7.12 12.97 12.51
CA MET B 295 -6.16 13.51 13.46
C MET B 295 -4.95 14.08 12.74
N THR B 296 -4.40 13.33 11.79
CA THR B 296 -3.23 13.80 11.05
C THR B 296 -3.57 15.04 10.23
N GLU B 297 -4.74 15.04 9.58
CA GLU B 297 -5.12 16.20 8.79
C GLU B 297 -5.24 17.45 9.65
N LYS B 298 -5.89 17.34 10.81
CA LYS B 298 -6.02 18.50 11.68
C LYS B 298 -4.67 18.93 12.23
N LEU B 299 -3.81 17.97 12.58
CA LEU B 299 -2.48 18.31 13.08
C LEU B 299 -1.69 19.08 12.03
N SER B 300 -1.75 18.64 10.77
CA SER B 300 -1.06 19.34 9.71
C SER B 300 -1.65 20.73 9.48
N GLN B 301 -2.99 20.83 9.48
CA GLN B 301 -3.62 22.12 9.24
C GLN B 301 -3.28 23.14 10.33
N LYS B 302 -3.31 22.71 11.59
CA LYS B 302 -3.01 23.61 12.69
C LYS B 302 -1.52 23.77 12.95
N ASN B 303 -0.67 22.98 12.32
CA ASN B 303 0.77 23.08 12.47
C ASN B 303 1.18 22.93 13.94
N ILE B 304 0.89 21.76 14.49
CA ILE B 304 1.18 21.44 15.89
C ILE B 304 2.18 20.29 15.90
N ASN B 305 3.29 20.49 16.62
CA ASN B 305 4.31 19.46 16.75
C ASN B 305 3.99 18.61 17.98
N LEU B 306 3.65 17.35 17.75
CA LEU B 306 3.22 16.45 18.81
C LEU B 306 4.41 15.65 19.33
N ILE B 307 4.56 15.62 20.65
CA ILE B 307 5.67 14.94 21.32
C ILE B 307 5.08 13.95 22.32
N PHE B 308 5.33 12.67 22.09
CA PHE B 308 4.82 11.62 22.97
C PHE B 308 5.81 11.34 24.09
N ALA B 309 5.28 11.20 25.31
CA ALA B 309 6.08 10.82 26.48
C ALA B 309 5.40 9.62 27.13
N VAL B 310 5.92 8.41 26.86
CA VAL B 310 5.32 7.18 27.33
C VAL B 310 6.40 6.29 27.92
N THR B 311 5.97 5.30 28.69
CA THR B 311 6.89 4.35 29.31
C THR B 311 7.43 3.37 28.27
N GLU B 312 8.46 2.64 28.67
CA GLU B 312 9.10 1.67 27.77
C GLU B 312 8.16 0.54 27.39
N ASN B 313 7.10 0.30 28.16
CA ASN B 313 6.19 -0.80 27.85
C ASN B 313 5.50 -0.60 26.50
N VAL B 314 5.05 0.62 26.22
CA VAL B 314 4.35 0.95 24.99
C VAL B 314 5.19 1.85 24.09
N VAL B 315 6.50 1.97 24.36
CA VAL B 315 7.35 2.84 23.56
C VAL B 315 7.46 2.30 22.13
N ASN B 316 7.51 0.98 21.97
CA ASN B 316 7.56 0.42 20.63
C ASN B 316 6.30 0.73 19.85
N LEU B 317 5.14 0.60 20.49
CA LEU B 317 3.88 0.92 19.82
C LEU B 317 3.81 2.39 19.44
N TYR B 318 4.25 3.28 20.34
CA TYR B 318 4.23 4.70 20.02
C TYR B 318 5.24 5.05 18.93
N GLN B 319 6.37 4.35 18.89
CA GLN B 319 7.30 4.55 17.78
C GLN B 319 6.68 4.10 16.46
N ASN B 320 5.97 2.97 16.47
CA ASN B 320 5.31 2.51 15.25
C ASN B 320 4.27 3.52 14.80
N TYR B 321 3.51 4.09 15.73
CA TYR B 321 2.53 5.11 15.36
C TYR B 321 3.20 6.40 14.92
N SER B 322 4.40 6.70 15.42
CA SER B 322 5.04 7.98 15.12
C SER B 322 5.36 8.11 13.64
N GLU B 323 5.87 7.04 13.03
CA GLU B 323 6.26 7.12 11.62
C GLU B 323 5.08 7.41 10.71
N LEU B 324 3.85 7.19 11.19
CA LEU B 324 2.68 7.48 10.38
C LEU B 324 2.37 8.97 10.38
N ILE B 325 2.15 9.55 11.55
CA ILE B 325 1.82 10.97 11.66
C ILE B 325 3.10 11.79 11.43
N PRO B 326 3.13 12.67 10.42
CA PRO B 326 4.34 13.47 10.20
C PRO B 326 4.60 14.43 11.36
N GLY B 327 5.87 14.75 11.55
CA GLY B 327 6.27 15.71 12.55
C GLY B 327 5.97 15.28 13.98
N THR B 328 6.30 14.03 14.31
CA THR B 328 6.12 13.50 15.65
C THR B 328 7.45 13.00 16.19
N THR B 329 7.72 13.30 17.45
CA THR B 329 8.93 12.88 18.13
C THR B 329 8.55 12.05 19.35
N VAL B 330 9.23 10.92 19.51
CA VAL B 330 8.93 9.99 20.58
C VAL B 330 9.95 10.17 21.70
N GLY B 331 9.65 9.58 22.86
CA GLY B 331 10.53 9.68 24.00
C GLY B 331 10.23 8.59 25.01
N VAL B 332 11.10 8.50 26.01
CA VAL B 332 10.98 7.52 27.09
C VAL B 332 10.75 8.28 28.39
N LEU B 333 9.70 7.91 29.11
CA LEU B 333 9.33 8.55 30.36
C LEU B 333 9.58 7.58 31.51
N SER B 334 10.28 8.05 32.54
CA SER B 334 10.56 7.22 33.69
C SER B 334 9.31 7.03 34.54
N MET B 335 9.36 6.04 35.44
CA MET B 335 8.22 5.77 36.30
C MET B 335 7.88 6.98 37.18
N ASP B 336 8.90 7.63 37.74
CA ASP B 336 8.71 8.81 38.56
C ASP B 336 8.63 10.10 37.74
N SER B 337 8.82 10.02 36.42
CA SER B 337 8.77 11.19 35.55
C SER B 337 9.75 12.26 36.01
N SER B 338 10.93 11.82 36.45
CA SER B 338 11.99 12.74 36.87
C SER B 338 12.81 13.27 35.71
N ASN B 339 12.66 12.69 34.51
CA ASN B 339 13.39 13.13 33.33
C ASN B 339 12.49 13.85 32.34
N VAL B 340 11.34 14.37 32.79
CA VAL B 340 10.40 15.02 31.89
C VAL B 340 11.05 16.26 31.26
N LEU B 341 11.76 17.05 32.06
CA LEU B 341 12.38 18.26 31.54
C LEU B 341 13.42 17.95 30.48
N GLN B 342 14.33 17.01 30.78
CA GLN B 342 15.34 16.62 29.81
C GLN B 342 14.70 16.02 28.56
N LEU B 343 13.66 15.21 28.75
CA LEU B 343 12.99 14.60 27.60
C LEU B 343 12.37 15.65 26.69
N ILE B 344 11.68 16.64 27.28
CA ILE B 344 11.04 17.66 26.45
C ILE B 344 12.10 18.54 25.79
N VAL B 345 13.20 18.82 26.48
CA VAL B 345 14.28 19.60 25.86
C VAL B 345 14.85 18.84 24.66
N ASP B 346 15.10 17.54 24.82
CA ASP B 346 15.62 16.74 23.73
C ASP B 346 14.63 16.69 22.56
N ALA B 347 13.35 16.54 22.86
CA ALA B 347 12.34 16.50 21.80
C ALA B 347 12.29 17.84 21.05
N TYR B 348 12.37 18.95 21.78
CA TYR B 348 12.37 20.25 21.14
C TYR B 348 13.60 20.43 20.26
N GLY B 349 14.75 19.96 20.72
CA GLY B 349 15.95 20.03 19.90
C GLY B 349 15.84 19.16 18.65
N LYS B 350 15.23 17.98 18.78
CA LYS B 350 15.17 17.06 17.65
C LYS B 350 14.15 17.50 16.62
N ILE B 351 12.99 18.02 17.05
CA ILE B 351 11.93 18.35 16.11
C ILE B 351 12.39 19.43 15.15
N ARG B 352 13.09 20.45 15.66
CA ARG B 352 13.60 21.51 14.79
C ARG B 352 14.67 21.03 13.83
N SER B 353 15.23 19.83 14.06
CA SER B 353 16.24 19.27 13.17
C SER B 353 15.64 18.55 11.97
N LYS B 354 14.33 18.40 11.91
CA LYS B 354 13.64 17.73 10.81
C LYS B 354 12.77 18.74 10.08
N VAL B 355 12.89 18.78 8.76
CA VAL B 355 12.14 19.70 7.92
C VAL B 355 11.44 18.89 6.83
N GLU B 356 10.13 19.09 6.70
CA GLU B 356 9.33 18.42 5.69
C GLU B 356 8.38 19.42 5.04
N LEU B 357 8.02 19.15 3.80
CA LEU B 357 7.13 20.01 3.02
C LEU B 357 5.85 19.26 2.68
N GLU B 358 4.73 19.98 2.69
CA GLU B 358 3.43 19.42 2.35
C GLU B 358 2.77 20.29 1.29
N VAL B 359 2.02 19.63 0.41
CA VAL B 359 1.33 20.28 -0.71
C VAL B 359 -0.16 20.34 -0.37
N ARG B 360 -0.75 21.52 -0.56
CA ARG B 360 -2.17 21.72 -0.29
C ARG B 360 -2.81 22.46 -1.46
N ASP B 361 -4.10 22.21 -1.66
CA ASP B 361 -4.85 22.83 -2.75
C ASP B 361 -4.20 22.53 -4.10
N LEU B 362 -3.74 21.29 -4.26
CA LEU B 362 -3.04 20.89 -5.47
C LEU B 362 -3.99 20.10 -6.36
N PRO B 363 -4.44 20.65 -7.50
CA PRO B 363 -5.29 19.87 -8.40
C PRO B 363 -4.50 18.74 -9.06
N GLU B 364 -5.23 17.69 -9.43
CA GLU B 364 -4.63 16.53 -10.07
C GLU B 364 -4.18 16.80 -11.49
N GLU B 365 -4.53 17.96 -12.07
CA GLU B 365 -4.16 18.24 -13.45
C GLU B 365 -2.65 18.26 -13.63
N LEU B 366 -1.93 18.89 -12.71
CA LEU B 366 -0.48 19.00 -12.78
C LEU B 366 0.17 18.17 -11.69
N SER B 367 1.47 17.93 -11.85
CA SER B 367 2.24 17.11 -10.93
C SER B 367 3.54 17.82 -10.57
N LEU B 368 4.04 17.52 -9.37
CA LEU B 368 5.22 18.18 -8.81
C LEU B 368 6.31 17.16 -8.53
N SER B 369 7.55 17.54 -8.85
CA SER B 369 8.74 16.77 -8.50
C SER B 369 9.61 17.63 -7.59
N PHE B 370 10.15 17.01 -6.54
CA PHE B 370 10.89 17.71 -5.51
C PHE B 370 12.31 17.17 -5.42
N ASN B 371 13.29 18.07 -5.40
CA ASN B 371 14.69 17.75 -5.14
C ASN B 371 15.12 18.47 -3.88
N ALA B 372 15.77 17.76 -2.97
CA ALA B 372 16.23 18.31 -1.71
C ALA B 372 17.72 18.60 -1.75
N THR B 373 18.17 19.50 -0.88
CA THR B 373 19.58 19.85 -0.78
C THR B 373 19.86 20.27 0.66
N CYS B 374 20.66 19.46 1.36
CA CYS B 374 21.08 19.78 2.72
C CYS B 374 22.21 20.80 2.66
N LEU B 375 22.89 21.00 3.80
CA LEU B 375 24.06 21.86 3.84
C LEU B 375 25.08 21.40 2.80
N ASN B 376 26.00 22.29 2.42
CA ASN B 376 26.99 21.98 1.40
C ASN B 376 26.33 21.86 0.04
N ASN B 377 27.11 21.58 -1.00
CA ASN B 377 26.58 21.51 -2.36
C ASN B 377 25.99 20.15 -2.71
N GLU B 378 26.03 19.18 -1.80
CA GLU B 378 25.46 17.87 -2.08
C GLU B 378 23.97 17.99 -2.35
N VAL B 379 23.51 17.30 -3.39
CA VAL B 379 22.12 17.33 -3.80
C VAL B 379 21.61 15.90 -3.88
N ILE B 380 20.42 15.65 -3.34
CA ILE B 380 19.81 14.33 -3.36
C ILE B 380 18.59 14.38 -4.28
N PRO B 381 18.69 13.85 -5.51
CA PRO B 381 17.52 13.88 -6.40
C PRO B 381 16.36 13.07 -5.83
N GLY B 382 15.15 13.52 -6.17
CA GLY B 382 13.95 12.82 -5.72
C GLY B 382 13.77 12.81 -4.23
N LEU B 383 14.01 13.96 -3.58
CA LEU B 383 13.86 14.08 -2.13
C LEU B 383 13.30 15.46 -1.82
N LYS B 384 12.39 15.52 -0.84
CA LYS B 384 11.75 16.76 -0.43
C LYS B 384 12.05 17.15 1.01
N SER B 385 12.85 16.38 1.73
CA SER B 385 13.17 16.67 3.11
C SER B 385 14.64 16.38 3.37
N CYS B 386 15.19 17.04 4.39
CA CYS B 386 16.56 16.84 4.80
C CYS B 386 16.60 16.48 6.29
N MET B 387 17.59 15.66 6.65
CA MET B 387 17.80 15.24 8.03
C MET B 387 19.15 15.72 8.52
N GLY B 388 19.40 15.51 9.81
CA GLY B 388 20.67 15.91 10.39
C GLY B 388 20.93 17.40 10.36
N LEU B 389 19.92 18.20 10.66
CA LEU B 389 20.05 19.66 10.67
C LEU B 389 20.23 20.16 12.10
N LYS B 390 20.47 21.47 12.20
CA LYS B 390 20.68 22.13 13.49
C LYS B 390 20.02 23.49 13.45
N ILE B 391 20.08 24.20 14.58
CA ILE B 391 19.48 25.52 14.67
C ILE B 391 20.26 26.48 13.77
N GLY B 392 19.53 27.23 12.95
CA GLY B 392 20.13 28.17 12.03
C GLY B 392 20.59 27.58 10.72
N ASP B 393 20.50 26.27 10.54
CA ASP B 393 20.90 25.65 9.29
C ASP B 393 19.92 26.00 8.17
N THR B 394 20.44 26.13 6.96
CA THR B 394 19.66 26.48 5.79
C THR B 394 19.71 25.33 4.79
N VAL B 395 18.56 25.02 4.20
CA VAL B 395 18.44 23.96 3.21
C VAL B 395 17.76 24.53 1.97
N SER B 396 17.92 23.84 0.85
CA SER B 396 17.37 24.28 -0.42
C SER B 396 16.50 23.18 -1.02
N PHE B 397 15.52 23.58 -1.82
CA PHE B 397 14.66 22.66 -2.51
C PHE B 397 14.38 23.17 -3.91
N SER B 398 14.13 22.24 -4.83
CA SER B 398 13.78 22.55 -6.21
C SER B 398 12.45 21.86 -6.52
N ILE B 399 11.47 22.64 -6.96
CA ILE B 399 10.13 22.14 -7.26
C ILE B 399 9.88 22.33 -8.75
N GLU B 400 9.58 21.23 -9.44
CA GLU B 400 9.30 21.24 -10.87
C GLU B 400 7.85 20.85 -11.09
N ALA B 401 7.08 21.73 -11.73
CA ALA B 401 5.67 21.48 -12.02
C ALA B 401 5.52 21.15 -13.50
N LYS B 402 4.81 20.05 -13.78
CA LYS B 402 4.53 19.61 -15.13
C LYS B 402 3.03 19.47 -15.29
N VAL B 403 2.50 20.04 -16.38
CA VAL B 403 1.07 20.02 -16.65
C VAL B 403 0.81 19.10 -17.83
N ARG B 404 -0.41 18.56 -17.89
CA ARG B 404 -0.83 17.67 -18.96
C ARG B 404 -1.98 18.30 -19.72
N GLY B 405 -1.88 18.28 -21.04
CA GLY B 405 -2.94 18.85 -21.87
C GLY B 405 -3.16 20.31 -21.57
N CYS B 406 -4.43 20.70 -21.47
CA CYS B 406 -4.82 22.08 -21.22
C CYS B 406 -6.11 22.08 -20.40
N PRO B 407 -6.02 22.18 -19.07
CA PRO B 407 -7.24 22.26 -18.26
C PRO B 407 -8.09 23.46 -18.67
N GLN B 408 -9.40 23.27 -18.64
CA GLN B 408 -10.34 24.31 -19.04
C GLN B 408 -10.76 25.19 -17.87
N GLU B 409 -9.77 25.73 -17.17
CA GLU B 409 -10.01 26.66 -16.07
C GLU B 409 -9.21 27.95 -16.22
N LYS B 410 -7.98 27.87 -16.72
CA LYS B 410 -7.09 29.00 -16.97
C LYS B 410 -6.54 29.62 -15.69
N GLU B 411 -6.91 29.11 -14.51
CA GLU B 411 -6.41 29.67 -13.26
C GLU B 411 -6.38 28.56 -12.21
N LYS B 412 -5.19 28.21 -11.74
CA LYS B 412 -5.05 27.23 -10.67
C LYS B 412 -4.04 27.75 -9.66
N SER B 413 -4.16 27.28 -8.42
CA SER B 413 -3.26 27.71 -7.37
C SER B 413 -3.09 26.58 -6.36
N PHE B 414 -1.92 26.54 -5.73
CA PHE B 414 -1.64 25.58 -4.67
C PHE B 414 -0.62 26.19 -3.71
N THR B 415 -0.34 25.47 -2.63
CA THR B 415 0.55 25.96 -1.59
C THR B 415 1.49 24.86 -1.15
N ILE B 416 2.75 25.26 -0.91
CA ILE B 416 3.77 24.38 -0.35
C ILE B 416 4.12 24.93 1.03
N LYS B 417 3.88 24.14 2.06
CA LYS B 417 4.04 24.60 3.44
C LYS B 417 5.01 23.69 4.18
N PRO B 418 6.07 24.23 4.79
CA PRO B 418 6.90 23.40 5.68
C PRO B 418 6.14 23.06 6.96
N VAL B 419 6.47 21.89 7.52
CA VAL B 419 5.78 21.41 8.70
C VAL B 419 6.09 22.30 9.89
N GLY B 420 5.05 22.65 10.64
CA GLY B 420 5.23 23.44 11.85
C GLY B 420 5.76 24.83 11.61
N PHE B 421 5.31 25.49 10.55
CA PHE B 421 5.72 26.86 10.25
C PHE B 421 4.58 27.57 9.55
N LYS B 422 4.25 28.78 10.03
CA LYS B 422 3.16 29.53 9.44
C LYS B 422 3.46 29.91 8.00
N ASP B 423 4.69 30.37 7.73
CA ASP B 423 5.04 30.82 6.39
C ASP B 423 5.03 29.67 5.40
N SER B 424 4.49 29.93 4.20
CA SER B 424 4.43 28.93 3.15
C SER B 424 4.40 29.65 1.80
N LEU B 425 4.81 28.94 0.76
CA LEU B 425 4.83 29.48 -0.58
C LEU B 425 3.50 29.21 -1.28
N ILE B 426 3.00 30.23 -1.98
CA ILE B 426 1.78 30.11 -2.77
C ILE B 426 2.18 30.20 -4.24
N VAL B 427 1.83 29.17 -5.00
CA VAL B 427 2.20 29.07 -6.41
C VAL B 427 0.91 29.10 -7.24
N GLN B 428 0.81 30.09 -8.12
CA GLN B 428 -0.33 30.24 -9.02
C GLN B 428 0.11 29.99 -10.45
N VAL B 429 -0.60 29.10 -11.14
CA VAL B 429 -0.29 28.73 -12.52
C VAL B 429 -1.49 29.10 -13.39
N THR B 430 -1.21 29.78 -14.49
CA THR B 430 -2.22 30.18 -15.47
C THR B 430 -1.90 29.52 -16.80
N PHE B 431 -2.91 28.95 -17.44
CA PHE B 431 -2.75 28.23 -18.70
C PHE B 431 -3.11 29.15 -19.86
N ASP B 432 -2.17 29.34 -20.78
CA ASP B 432 -2.37 30.11 -22.00
C ASP B 432 -2.16 29.17 -23.18
N CYS B 433 -3.24 28.47 -23.55
CA CYS B 433 -3.19 27.48 -24.62
C CYS B 433 -3.61 28.04 -25.97
N ASP B 434 -4.01 29.31 -26.03
CA ASP B 434 -4.53 29.92 -27.24
C ASP B 434 -3.50 30.89 -27.81
N CYS B 435 -3.26 30.79 -29.12
CA CYS B 435 -2.33 31.70 -29.78
C CYS B 435 -2.87 33.12 -29.78
N ALA B 436 -1.95 34.08 -29.67
CA ALA B 436 -2.35 35.48 -29.66
C ALA B 436 -3.02 35.88 -30.98
N CYS B 437 -2.49 35.40 -32.10
CA CYS B 437 -3.04 35.76 -33.40
C CYS B 437 -4.51 35.40 -33.51
N GLN B 438 -4.94 34.36 -32.79
CA GLN B 438 -6.35 33.96 -32.85
C GLN B 438 -7.28 35.08 -32.39
N ALA B 439 -6.77 36.05 -31.63
CA ALA B 439 -7.61 37.18 -31.24
C ALA B 439 -8.13 37.97 -32.44
N GLN B 440 -7.44 37.90 -33.58
CA GLN B 440 -7.91 38.60 -34.76
C GLN B 440 -9.24 38.05 -35.25
N ALA B 441 -9.49 36.75 -35.03
CA ALA B 441 -10.77 36.13 -35.35
C ALA B 441 -11.04 36.08 -36.85
N GLU B 442 -11.38 37.23 -37.44
CA GLU B 442 -11.81 37.34 -38.83
C GLU B 442 -12.68 36.15 -39.21
N PRO B 443 -13.87 36.02 -38.62
CA PRO B 443 -14.71 34.84 -38.92
C PRO B 443 -15.06 34.71 -40.40
N ASN B 444 -15.18 35.83 -41.12
CA ASN B 444 -15.50 35.81 -42.54
C ASN B 444 -14.49 36.67 -43.28
N SER B 445 -13.71 36.05 -44.16
CA SER B 445 -12.71 36.75 -44.96
C SER B 445 -12.80 36.26 -46.39
N HIS B 446 -12.68 37.20 -47.33
CA HIS B 446 -12.80 36.85 -48.75
C HIS B 446 -11.72 35.88 -49.19
N ARG B 447 -10.59 35.82 -48.49
CA ARG B 447 -9.52 34.89 -48.86
C ARG B 447 -9.92 33.44 -48.67
N CYS B 448 -10.98 33.18 -47.90
CA CYS B 448 -11.50 31.82 -47.73
C CYS B 448 -12.42 31.45 -48.89
N ASN B 449 -11.85 31.48 -50.10
CA ASN B 449 -12.55 31.13 -51.32
C ASN B 449 -13.83 31.97 -51.47
N ASN B 450 -13.63 33.28 -51.58
CA ASN B 450 -14.72 34.23 -51.76
C ASN B 450 -15.63 34.28 -50.52
N GLY B 451 -15.02 34.26 -49.34
CA GLY B 451 -15.76 34.46 -48.10
C GLY B 451 -16.78 33.38 -47.80
N ASN B 452 -16.41 32.12 -47.95
CA ASN B 452 -17.26 31.00 -47.58
C ASN B 452 -16.55 30.09 -46.58
N GLY B 453 -15.93 30.69 -45.58
CA GLY B 453 -15.20 29.93 -44.59
C GLY B 453 -14.65 30.83 -43.50
N THR B 454 -13.86 30.24 -42.62
CA THR B 454 -13.24 30.95 -41.51
C THR B 454 -11.74 31.01 -41.71
N PHE B 455 -11.14 32.14 -41.32
CA PHE B 455 -9.71 32.36 -41.48
C PHE B 455 -9.06 32.47 -40.11
N GLU B 456 -7.83 31.96 -40.00
CA GLU B 456 -7.12 31.96 -38.72
C GLU B 456 -5.62 31.91 -39.00
N CYS B 457 -4.94 33.02 -38.78
CA CYS B 457 -3.48 33.11 -38.83
C CYS B 457 -2.91 32.35 -40.03
N GLY B 458 -3.39 32.73 -41.21
CA GLY B 458 -2.86 32.21 -42.46
C GLY B 458 -3.41 30.87 -42.90
N VAL B 459 -4.41 30.32 -42.20
CA VAL B 459 -5.00 29.04 -42.55
C VAL B 459 -6.51 29.21 -42.63
N CYS B 460 -7.11 28.73 -43.72
CA CYS B 460 -8.55 28.80 -43.90
C CYS B 460 -9.16 27.45 -43.49
N ARG B 461 -9.90 27.46 -42.39
CA ARG B 461 -10.72 26.32 -41.99
C ARG B 461 -12.17 26.64 -42.35
N CYS B 462 -12.78 25.75 -43.13
CA CYS B 462 -14.06 26.04 -43.75
C CYS B 462 -15.00 24.86 -43.63
N GLY B 463 -16.27 25.14 -43.39
CA GLY B 463 -17.32 24.17 -43.49
C GLY B 463 -17.08 22.91 -42.67
N PRO B 464 -17.98 21.93 -42.80
CA PRO B 464 -17.78 20.63 -42.15
C PRO B 464 -17.06 19.63 -43.05
N GLY B 465 -15.83 19.98 -43.43
CA GLY B 465 -15.04 19.11 -44.27
C GLY B 465 -14.15 19.82 -45.27
N TRP B 466 -14.45 21.08 -45.57
CA TRP B 466 -13.61 21.87 -46.47
C TRP B 466 -12.26 22.09 -45.80
N LEU B 467 -11.23 21.40 -46.29
CA LEU B 467 -9.90 21.42 -45.68
C LEU B 467 -8.81 21.97 -46.58
N GLY B 468 -9.07 22.17 -47.86
CA GLY B 468 -8.07 22.66 -48.78
C GLY B 468 -7.38 23.92 -48.32
N SER B 469 -6.18 24.17 -48.80
CA SER B 469 -5.45 25.38 -48.42
C SER B 469 -6.21 26.63 -48.83
N GLN B 470 -6.80 26.62 -50.02
CA GLN B 470 -7.59 27.73 -50.51
C GLN B 470 -9.07 27.62 -50.13
N CYS B 471 -9.43 26.62 -49.34
CA CYS B 471 -10.83 26.40 -48.94
C CYS B 471 -11.71 26.16 -50.17
N GLU B 472 -11.29 25.22 -51.01
CA GLU B 472 -12.03 24.87 -52.22
C GLU B 472 -12.19 23.37 -52.44
N CYS B 473 -11.39 22.51 -51.79
CA CYS B 473 -11.48 21.08 -52.04
C CYS B 473 -12.84 20.52 -51.64
N SER B 474 -13.47 21.11 -50.62
CA SER B 474 -14.79 20.67 -50.17
C SER B 474 -14.75 19.23 -49.67
N GLU B 475 -15.91 18.69 -49.30
CA GLU B 475 -16.02 17.32 -48.83
C GLU B 475 -16.63 16.37 -49.84
N GLU B 476 -17.56 16.86 -50.67
CA GLU B 476 -18.14 16.05 -51.73
C GLU B 476 -17.42 16.25 -53.07
N ASP B 477 -16.69 17.34 -53.22
CA ASP B 477 -15.91 17.59 -54.43
C ASP B 477 -14.61 16.79 -54.36
N TYR B 478 -13.67 17.09 -55.27
CA TYR B 478 -12.40 16.37 -55.32
C TYR B 478 -12.60 14.90 -55.69
N ARG B 479 -13.59 14.64 -56.54
CA ARG B 479 -13.84 13.27 -56.98
C ARG B 479 -12.62 12.63 -57.61
N PRO B 480 -11.93 13.26 -58.56
CA PRO B 480 -10.70 12.65 -59.09
C PRO B 480 -9.66 12.49 -57.99
N SER B 481 -8.89 11.42 -58.08
CA SER B 481 -7.88 11.07 -57.07
C SER B 481 -6.49 11.20 -57.68
N GLN B 482 -5.59 11.82 -56.94
CA GLN B 482 -4.20 11.99 -57.36
C GLN B 482 -3.35 10.89 -56.74
N GLN B 483 -2.03 10.99 -56.93
CA GLN B 483 -1.08 10.01 -56.42
C GLN B 483 0.09 10.73 -55.77
N ASP B 484 0.76 10.02 -54.86
CA ASP B 484 1.92 10.54 -54.14
C ASP B 484 1.57 11.79 -53.34
N GLU B 485 0.34 11.85 -52.82
CA GLU B 485 -0.09 12.98 -52.02
C GLU B 485 -0.91 12.58 -50.80
N CYS B 486 -1.03 11.28 -50.51
CA CYS B 486 -1.85 10.83 -49.38
C CYS B 486 -1.09 9.87 -48.49
N SER B 487 -0.12 9.15 -49.04
CA SER B 487 0.66 8.18 -48.29
C SER B 487 2.13 8.31 -48.65
N PRO B 488 3.04 8.00 -47.71
CA PRO B 488 4.47 8.01 -48.03
C PRO B 488 4.98 6.65 -48.45
N ARG B 489 6.05 6.67 -49.24
CA ARG B 489 6.71 5.45 -49.72
C ARG B 489 5.69 4.55 -50.43
N GLU B 490 5.20 5.06 -51.56
CA GLU B 490 4.18 4.36 -52.35
C GLU B 490 4.46 2.88 -52.43
N GLY B 491 3.42 2.08 -52.22
CA GLY B 491 3.54 0.63 -52.15
C GLY B 491 2.84 0.05 -50.95
N GLN B 492 2.16 0.89 -50.19
CA GLN B 492 1.43 0.52 -49.00
C GLN B 492 0.01 1.08 -49.08
N PRO B 493 -0.94 0.48 -48.37
CA PRO B 493 -2.32 0.97 -48.43
C PRO B 493 -2.41 2.43 -48.00
N VAL B 494 -3.30 3.17 -48.65
CA VAL B 494 -3.44 4.60 -48.37
C VAL B 494 -3.94 4.81 -46.95
N CYS B 495 -3.32 5.76 -46.26
CA CYS B 495 -3.70 6.14 -44.90
C CYS B 495 -3.67 4.97 -43.93
N SER B 496 -2.89 3.93 -44.24
CA SER B 496 -2.83 2.73 -43.42
C SER B 496 -4.21 2.09 -43.25
N GLN B 497 -5.07 2.25 -44.25
CA GLN B 497 -6.43 1.72 -44.23
C GLN B 497 -7.26 2.26 -43.06
N ARG B 498 -6.87 3.40 -42.52
CA ARG B 498 -7.59 4.06 -41.42
C ARG B 498 -7.71 5.54 -41.79
N GLY B 499 -8.78 5.86 -42.51
CA GLY B 499 -9.04 7.20 -42.99
C GLY B 499 -9.41 7.18 -44.45
N GLU B 500 -9.67 8.38 -44.98
CA GLU B 500 -10.02 8.56 -46.39
C GLU B 500 -9.08 9.57 -47.02
N CYS B 501 -8.63 9.26 -48.23
CA CYS B 501 -7.73 10.15 -48.99
C CYS B 501 -8.58 11.17 -49.72
N LEU B 502 -8.88 12.28 -49.04
CA LEU B 502 -9.72 13.33 -49.59
C LEU B 502 -9.05 14.68 -49.35
N CYS B 503 -9.37 15.64 -50.22
CA CYS B 503 -8.80 16.98 -50.18
C CYS B 503 -7.29 16.99 -50.34
N GLY B 504 -6.72 15.87 -50.78
CA GLY B 504 -5.28 15.73 -50.86
C GLY B 504 -4.60 15.27 -49.59
N GLN B 505 -5.36 14.91 -48.57
CA GLN B 505 -4.80 14.45 -47.30
C GLN B 505 -5.64 13.32 -46.76
N CYS B 506 -5.07 12.60 -45.77
CA CYS B 506 -5.76 11.51 -45.09
C CYS B 506 -6.59 12.10 -43.95
N VAL B 507 -7.90 12.01 -44.07
CA VAL B 507 -8.82 12.44 -43.01
C VAL B 507 -9.18 11.22 -42.19
N CYS B 508 -8.93 11.29 -40.89
CA CYS B 508 -9.23 10.17 -40.00
C CYS B 508 -10.71 10.12 -39.69
N HIS B 509 -11.20 8.91 -39.40
CA HIS B 509 -12.61 8.68 -39.12
C HIS B 509 -12.71 7.74 -37.93
N SER B 510 -13.93 7.27 -37.64
CA SER B 510 -14.20 6.38 -36.53
C SER B 510 -13.74 6.99 -35.21
N SER B 511 -14.34 8.13 -34.87
CA SER B 511 -14.02 8.86 -33.65
C SER B 511 -14.71 8.18 -32.47
N ASP B 512 -14.21 6.99 -32.14
CA ASP B 512 -14.74 6.19 -31.04
C ASP B 512 -13.61 5.85 -30.08
N PHE B 513 -13.94 5.85 -28.78
CA PHE B 513 -13.00 5.54 -27.71
C PHE B 513 -11.89 6.57 -27.57
N GLY B 514 -12.02 7.73 -28.21
CA GLY B 514 -11.00 8.76 -28.14
C GLY B 514 -11.02 9.59 -29.40
N LYS B 515 -9.86 10.17 -29.71
CA LYS B 515 -9.69 11.01 -30.87
C LYS B 515 -8.50 10.52 -31.70
N ILE B 516 -8.60 10.69 -33.01
CA ILE B 516 -7.57 10.26 -33.95
C ILE B 516 -7.09 11.48 -34.73
N THR B 517 -5.77 11.66 -34.79
CA THR B 517 -5.16 12.78 -35.49
C THR B 517 -3.97 12.25 -36.28
N GLY B 518 -3.17 13.17 -36.80
CA GLY B 518 -2.00 12.82 -37.57
C GLY B 518 -2.19 13.06 -39.05
N LYS B 519 -1.07 13.31 -39.75
CA LYS B 519 -1.13 13.56 -41.18
C LYS B 519 -1.68 12.34 -41.92
N TYR B 520 -1.19 11.16 -41.57
CA TYR B 520 -1.63 9.90 -42.19
C TYR B 520 -2.51 9.08 -41.27
N CYS B 521 -2.95 9.64 -40.15
CA CYS B 521 -3.78 8.93 -39.17
C CYS B 521 -3.04 7.68 -38.66
N GLU B 522 -1.85 7.93 -38.10
CA GLU B 522 -1.03 6.88 -37.53
C GLU B 522 -1.02 6.88 -36.01
N CYS B 523 -1.23 8.04 -35.39
CA CYS B 523 -1.31 8.15 -33.94
C CYS B 523 -2.77 8.14 -33.52
N ASP B 524 -3.09 7.31 -32.53
CA ASP B 524 -4.46 7.18 -32.07
C ASP B 524 -4.47 6.90 -30.57
N ASP B 525 -5.60 7.18 -29.95
CA ASP B 525 -5.80 6.96 -28.52
C ASP B 525 -6.30 5.54 -28.29
N PHE B 526 -6.78 5.26 -27.07
CA PHE B 526 -7.30 3.95 -26.68
C PHE B 526 -6.41 2.82 -27.18
N SER B 527 -5.10 3.05 -27.19
CA SER B 527 -4.12 2.04 -27.57
C SER B 527 -2.95 2.07 -26.61
N CYS B 528 -3.22 2.28 -25.33
CA CYS B 528 -2.20 2.40 -24.30
C CYS B 528 -2.07 1.11 -23.50
N VAL B 529 -1.02 1.05 -22.69
CA VAL B 529 -0.77 -0.15 -21.89
C VAL B 529 -1.92 -0.35 -20.91
N ARG B 530 -2.41 -1.59 -20.85
CA ARG B 530 -3.52 -1.95 -19.97
C ARG B 530 -3.19 -3.23 -19.24
N TYR B 531 -3.61 -3.31 -17.97
CA TYR B 531 -3.43 -4.50 -17.16
C TYR B 531 -4.77 -5.17 -16.86
N LYS B 532 -5.72 -4.44 -16.28
CA LYS B 532 -7.05 -4.97 -16.01
C LYS B 532 -8.15 -3.98 -16.33
N GLY B 533 -7.83 -2.89 -17.03
CA GLY B 533 -8.83 -1.87 -17.35
C GLY B 533 -8.26 -0.47 -17.27
N GLU B 534 -7.04 -0.34 -16.76
CA GLU B 534 -6.41 0.97 -16.64
C GLU B 534 -5.88 1.44 -18.00
N MET B 535 -5.62 2.73 -18.09
CA MET B 535 -5.11 3.36 -19.30
C MET B 535 -3.84 4.12 -18.96
N CYS B 536 -2.75 3.79 -19.66
CA CYS B 536 -1.46 4.45 -19.46
C CYS B 536 -0.98 4.28 -18.02
N SER B 537 -1.37 3.19 -17.37
CA SER B 537 -1.07 2.85 -15.99
C SER B 537 -1.75 3.79 -15.00
N GLY B 538 -2.58 4.73 -15.46
CA GLY B 538 -3.30 5.61 -14.58
C GLY B 538 -2.49 6.76 -14.02
N HIS B 539 -1.24 6.94 -14.45
CA HIS B 539 -0.39 8.01 -13.96
C HIS B 539 -0.06 9.03 -15.05
N GLY B 540 0.49 8.58 -16.18
CA GLY B 540 0.85 9.44 -17.27
C GLY B 540 -0.22 9.50 -18.34
N GLN B 541 0.18 9.97 -19.52
CA GLN B 541 -0.71 10.07 -20.67
C GLN B 541 -0.04 9.47 -21.89
N CYS B 542 -0.82 8.88 -22.78
CA CYS B 542 -0.29 8.20 -23.94
C CYS B 542 -0.43 9.10 -25.17
N SER B 543 0.70 9.33 -25.84
CA SER B 543 0.74 10.04 -27.11
C SER B 543 1.24 9.07 -28.17
N CYS B 544 0.46 8.92 -29.24
CA CYS B 544 0.83 8.05 -30.36
C CYS B 544 1.16 6.64 -29.87
N GLY B 545 0.43 6.18 -28.85
CA GLY B 545 0.60 4.84 -28.33
C GLY B 545 1.74 4.68 -27.34
N ASP B 546 2.46 5.75 -27.01
CA ASP B 546 3.54 5.70 -26.04
C ASP B 546 3.08 6.38 -24.76
N CYS B 547 3.08 5.64 -23.65
CA CYS B 547 2.57 6.12 -22.37
C CYS B 547 3.66 6.90 -21.67
N LEU B 548 3.74 8.20 -21.97
CA LEU B 548 4.71 9.06 -21.32
C LEU B 548 4.27 9.35 -19.89
N CYS B 549 5.24 9.38 -18.98
CA CYS B 549 4.97 9.63 -17.58
C CYS B 549 4.68 11.10 -17.32
N ASP B 550 4.05 11.36 -16.18
CA ASP B 550 3.99 12.69 -15.60
C ASP B 550 5.16 12.84 -14.63
N SER B 551 5.15 13.90 -13.83
CA SER B 551 6.21 14.08 -12.84
C SER B 551 6.13 13.00 -11.78
N ASP B 552 7.30 12.64 -11.24
CA ASP B 552 7.49 11.64 -10.18
C ASP B 552 7.41 10.22 -10.71
N TRP B 553 7.41 10.01 -12.03
CA TRP B 553 7.33 8.67 -12.60
C TRP B 553 8.20 8.60 -13.84
N THR B 554 8.62 7.37 -14.17
CA THR B 554 9.44 7.13 -15.35
C THR B 554 9.26 5.67 -15.76
N GLY B 555 9.47 5.41 -17.05
CA GLY B 555 9.37 4.06 -17.59
C GLY B 555 8.31 3.92 -18.64
N TYR B 556 8.43 2.88 -19.48
CA TYR B 556 7.45 2.65 -20.54
C TYR B 556 6.07 2.39 -19.95
N TYR B 557 6.00 1.52 -18.94
CA TYR B 557 4.76 1.25 -18.24
C TYR B 557 4.40 2.34 -17.23
N CYS B 558 5.34 3.23 -16.93
CA CYS B 558 5.12 4.32 -15.98
C CYS B 558 4.59 3.80 -14.65
N ASN B 559 5.19 2.71 -14.17
CA ASN B 559 4.88 2.18 -12.85
C ASN B 559 6.06 2.25 -11.89
N CYS B 560 7.26 2.57 -12.38
CA CYS B 560 8.43 2.69 -11.53
C CYS B 560 8.50 4.10 -10.96
N THR B 561 8.63 4.19 -9.63
CA THR B 561 8.66 5.49 -8.96
C THR B 561 10.06 6.08 -9.00
N THR B 562 10.10 7.42 -9.10
CA THR B 562 11.36 8.16 -9.12
C THR B 562 11.70 8.78 -7.77
N ARG B 563 10.70 9.31 -7.06
CA ARG B 563 10.96 9.90 -5.75
C ARG B 563 11.51 8.85 -4.80
N THR B 564 12.50 9.26 -3.99
CA THR B 564 13.17 8.36 -3.05
C THR B 564 12.76 8.63 -1.61
N ASP B 565 11.61 9.27 -1.39
CA ASP B 565 11.17 9.57 -0.03
C ASP B 565 10.92 8.28 0.75
N THR B 566 10.27 7.31 0.12
CA THR B 566 9.96 6.06 0.82
C THR B 566 11.23 5.30 1.19
N CYS B 567 12.22 5.28 0.29
CA CYS B 567 13.45 4.54 0.49
C CYS B 567 14.53 5.38 1.17
N MET B 568 14.15 6.40 1.93
CA MET B 568 15.10 7.24 2.64
C MET B 568 15.23 6.75 4.08
N SER B 569 16.46 6.55 4.52
CA SER B 569 16.74 6.05 5.87
C SER B 569 16.89 7.22 6.84
N SER B 570 16.98 6.88 8.13
CA SER B 570 17.11 7.87 9.19
C SER B 570 18.56 8.31 9.43
N ASN B 571 19.53 7.66 8.78
CA ASN B 571 20.93 8.00 8.97
C ASN B 571 21.44 9.00 7.93
N GLY B 572 20.57 9.51 7.06
CA GLY B 572 20.96 10.45 6.04
C GLY B 572 21.53 9.82 4.79
N LEU B 573 21.54 8.50 4.68
CA LEU B 573 22.06 7.79 3.52
C LEU B 573 20.92 7.02 2.87
N LEU B 574 20.82 7.13 1.54
CA LEU B 574 19.78 6.43 0.80
C LEU B 574 19.88 4.94 1.04
N CYS B 575 18.79 4.33 1.52
CA CYS B 575 18.76 2.92 1.88
C CYS B 575 19.89 2.59 2.84
N SER B 576 20.12 3.49 3.80
CA SER B 576 21.15 3.36 4.83
C SER B 576 22.56 3.32 4.26
N GLY B 577 22.73 3.62 2.97
CA GLY B 577 24.03 3.62 2.34
C GLY B 577 24.56 2.26 1.96
N ARG B 578 23.80 1.19 2.21
CA ARG B 578 24.22 -0.17 1.91
C ARG B 578 23.59 -0.69 0.62
N GLY B 579 22.88 0.15 -0.12
CA GLY B 579 22.24 -0.29 -1.35
C GLY B 579 21.63 0.88 -2.08
N LYS B 580 21.10 0.58 -3.26
CA LYS B 580 20.48 1.59 -4.12
C LYS B 580 18.97 1.54 -3.96
N CYS B 581 18.30 2.53 -4.54
CA CYS B 581 16.84 2.63 -4.52
C CYS B 581 16.33 2.67 -5.95
N GLU B 582 15.46 1.71 -6.30
CA GLU B 582 14.85 1.65 -7.62
C GLU B 582 13.36 1.46 -7.46
N CYS B 583 12.58 2.33 -8.11
CA CYS B 583 11.11 2.25 -8.09
C CYS B 583 10.58 2.22 -6.66
N GLY B 584 11.24 2.96 -5.77
CA GLY B 584 10.82 3.04 -4.39
C GLY B 584 11.19 1.86 -3.52
N SER B 585 11.99 0.93 -4.03
CA SER B 585 12.40 -0.25 -3.29
C SER B 585 13.91 -0.27 -3.14
N CYS B 586 14.39 -0.63 -1.95
CA CYS B 586 15.82 -0.70 -1.67
C CYS B 586 16.37 -2.05 -2.10
N VAL B 587 17.41 -2.03 -2.92
CA VAL B 587 18.16 -3.22 -3.30
C VAL B 587 19.52 -3.15 -2.62
N CYS B 588 19.85 -4.18 -1.84
CA CYS B 588 21.07 -4.19 -1.04
C CYS B 588 22.18 -4.84 -1.86
N ILE B 589 23.05 -4.00 -2.43
CA ILE B 589 24.17 -4.53 -3.22
C ILE B 589 25.12 -5.31 -2.32
N GLN B 590 25.33 -4.84 -1.11
CA GLN B 590 26.22 -5.53 -0.18
C GLN B 590 25.57 -6.83 0.28
N PRO B 591 26.23 -7.98 0.13
CA PRO B 591 25.61 -9.24 0.56
C PRO B 591 25.45 -9.30 2.07
N GLY B 592 24.43 -10.04 2.51
CA GLY B 592 24.17 -10.21 3.93
C GLY B 592 23.39 -9.10 4.58
N SER B 593 22.90 -8.13 3.81
CA SER B 593 22.12 -7.02 4.33
C SER B 593 20.72 -7.07 3.75
N TYR B 594 19.71 -6.94 4.62
CA TYR B 594 18.32 -7.00 4.20
C TYR B 594 17.51 -6.01 5.03
N GLY B 595 16.24 -5.86 4.66
CA GLY B 595 15.32 -4.98 5.35
C GLY B 595 14.77 -3.92 4.42
N ASP B 596 13.99 -3.02 5.01
CA ASP B 596 13.40 -1.92 4.24
C ASP B 596 14.49 -1.03 3.65
N THR B 597 15.53 -0.73 4.44
CA THR B 597 16.64 0.10 3.99
C THR B 597 17.98 -0.61 4.13
N CYS B 598 17.97 -1.95 4.18
CA CYS B 598 19.17 -2.76 4.31
C CYS B 598 19.90 -2.53 5.63
N GLU B 599 19.28 -1.85 6.59
CA GLU B 599 19.95 -1.56 7.85
C GLU B 599 20.00 -2.78 8.76
N LYS B 600 19.01 -3.66 8.69
CA LYS B 600 18.92 -4.81 9.59
C LYS B 600 19.84 -5.90 9.06
N CYS B 601 21.08 -5.90 9.54
CA CYS B 601 22.05 -6.94 9.22
C CYS B 601 22.72 -7.42 10.50
N PRO B 602 22.79 -8.74 10.74
CA PRO B 602 23.50 -9.24 11.93
C PRO B 602 25.01 -9.34 11.75
N THR B 603 25.47 -9.69 10.55
CA THR B 603 26.85 -10.09 10.33
C THR B 603 27.71 -8.99 9.70
N CYS B 604 27.23 -7.75 9.68
CA CYS B 604 28.02 -6.66 9.12
C CYS B 604 29.25 -6.38 9.98
N PRO B 605 30.32 -5.86 9.38
CA PRO B 605 31.52 -5.57 10.16
C PRO B 605 31.26 -4.49 11.19
N ASP B 606 32.02 -4.55 12.29
CA ASP B 606 31.87 -3.56 13.35
C ASP B 606 32.15 -2.16 12.83
N ALA B 607 31.53 -1.17 13.47
CA ALA B 607 31.64 0.20 12.99
C ALA B 607 33.08 0.70 13.04
N CYS B 608 33.82 0.34 14.09
CA CYS B 608 35.15 0.89 14.29
C CYS B 608 36.07 0.61 13.11
N THR B 609 35.74 -0.37 12.27
CA THR B 609 36.56 -0.64 11.10
C THR B 609 36.62 0.58 10.17
N PHE B 610 35.49 1.24 9.95
CA PHE B 610 35.44 2.41 9.08
C PHE B 610 35.31 3.73 9.84
N LYS B 611 35.51 3.70 11.15
CA LYS B 611 35.53 4.93 11.95
C LYS B 611 36.96 5.38 12.27
N LYS B 612 37.96 4.75 11.68
CA LYS B 612 39.34 5.08 12.01
C LYS B 612 39.68 6.52 11.64
N GLU B 613 39.23 6.98 10.46
CA GLU B 613 39.56 8.32 10.02
C GLU B 613 38.98 9.37 10.96
N CYS B 614 37.75 9.16 11.42
CA CYS B 614 37.10 10.14 12.29
C CYS B 614 37.88 10.30 13.60
N VAL B 615 38.21 9.19 14.25
CA VAL B 615 38.94 9.25 15.50
C VAL B 615 40.36 9.79 15.27
N GLU B 616 40.97 9.44 14.14
CA GLU B 616 42.30 9.95 13.83
C GLU B 616 42.27 11.48 13.74
N CYS B 617 41.29 12.02 13.02
CA CYS B 617 41.19 13.47 12.91
C CYS B 617 40.89 14.11 14.26
N LYS B 618 40.00 13.49 15.04
CA LYS B 618 39.63 14.07 16.33
C LYS B 618 40.83 14.13 17.28
N LYS B 619 41.65 13.07 17.29
CA LYS B 619 42.74 12.98 18.26
C LYS B 619 44.03 13.62 17.78
N PHE B 620 44.23 13.74 16.46
CA PHE B 620 45.47 14.29 15.92
C PHE B 620 45.25 15.32 14.82
N ASP B 621 44.04 15.47 14.28
CA ASP B 621 43.77 16.40 13.19
C ASP B 621 44.65 16.09 11.99
N ARG B 622 44.83 14.80 11.70
CA ARG B 622 45.64 14.34 10.58
C ARG B 622 45.24 12.91 10.25
N GLY B 623 45.90 12.35 9.23
CA GLY B 623 45.66 11.00 8.79
C GLY B 623 45.54 10.92 7.29
N ALA B 624 45.38 9.69 6.81
CA ALA B 624 45.25 9.45 5.39
C ALA B 624 43.87 9.90 4.89
N LEU B 625 43.77 10.12 3.58
CA LEU B 625 42.53 10.54 2.94
C LEU B 625 42.04 11.88 3.50
N HIS B 626 42.98 12.72 3.94
CA HIS B 626 42.60 14.02 4.47
C HIS B 626 42.19 14.99 3.36
N ASP B 627 42.70 14.80 2.15
CA ASP B 627 42.35 15.69 1.04
C ASP B 627 40.86 15.60 0.73
N GLU B 628 40.30 14.39 0.76
CA GLU B 628 38.87 14.20 0.48
C GLU B 628 37.98 14.85 1.54
N ASN B 629 38.54 15.23 2.69
CA ASN B 629 37.78 15.85 3.77
C ASN B 629 36.76 14.87 4.35
N THR B 630 37.23 13.65 4.61
CA THR B 630 36.40 12.60 5.19
C THR B 630 36.42 12.60 6.71
N CYS B 631 37.11 13.54 7.34
CA CYS B 631 37.15 13.59 8.80
C CYS B 631 35.75 13.67 9.38
N ASN B 632 34.95 14.64 8.91
CA ASN B 632 33.54 14.77 9.32
C ASN B 632 32.71 14.92 8.05
N ARG B 633 32.35 13.78 7.46
CA ARG B 633 31.46 13.75 6.31
C ARG B 633 30.41 12.64 6.38
N TYR B 634 30.67 11.56 7.09
CA TYR B 634 29.72 10.46 7.26
C TYR B 634 29.51 10.10 8.72
N CYS B 635 30.54 10.22 9.55
CA CYS B 635 30.45 9.87 10.97
C CYS B 635 29.92 11.07 11.74
N ARG B 636 28.64 11.02 12.11
CA ARG B 636 28.02 12.06 12.90
C ARG B 636 28.12 11.82 14.39
N ASP B 637 28.77 10.73 14.81
CA ASP B 637 28.89 10.42 16.22
C ASP B 637 29.76 11.47 16.92
N GLU B 638 29.50 11.67 18.21
CA GLU B 638 30.24 12.63 19.01
C GLU B 638 31.39 11.93 19.73
N ILE B 639 32.60 12.46 19.57
CA ILE B 639 33.80 11.88 20.15
C ILE B 639 34.13 12.62 21.43
N GLU B 640 34.37 11.88 22.51
CA GLU B 640 34.71 12.45 23.80
C GLU B 640 35.89 11.70 24.40
N SER B 641 36.82 12.44 25.00
CA SER B 641 38.00 11.86 25.64
C SER B 641 37.69 11.68 27.12
N VAL B 642 37.26 10.48 27.49
CA VAL B 642 36.91 10.16 28.88
C VAL B 642 37.69 8.91 29.28
N LYS B 643 38.31 8.97 30.47
CA LYS B 643 39.10 7.87 30.99
C LYS B 643 38.32 7.01 31.97
N GLU B 644 37.01 6.88 31.77
CA GLU B 644 36.19 6.08 32.68
C GLU B 644 36.45 4.59 32.47
N LEU B 645 36.19 4.10 31.25
CA LEU B 645 36.40 2.69 30.90
C LEU B 645 35.57 1.76 31.77
N LYS B 646 34.49 2.27 32.39
CA LYS B 646 33.64 1.44 33.24
C LYS B 646 32.16 1.74 33.04
N ASP B 647 31.80 2.39 31.93
CA ASP B 647 30.39 2.71 31.68
C ASP B 647 29.59 1.42 31.46
N THR B 648 28.42 1.37 32.08
CA THR B 648 27.53 0.21 31.97
C THR B 648 26.51 0.42 30.84
N GLY B 649 27.04 0.64 29.64
CA GLY B 649 26.21 0.84 28.47
C GLY B 649 25.73 -0.47 27.87
N LYS B 650 24.42 -0.67 27.84
CA LYS B 650 23.87 -1.90 27.27
C LYS B 650 24.24 -2.04 25.80
N ASP B 651 23.96 -1.01 25.00
CA ASP B 651 24.31 -0.99 23.58
C ASP B 651 25.67 -0.34 23.35
N ALA B 652 26.68 -0.81 24.07
CA ALA B 652 28.03 -0.29 23.98
C ALA B 652 29.01 -1.43 23.77
N VAL B 653 30.00 -1.20 22.91
CA VAL B 653 30.97 -2.24 22.55
C VAL B 653 32.36 -1.61 22.51
N ASN B 654 33.34 -2.34 23.06
CA ASN B 654 34.73 -1.93 22.97
C ASN B 654 35.29 -2.29 21.59
N CYS B 655 36.34 -1.59 21.19
CA CYS B 655 37.05 -1.92 19.96
C CYS B 655 38.43 -1.27 20.02
N THR B 656 39.26 -1.61 19.04
CA THR B 656 40.65 -1.19 19.02
C THR B 656 41.01 -0.63 17.65
N TYR B 657 41.96 0.30 17.65
CA TYR B 657 42.47 0.94 16.45
C TYR B 657 43.99 0.90 16.45
N LYS B 658 44.57 0.76 15.26
CA LYS B 658 46.01 0.66 15.09
C LYS B 658 46.54 1.94 14.45
N ASN B 659 47.58 2.50 15.05
CA ASN B 659 48.20 3.73 14.56
C ASN B 659 49.61 3.43 14.05
N GLU B 660 50.15 4.39 13.30
CA GLU B 660 51.50 4.25 12.78
C GLU B 660 52.54 4.17 13.89
N ASP B 661 52.22 4.69 15.08
CA ASP B 661 53.14 4.62 16.21
C ASP B 661 53.27 3.22 16.78
N ASP B 662 52.44 2.27 16.33
CA ASP B 662 52.46 0.89 16.78
C ASP B 662 51.88 0.72 18.18
N CYS B 663 51.05 1.67 18.63
CA CYS B 663 50.36 1.59 19.91
C CYS B 663 48.87 1.41 19.63
N VAL B 664 48.30 0.34 20.15
CA VAL B 664 46.88 0.05 19.94
C VAL B 664 46.06 0.90 20.88
N VAL B 665 45.07 1.61 20.33
CA VAL B 665 44.22 2.50 21.10
C VAL B 665 42.85 1.85 21.23
N ARG B 666 42.42 1.61 22.48
CA ARG B 666 41.13 0.99 22.76
C ARG B 666 40.11 2.05 23.09
N PHE B 667 38.96 1.99 22.41
CA PHE B 667 37.90 2.97 22.61
C PHE B 667 36.53 2.29 22.53
N GLN B 668 35.55 2.92 23.16
CA GLN B 668 34.20 2.38 23.25
C GLN B 668 33.27 3.10 22.28
N TYR B 669 32.32 2.37 21.71
CA TYR B 669 31.29 2.91 20.84
C TYR B 669 29.94 2.57 21.45
N TYR B 670 29.14 3.60 21.74
CA TYR B 670 27.82 3.45 22.33
C TYR B 670 26.80 4.04 21.37
N GLU B 671 25.91 3.19 20.87
CA GLU B 671 24.83 3.60 19.96
C GLU B 671 23.53 3.60 20.77
N ASP B 672 23.21 4.75 21.35
CA ASP B 672 22.00 4.88 22.16
C ASP B 672 20.76 4.68 21.29
N SER B 673 19.69 4.19 21.93
CA SER B 673 18.44 3.97 21.21
C SER B 673 17.92 5.26 20.60
N SER B 674 18.24 6.41 21.20
CA SER B 674 17.83 7.69 20.65
C SER B 674 18.60 8.05 19.37
N GLY B 675 19.64 7.30 19.03
CA GLY B 675 20.43 7.58 17.85
C GLY B 675 21.64 8.45 18.07
N LYS B 676 22.01 8.73 19.32
CA LYS B 676 23.15 9.58 19.63
C LYS B 676 24.38 8.69 19.75
N SER B 677 24.98 8.37 18.60
CA SER B 677 26.20 7.58 18.57
C SER B 677 27.34 8.38 19.21
N ILE B 678 27.97 7.79 20.23
CA ILE B 678 29.01 8.47 20.99
C ILE B 678 30.21 7.54 21.13
N LEU B 679 31.39 8.09 20.88
CA LEU B 679 32.66 7.38 21.02
C LEU B 679 33.38 7.90 22.25
N TYR B 680 33.86 6.98 23.09
CA TYR B 680 34.68 7.30 24.25
C TYR B 680 36.11 6.85 23.97
N VAL B 681 37.04 7.79 24.05
CA VAL B 681 38.44 7.53 23.72
C VAL B 681 39.31 7.98 24.88
N VAL B 682 40.52 7.44 24.93
CA VAL B 682 41.51 7.78 25.95
C VAL B 682 42.58 8.65 25.30
N GLU B 683 42.72 9.87 25.80
CA GLU B 683 43.70 10.80 25.25
C GLU B 683 45.11 10.34 25.60
N GLU B 684 46.05 10.61 24.68
CA GLU B 684 47.44 10.25 24.87
C GLU B 684 47.57 8.77 25.22
N PRO B 685 47.34 7.87 24.25
CA PRO B 685 47.44 6.44 24.56
C PRO B 685 48.81 6.08 25.08
N GLU B 686 48.84 5.15 26.04
CA GLU B 686 50.08 4.77 26.72
C GLU B 686 50.85 3.81 25.83
N CYS B 687 51.84 4.33 25.12
CA CYS B 687 52.75 3.49 24.35
C CYS B 687 53.78 2.89 25.29
N PRO B 688 53.92 1.56 25.34
CA PRO B 688 54.94 0.97 26.22
C PRO B 688 56.33 1.49 25.89
N LYS B 689 57.13 1.73 26.92
CA LYS B 689 58.46 2.30 26.75
C LYS B 689 59.38 1.24 26.15
N GLY B 690 59.77 1.45 24.90
CA GLY B 690 60.62 0.51 24.20
C GLY B 690 62.09 0.87 24.24
N PRO B 691 62.43 2.13 23.91
CA PRO B 691 63.85 2.52 23.81
C PRO B 691 64.66 2.20 25.06
N ASP B 692 65.54 1.20 24.94
CA ASP B 692 66.51 0.90 26.00
C ASP B 692 67.88 0.55 25.41
N ILE B 693 68.15 0.94 24.18
CA ILE B 693 69.35 0.54 23.46
C ILE B 693 70.28 1.73 23.20
N LEU B 694 69.72 2.92 22.96
CA LEU B 694 70.57 4.06 22.62
C LEU B 694 71.55 4.37 23.74
N VAL B 695 71.10 4.37 24.99
CA VAL B 695 71.99 4.66 26.11
C VAL B 695 73.07 3.59 26.23
N VAL B 696 72.68 2.32 26.03
CA VAL B 696 73.64 1.22 26.16
C VAL B 696 74.74 1.36 25.12
N LEU B 697 74.36 1.59 23.85
CA LEU B 697 75.36 1.71 22.81
C LEU B 697 76.19 2.98 22.98
N LEU B 698 75.59 4.06 23.49
CA LEU B 698 76.37 5.26 23.78
C LEU B 698 77.43 4.98 24.84
N SER B 699 77.06 4.26 25.89
CA SER B 699 78.04 3.91 26.92
C SER B 699 79.12 3.00 26.35
N VAL B 700 78.73 2.04 25.52
CA VAL B 700 79.71 1.11 24.95
C VAL B 700 80.72 1.87 24.08
N MET B 701 80.23 2.77 23.23
CA MET B 701 81.13 3.52 22.37
C MET B 701 81.98 4.49 23.19
N GLY B 702 81.44 5.05 24.27
CA GLY B 702 82.25 5.87 25.15
C GLY B 702 83.38 5.09 25.78
N ALA B 703 83.09 3.87 26.23
CA ALA B 703 84.14 3.01 26.78
C ALA B 703 85.18 2.67 25.71
N ILE B 704 84.73 2.39 24.49
CA ILE B 704 85.67 2.10 23.41
C ILE B 704 86.56 3.30 23.13
N LEU B 705 85.98 4.50 23.12
CA LEU B 705 86.77 5.71 22.90
C LEU B 705 87.76 5.93 24.03
N LEU B 706 87.35 5.65 25.28
CA LEU B 706 88.28 5.77 26.40
C LEU B 706 89.43 4.79 26.25
N ILE B 707 89.15 3.56 25.83
CA ILE B 707 90.22 2.58 25.62
C ILE B 707 91.15 3.06 24.52
N GLY B 708 90.59 3.60 23.43
CA GLY B 708 91.42 4.12 22.36
C GLY B 708 92.30 5.27 22.81
N LEU B 709 91.75 6.16 23.63
CA LEU B 709 92.55 7.26 24.17
C LEU B 709 93.66 6.75 25.08
N ALA B 710 93.36 5.73 25.88
CA ALA B 710 94.39 5.13 26.72
C ALA B 710 95.51 4.53 25.86
N ALA B 711 95.15 3.84 24.79
CA ALA B 711 96.16 3.29 23.88
C ALA B 711 96.98 4.41 23.24
N LEU B 712 96.30 5.50 22.83
CA LEU B 712 97.01 6.61 22.21
C LEU B 712 98.00 7.25 23.17
N LEU B 713 97.60 7.45 24.42
CA LEU B 713 98.51 8.07 25.38
C LEU B 713 99.63 7.12 25.77
N ILE B 714 99.36 5.81 25.79
CA ILE B 714 100.43 4.84 26.02
C ILE B 714 101.45 4.91 24.89
N TRP B 715 100.97 4.99 23.65
CA TRP B 715 101.88 5.15 22.51
C TRP B 715 102.68 6.45 22.62
N LYS B 716 102.02 7.53 23.02
CA LYS B 716 102.71 8.81 23.17
C LYS B 716 103.82 8.71 24.21
N LEU B 717 103.52 8.13 25.37
CA LEU B 717 104.55 7.94 26.39
C LEU B 717 105.63 6.98 25.91
N LEU B 718 105.24 5.91 25.23
CA LEU B 718 106.19 4.93 24.73
C LEU B 718 107.13 5.57 23.71
#